data_2VUN
#
_entry.id   2VUN
#
_cell.length_a   146.352
_cell.length_b   159.824
_cell.length_c   161.683
_cell.angle_alpha   90.00
_cell.angle_beta   90.00
_cell.angle_gamma   90.00
#
_symmetry.space_group_name_H-M   'C 2 2 21'
#
loop_
_entity.id
_entity.type
_entity.pdbx_description
1 polymer ENAMIDASE
2 non-polymer 'ZINC ION'
3 non-polymer 'FE (III) ION'
4 non-polymer 'CHLORIDE ION'
5 non-polymer GLYCEROL
6 water water
#
_entity_poly.entity_id   1
_entity_poly.type   'polypeptide(L)'
_entity_poly.pdbx_seq_one_letter_code
;MSKTIIKNIGKIVSGDIKSPVLQADTIVVEDGLIAAIGGEELMKDAGDATIIDAAGSTVTPGLLDTHVHVSGGDYAPRQK
TMDFISSALHGGVTTMISAGSPHFPGRPKDAAGTKALAITLSKSYYNARPAGVKVHGGAVILEKGLTEEDFIEMKKEGVW
IVGEVGLGTIKNPEDAAPMVEWAHKHGFKVQMHTGGTSIPGSSTVTADDVIKTKPDVVSHINGGPTAISVQEVDRIMDET
DFAMEIVQCGNPKIADYVARRAAEKGQLGRVIFGNDAPSGTGLIPLGILRNMCQIASMSDIDPEVAVCMATGNSTAVYGL
NTGVIAPGKEADLIIMDTPLGSVAEDAMGAIAAGDIPGISVVLIDGEAVVTKSRNTPPAKRAAKIL
;
_entity_poly.pdbx_strand_id   A,B,C,D
#
loop_
_chem_comp.id
_chem_comp.type
_chem_comp.name
_chem_comp.formula
CL non-polymer 'CHLORIDE ION' 'Cl -1'
FE non-polymer 'FE (III) ION' 'Fe 3'
GOL non-polymer GLYCEROL 'C3 H8 O3'
ZN non-polymer 'ZINC ION' 'Zn 2'
#
# COMPACT_ATOMS: atom_id res chain seq x y z
N SER A 2 35.01 14.18 8.18
CA SER A 2 33.74 14.18 8.95
C SER A 2 33.91 13.43 10.27
N LYS A 3 33.57 14.10 11.37
CA LYS A 3 33.77 13.55 12.71
C LYS A 3 32.54 13.75 13.60
N THR A 4 32.18 12.68 14.31
CA THR A 4 31.11 12.74 15.31
C THR A 4 31.63 12.16 16.63
N ILE A 5 31.26 12.80 17.72
CA ILE A 5 31.56 12.28 19.05
C ILE A 5 30.28 12.02 19.81
N ILE A 6 30.10 10.80 20.28
CA ILE A 6 29.04 10.47 21.23
C ILE A 6 29.65 10.51 22.64
N LYS A 7 29.13 11.41 23.47
CA LYS A 7 29.64 11.61 24.82
C LYS A 7 28.57 11.25 25.85
N ASN A 8 28.99 11.21 27.12
CA ASN A 8 28.04 11.05 28.23
C ASN A 8 27.28 9.72 28.13
N ILE A 9 27.99 8.67 27.71
CA ILE A 9 27.39 7.32 27.61
C ILE A 9 27.42 6.60 28.96
N GLY A 10 26.26 6.10 29.39
CA GLY A 10 26.17 5.36 30.65
C GLY A 10 26.67 3.93 30.60
N LYS A 11 26.48 3.28 29.45
CA LYS A 11 26.94 1.90 29.24
C LYS A 11 27.20 1.67 27.75
N ILE A 12 28.32 1.02 27.44
CA ILE A 12 28.65 0.63 26.06
C ILE A 12 28.65 -0.90 25.99
N VAL A 13 27.76 -1.41 25.15
CA VAL A 13 27.64 -2.85 24.91
C VAL A 13 28.26 -3.11 23.53
N SER A 14 29.30 -3.93 23.49
CA SER A 14 30.19 -4.01 22.33
C SER A 14 29.68 -4.83 21.15
N GLY A 15 28.80 -5.82 21.39
CA GLY A 15 28.40 -6.76 20.35
C GLY A 15 29.39 -7.90 20.14
N ASP A 16 30.52 -7.85 20.86
CA ASP A 16 31.55 -8.89 20.83
C ASP A 16 31.36 -9.81 22.02
N ILE A 17 30.95 -11.05 21.76
CA ILE A 17 30.69 -12.00 22.84
C ILE A 17 31.94 -12.31 23.69
N LYS A 18 33.12 -12.11 23.11
CA LYS A 18 34.39 -12.29 23.84
C LYS A 18 34.63 -11.24 24.92
N SER A 19 34.09 -10.03 24.71
CA SER A 19 34.11 -8.97 25.73
C SER A 19 32.92 -8.03 25.53
N PRO A 20 31.75 -8.41 26.07
CA PRO A 20 30.46 -7.79 25.78
C PRO A 20 30.26 -6.35 26.25
N VAL A 21 31.07 -5.89 27.21
CA VAL A 21 30.93 -4.53 27.76
C VAL A 21 32.24 -3.75 27.71
N LEU A 22 32.17 -2.51 27.24
CA LEU A 22 33.32 -1.61 27.24
C LEU A 22 33.19 -0.57 28.34
N GLN A 23 34.20 -0.52 29.21
CA GLN A 23 34.22 0.43 30.32
C GLN A 23 34.74 1.78 29.83
N ALA A 24 33.85 2.53 29.18
CA ALA A 24 34.15 3.83 28.61
C ALA A 24 32.85 4.64 28.47
N ASP A 25 32.97 5.94 28.23
CA ASP A 25 31.78 6.80 28.13
C ASP A 25 31.75 7.70 26.91
N THR A 26 32.72 7.52 26.00
CA THR A 26 32.89 8.39 24.85
C THR A 26 33.31 7.58 23.63
N ILE A 27 32.66 7.83 22.49
CA ILE A 27 33.00 7.17 21.23
C ILE A 27 33.22 8.20 20.12
N VAL A 28 34.36 8.11 19.44
CA VAL A 28 34.66 8.98 18.32
C VAL A 28 34.47 8.26 17.00
N VAL A 29 33.73 8.88 16.09
CA VAL A 29 33.47 8.39 14.75
C VAL A 29 34.13 9.31 13.73
N GLU A 30 34.97 8.73 12.86
CA GLU A 30 35.63 9.49 11.81
C GLU A 30 35.46 8.83 10.46
N ASP A 31 34.99 9.61 9.49
CA ASP A 31 34.77 9.14 8.12
C ASP A 31 34.00 7.81 8.09
N GLY A 32 32.91 7.75 8.84
CA GLY A 32 32.01 6.59 8.83
C GLY A 32 32.45 5.37 9.61
N LEU A 33 33.61 5.46 10.26
CA LEU A 33 34.16 4.35 11.03
C LEU A 33 34.35 4.73 12.49
N ILE A 34 34.34 3.75 13.38
CA ILE A 34 34.63 4.00 14.79
C ILE A 34 36.13 4.23 14.87
N ALA A 35 36.51 5.38 15.41
CA ALA A 35 37.92 5.80 15.47
C ALA A 35 38.54 5.49 16.82
N ALA A 36 37.83 5.81 17.88
CA ALA A 36 38.31 5.62 19.25
C ALA A 36 37.17 5.44 20.24
N ILE A 37 37.45 4.72 21.32
CA ILE A 37 36.54 4.56 22.43
C ILE A 37 37.32 4.89 23.68
N GLY A 38 36.73 5.68 24.57
CA GLY A 38 37.44 6.09 25.78
C GLY A 38 36.68 7.05 26.65
N GLY A 39 37.40 8.01 27.24
CA GLY A 39 36.80 8.97 28.16
C GLY A 39 36.83 10.38 27.64
N GLU A 40 36.71 11.34 28.57
CA GLU A 40 36.67 12.77 28.29
C GLU A 40 37.80 13.28 27.42
N GLU A 41 38.98 12.67 27.56
CA GLU A 41 40.16 13.05 26.77
C GLU A 41 39.87 13.13 25.27
N LEU A 42 38.92 12.32 24.81
CA LEU A 42 38.54 12.28 23.39
C LEU A 42 37.72 13.50 22.94
N MET A 43 37.24 14.28 23.91
CA MET A 43 36.49 15.51 23.61
C MET A 43 37.39 16.69 23.27
N LYS A 44 38.68 16.56 23.58
CA LYS A 44 39.67 17.62 23.34
C LYS A 44 39.89 17.89 21.85
N ASP A 45 39.97 19.18 21.50
CA ASP A 45 40.16 19.62 20.11
C ASP A 45 39.06 19.07 19.19
N ALA A 46 37.81 19.16 19.64
CA ALA A 46 36.66 18.64 18.89
C ALA A 46 36.49 19.32 17.54
N GLY A 47 36.73 20.63 17.51
CA GLY A 47 36.60 21.42 16.29
C GLY A 47 35.15 21.48 15.86
N ASP A 48 34.91 21.18 14.59
CA ASP A 48 33.57 21.25 14.01
C ASP A 48 32.81 19.92 14.13
N ALA A 49 33.34 19.00 14.92
CA ALA A 49 32.70 17.68 15.09
C ALA A 49 31.27 17.81 15.58
N THR A 50 30.39 17.00 15.02
CA THR A 50 29.03 16.87 15.51
C THR A 50 29.09 16.16 16.86
N ILE A 51 28.43 16.74 17.85
CA ILE A 51 28.41 16.19 19.20
C ILE A 51 27.04 15.61 19.51
N ILE A 52 27.02 14.34 19.90
CA ILE A 52 25.79 13.68 20.31
C ILE A 52 25.88 13.34 21.79
N ASP A 53 24.97 13.92 22.57
CA ASP A 53 24.91 13.69 23.99
C ASP A 53 24.01 12.48 24.26
N ALA A 54 24.62 11.38 24.71
CA ALA A 54 23.86 10.15 25.01
C ALA A 54 22.98 10.21 26.25
N ALA A 55 23.07 11.30 27.03
CA ALA A 55 22.22 11.55 28.20
C ALA A 55 22.32 10.45 29.27
N GLY A 56 23.46 9.78 29.34
CA GLY A 56 23.69 8.72 30.32
C GLY A 56 23.07 7.37 29.97
N SER A 57 22.56 7.25 28.74
CA SER A 57 21.93 6.02 28.28
C SER A 57 22.95 5.05 27.63
N THR A 58 22.44 4.07 26.89
CA THR A 58 23.27 2.95 26.42
C THR A 58 23.54 3.03 24.93
N VAL A 59 24.79 2.74 24.54
CA VAL A 59 25.14 2.59 23.13
C VAL A 59 25.40 1.11 22.80
N THR A 60 24.77 0.63 21.74
CA THR A 60 25.00 -0.74 21.23
C THR A 60 25.32 -0.64 19.73
N PRO A 61 25.79 -1.74 19.12
CA PRO A 61 25.89 -1.74 17.66
C PRO A 61 24.49 -1.72 17.05
N GLY A 62 24.38 -1.26 15.81
CA GLY A 62 23.13 -1.45 15.04
C GLY A 62 22.84 -2.95 14.92
N LEU A 63 21.56 -3.31 14.94
CA LEU A 63 21.15 -4.71 14.90
C LEU A 63 21.19 -5.28 13.49
N LEU A 64 21.46 -6.58 13.40
CA LEU A 64 21.26 -7.32 12.14
C LEU A 64 20.00 -8.15 12.21
N ASP A 65 19.29 -8.20 11.09
CA ASP A 65 18.27 -9.21 10.88
C ASP A 65 18.86 -10.13 9.81
N THR A 66 19.24 -11.34 10.22
CA THR A 66 19.90 -12.31 9.34
C THR A 66 18.93 -13.14 8.47
N HIS A 67 17.62 -12.88 8.57
CA HIS A 67 16.64 -13.70 7.85
C HIS A 67 15.48 -12.83 7.36
N VAL A 68 15.72 -12.08 6.29
CA VAL A 68 14.70 -11.18 5.70
C VAL A 68 14.37 -11.67 4.30
N HIS A 69 13.08 -11.80 4.01
CA HIS A 69 12.68 -12.22 2.68
C HIS A 69 12.30 -11.01 1.85
N VAL A 70 13.33 -10.33 1.37
CA VAL A 70 13.19 -9.15 0.52
C VAL A 70 12.74 -9.58 -0.86
N SER A 71 12.25 -8.63 -1.65
CA SER A 71 11.84 -8.93 -3.01
C SER A 71 12.01 -7.72 -3.94
N GLY A 72 12.77 -6.73 -3.48
CA GLY A 72 13.06 -5.51 -4.24
C GLY A 72 12.45 -4.30 -3.57
N GLY A 73 13.24 -3.26 -3.37
CA GLY A 73 12.77 -2.06 -2.69
C GLY A 73 12.23 -2.35 -1.30
N ASP A 74 11.22 -1.58 -0.89
CA ASP A 74 10.73 -1.60 0.49
C ASP A 74 9.25 -2.04 0.58
N TYR A 75 8.78 -2.79 -0.41
CA TYR A 75 7.43 -3.34 -0.38
C TYR A 75 7.50 -4.86 -0.14
N ALA A 76 6.63 -5.36 0.74
CA ALA A 76 6.54 -6.80 1.01
C ALA A 76 5.20 -7.37 0.56
N PRO A 77 5.19 -8.07 -0.61
CA PRO A 77 3.97 -8.66 -1.15
C PRO A 77 3.31 -9.68 -0.21
N ARG A 78 4.12 -10.45 0.52
CA ARG A 78 3.59 -11.54 1.36
C ARG A 78 2.55 -11.06 2.38
N GLN A 79 2.75 -9.85 2.91
CA GLN A 79 1.78 -9.27 3.84
C GLN A 79 1.28 -7.89 3.40
N LYS A 80 1.45 -7.57 2.11
CA LYS A 80 0.98 -6.30 1.53
C LYS A 80 1.40 -5.08 2.38
N THR A 81 2.69 -5.02 2.70
CA THR A 81 3.21 -3.99 3.60
C THR A 81 4.20 -3.08 2.90
N MET A 82 3.94 -1.78 2.97
CA MET A 82 4.84 -0.80 2.41
C MET A 82 5.81 -0.31 3.48
N ASP A 83 7.02 0.04 3.08
CA ASP A 83 8.01 0.70 3.96
C ASP A 83 8.44 -0.16 5.15
N PHE A 84 8.54 -1.47 4.97
CA PHE A 84 8.87 -2.34 6.10
C PHE A 84 10.34 -2.26 6.55
N ILE A 85 11.22 -1.88 5.63
CA ILE A 85 12.64 -1.80 5.93
C ILE A 85 12.90 -0.54 6.76
N SER A 86 12.26 0.55 6.36
CA SER A 86 12.26 1.78 7.15
C SER A 86 11.75 1.51 8.57
N SER A 87 10.69 0.72 8.65
CA SER A 87 10.08 0.41 9.94
C SER A 87 11.05 -0.37 10.82
N ALA A 88 11.76 -1.34 10.23
CA ALA A 88 12.72 -2.16 10.94
C ALA A 88 13.92 -1.32 11.42
N LEU A 89 14.27 -0.30 10.65
CA LEU A 89 15.32 0.63 11.06
C LEU A 89 14.95 1.29 12.39
N HIS A 90 13.68 1.65 12.52
CA HIS A 90 13.19 2.21 13.77
C HIS A 90 13.17 1.20 14.94
N GLY A 91 13.33 -0.08 14.61
CA GLY A 91 13.55 -1.14 15.61
C GLY A 91 15.04 -1.43 15.79
N GLY A 92 15.87 -0.56 15.22
CA GLY A 92 17.33 -0.65 15.41
C GLY A 92 18.08 -1.43 14.35
N VAL A 93 17.37 -1.94 13.34
CA VAL A 93 18.00 -2.76 12.30
C VAL A 93 18.72 -1.92 11.27
N THR A 94 20.04 -2.06 11.23
CA THR A 94 20.90 -1.29 10.32
C THR A 94 21.49 -2.13 9.18
N THR A 95 21.53 -3.45 9.37
CA THR A 95 21.93 -4.38 8.31
C THR A 95 20.94 -5.54 8.19
N MET A 96 20.57 -5.87 6.96
CA MET A 96 19.71 -7.03 6.70
C MET A 96 20.42 -8.04 5.80
N ILE A 97 20.22 -9.32 6.08
CA ILE A 97 20.67 -10.40 5.20
C ILE A 97 19.43 -11.01 4.59
N SER A 98 19.37 -11.02 3.25
CA SER A 98 18.31 -11.75 2.58
C SER A 98 18.44 -13.25 2.80
N ALA A 99 17.31 -13.89 3.12
CA ALA A 99 17.25 -15.34 3.16
C ALA A 99 16.73 -15.94 1.84
N GLY A 100 16.65 -15.09 0.81
CA GLY A 100 16.11 -15.47 -0.48
C GLY A 100 14.81 -14.73 -0.72
N SER A 101 14.34 -14.75 -1.96
CA SER A 101 13.16 -13.98 -2.35
C SER A 101 12.04 -14.88 -2.89
N PRO A 102 11.47 -15.75 -2.02
CA PRO A 102 10.40 -16.65 -2.48
C PRO A 102 9.12 -15.93 -2.90
N HIS A 103 8.93 -14.70 -2.41
CA HIS A 103 7.70 -13.95 -2.66
C HIS A 103 7.77 -13.06 -3.91
N PHE A 104 8.89 -13.10 -4.63
CA PHE A 104 8.97 -12.33 -5.86
C PHE A 104 7.87 -12.82 -6.79
N PRO A 105 7.01 -11.91 -7.27
CA PRO A 105 5.86 -12.34 -8.08
C PRO A 105 6.34 -13.05 -9.33
N GLY A 106 5.85 -14.27 -9.55
CA GLY A 106 6.24 -15.10 -10.68
C GLY A 106 7.70 -15.54 -10.64
N ARG A 107 8.25 -15.63 -9.43
CA ARG A 107 9.68 -15.93 -9.23
C ARG A 107 10.21 -16.93 -10.25
N PRO A 108 11.19 -16.50 -11.08
CA PRO A 108 11.84 -17.42 -12.01
C PRO A 108 12.48 -18.58 -11.26
N LYS A 109 12.18 -19.81 -11.72
CA LYS A 109 12.60 -21.03 -11.04
C LYS A 109 13.59 -21.88 -11.83
N ASP A 110 13.96 -21.43 -13.02
CA ASP A 110 15.02 -22.13 -13.76
C ASP A 110 16.38 -21.60 -13.31
N ALA A 111 17.46 -22.25 -13.76
CA ALA A 111 18.81 -21.84 -13.37
C ALA A 111 19.12 -20.41 -13.81
N ALA A 112 18.85 -20.11 -15.07
CA ALA A 112 19.09 -18.77 -15.62
C ALA A 112 18.30 -17.70 -14.87
N GLY A 113 17.05 -18.02 -14.53
CA GLY A 113 16.15 -17.07 -13.87
C GLY A 113 16.44 -16.82 -12.41
N THR A 114 16.72 -17.88 -11.66
CA THR A 114 17.10 -17.70 -10.24
C THR A 114 18.41 -16.93 -10.15
N LYS A 115 19.32 -17.18 -11.09
CA LYS A 115 20.56 -16.40 -11.20
C LYS A 115 20.29 -14.94 -11.51
N ALA A 116 19.48 -14.66 -12.54
CA ALA A 116 19.17 -13.28 -12.93
C ALA A 116 18.52 -12.52 -11.80
N LEU A 117 17.63 -13.18 -11.06
CA LEU A 117 16.92 -12.51 -9.97
C LEU A 117 17.87 -12.15 -8.83
N ALA A 118 18.72 -13.10 -8.43
CA ALA A 118 19.70 -12.83 -7.39
C ALA A 118 20.65 -11.68 -7.77
N ILE A 119 21.12 -11.70 -9.01
CA ILE A 119 22.00 -10.63 -9.50
C ILE A 119 21.28 -9.26 -9.44
N THR A 120 20.03 -9.26 -9.88
CA THR A 120 19.19 -8.05 -9.89
C THR A 120 19.04 -7.49 -8.47
N LEU A 121 18.62 -8.33 -7.53
CA LEU A 121 18.39 -7.89 -6.15
C LEU A 121 19.68 -7.50 -5.44
N SER A 122 20.74 -8.26 -5.67
CA SER A 122 22.05 -7.93 -5.10
C SER A 122 22.47 -6.52 -5.54
N LYS A 123 22.46 -6.28 -6.85
CA LYS A 123 22.83 -4.96 -7.38
C LYS A 123 21.87 -3.85 -6.94
N SER A 124 20.56 -4.12 -6.95
CA SER A 124 19.60 -3.05 -6.67
C SER A 124 19.68 -2.55 -5.23
N TYR A 125 19.82 -3.46 -4.28
CA TYR A 125 19.97 -3.08 -2.87
C TYR A 125 21.31 -2.39 -2.55
N TYR A 126 22.36 -2.73 -3.28
CA TYR A 126 23.62 -1.99 -3.14
C TYR A 126 23.56 -0.60 -3.79
N ASN A 127 22.74 -0.46 -4.84
CA ASN A 127 22.50 0.84 -5.47
C ASN A 127 21.66 1.78 -4.62
N ALA A 128 20.70 1.22 -3.90
CA ALA A 128 19.76 2.01 -3.12
C ALA A 128 19.48 1.35 -1.79
N ARG A 129 20.06 1.88 -0.72
CA ARG A 129 19.80 1.42 0.64
C ARG A 129 18.46 2.00 1.09
N PRO A 130 17.43 1.15 1.27
CA PRO A 130 16.13 1.65 1.72
C PRO A 130 16.24 2.28 3.10
N ALA A 131 15.90 3.57 3.20
CA ALA A 131 15.98 4.32 4.44
C ALA A 131 17.40 4.35 5.05
N GLY A 132 18.40 3.99 4.24
CA GLY A 132 19.80 3.95 4.69
C GLY A 132 20.29 2.58 5.16
N VAL A 133 19.36 1.63 5.26
CA VAL A 133 19.66 0.29 5.76
C VAL A 133 20.57 -0.49 4.79
N LYS A 134 21.59 -1.13 5.33
CA LYS A 134 22.51 -1.93 4.54
C LYS A 134 21.86 -3.29 4.26
N VAL A 135 21.24 -3.42 3.10
CA VAL A 135 20.60 -4.68 2.70
C VAL A 135 21.50 -5.50 1.78
N HIS A 136 21.82 -6.71 2.20
CA HIS A 136 22.53 -7.66 1.35
C HIS A 136 21.47 -8.51 0.69
N GLY A 137 21.00 -8.01 -0.45
CA GLY A 137 19.69 -8.37 -0.96
C GLY A 137 19.60 -9.51 -1.94
N GLY A 138 20.74 -9.97 -2.46
CA GLY A 138 20.72 -11.00 -3.48
C GLY A 138 21.18 -12.33 -2.92
N ALA A 139 20.23 -13.14 -2.46
CA ALA A 139 20.54 -14.45 -1.91
C ALA A 139 19.93 -15.51 -2.81
N VAL A 140 20.74 -16.15 -3.63
CA VAL A 140 20.22 -17.05 -4.68
C VAL A 140 19.53 -18.27 -4.13
N ILE A 141 18.37 -18.60 -4.69
CA ILE A 141 17.66 -19.82 -4.33
C ILE A 141 18.14 -20.90 -5.29
N LEU A 142 18.67 -22.00 -4.74
CA LEU A 142 19.20 -23.08 -5.57
C LEU A 142 18.09 -23.76 -6.37
N GLU A 143 18.35 -23.93 -7.66
CA GLU A 143 17.41 -24.62 -8.55
C GLU A 143 18.20 -25.60 -9.38
N LYS A 144 17.55 -26.70 -9.76
CA LYS A 144 18.20 -27.71 -10.60
C LYS A 144 18.66 -27.04 -11.88
N GLY A 145 19.90 -27.31 -12.29
CA GLY A 145 20.44 -26.77 -13.52
C GLY A 145 21.59 -25.79 -13.34
N LEU A 146 21.76 -25.28 -12.11
CA LEU A 146 22.86 -24.36 -11.82
C LEU A 146 24.18 -25.11 -11.91
N THR A 147 25.21 -24.43 -12.39
CA THR A 147 26.53 -25.02 -12.59
C THR A 147 27.55 -24.19 -11.82
N GLU A 148 28.76 -24.74 -11.66
CA GLU A 148 29.83 -23.99 -11.04
C GLU A 148 30.04 -22.64 -11.71
N GLU A 149 29.91 -22.61 -13.04
CA GLU A 149 30.10 -21.39 -13.80
C GLU A 149 29.06 -20.31 -13.44
N ASP A 150 27.84 -20.75 -13.14
CA ASP A 150 26.79 -19.82 -12.68
C ASP A 150 27.21 -19.10 -11.40
N PHE A 151 27.87 -19.83 -10.50
CA PHE A 151 28.40 -19.26 -9.25
C PHE A 151 29.58 -18.31 -9.46
N ILE A 152 30.45 -18.63 -10.42
CA ILE A 152 31.53 -17.72 -10.81
C ILE A 152 30.96 -16.40 -11.35
N GLU A 153 29.95 -16.53 -12.22
CA GLU A 153 29.26 -15.38 -12.80
C GLU A 153 28.57 -14.54 -11.74
N MET A 154 27.81 -15.17 -10.84
CA MET A 154 27.14 -14.45 -9.76
C MET A 154 28.13 -13.71 -8.87
N LYS A 155 29.22 -14.38 -8.51
CA LYS A 155 30.27 -13.74 -7.69
C LYS A 155 30.83 -12.49 -8.37
N LYS A 156 31.08 -12.59 -9.68
CA LYS A 156 31.59 -11.46 -10.46
C LYS A 156 30.63 -10.28 -10.39
N GLU A 157 29.34 -10.58 -10.31
CA GLU A 157 28.31 -9.54 -10.31
C GLU A 157 27.88 -9.10 -8.90
N GLY A 158 28.63 -9.53 -7.90
CA GLY A 158 28.46 -9.03 -6.53
C GLY A 158 27.64 -9.90 -5.59
N VAL A 159 27.13 -11.02 -6.09
CA VAL A 159 26.33 -11.94 -5.29
C VAL A 159 27.26 -12.81 -4.45
N TRP A 160 26.93 -12.98 -3.17
CA TRP A 160 27.79 -13.76 -2.28
C TRP A 160 27.02 -14.56 -1.24
N ILE A 161 25.71 -14.66 -1.43
CA ILE A 161 24.86 -15.38 -0.50
C ILE A 161 23.97 -16.39 -1.20
N VAL A 162 23.90 -17.59 -0.64
CA VAL A 162 22.92 -18.58 -1.04
C VAL A 162 21.78 -18.54 -0.01
N GLY A 163 20.58 -18.22 -0.49
CA GLY A 163 19.39 -18.16 0.37
C GLY A 163 19.01 -19.57 0.78
N GLU A 164 18.01 -19.69 1.66
CA GLU A 164 17.68 -20.97 2.28
C GLU A 164 17.66 -22.11 1.28
N VAL A 165 18.60 -23.04 1.43
CA VAL A 165 18.55 -24.29 0.69
C VAL A 165 17.23 -24.95 1.04
N GLY A 166 16.44 -25.29 0.02
CA GLY A 166 15.12 -25.91 0.24
C GLY A 166 13.95 -25.06 -0.23
N LEU A 167 14.21 -23.78 -0.49
CA LEU A 167 13.17 -22.89 -1.04
C LEU A 167 12.80 -23.23 -2.49
N GLY A 168 13.76 -23.78 -3.24
CA GLY A 168 13.56 -24.10 -4.65
C GLY A 168 13.51 -25.60 -4.92
N THR A 169 13.76 -25.98 -6.17
CA THR A 169 13.73 -27.39 -6.59
C THR A 169 14.87 -28.22 -6.00
N ILE A 170 15.90 -27.54 -5.53
CA ILE A 170 16.98 -28.20 -4.80
C ILE A 170 16.58 -28.32 -3.33
N LYS A 171 16.30 -29.55 -2.91
CA LYS A 171 15.80 -29.85 -1.58
C LYS A 171 16.60 -30.95 -0.89
N ASN A 172 16.87 -32.03 -1.64
CA ASN A 172 17.63 -33.16 -1.13
C ASN A 172 19.10 -32.79 -0.93
N PRO A 173 19.68 -33.12 0.25
CA PRO A 173 21.10 -32.88 0.51
C PRO A 173 22.02 -33.47 -0.57
N GLU A 174 21.61 -34.57 -1.19
CA GLU A 174 22.39 -35.17 -2.26
C GLU A 174 22.52 -34.22 -3.46
N ASP A 175 21.44 -33.47 -3.75
CA ASP A 175 21.43 -32.48 -4.82
C ASP A 175 22.09 -31.18 -4.38
N ALA A 176 21.86 -30.78 -3.14
CA ALA A 176 22.36 -29.50 -2.61
C ALA A 176 23.87 -29.46 -2.36
N ALA A 177 24.41 -30.52 -1.76
CA ALA A 177 25.81 -30.57 -1.36
C ALA A 177 26.82 -30.14 -2.44
N PRO A 178 26.71 -30.68 -3.68
CA PRO A 178 27.61 -30.27 -4.76
C PRO A 178 27.53 -28.78 -5.10
N MET A 179 26.30 -28.22 -5.07
CA MET A 179 26.13 -26.79 -5.35
C MET A 179 26.68 -25.93 -4.22
N VAL A 180 26.45 -26.33 -2.98
CA VAL A 180 26.98 -25.63 -1.81
C VAL A 180 28.52 -25.65 -1.85
N GLU A 181 29.10 -26.77 -2.29
CA GLU A 181 30.54 -26.86 -2.52
C GLU A 181 31.03 -25.80 -3.50
N TRP A 182 30.39 -25.67 -4.67
CA TRP A 182 30.74 -24.64 -5.64
C TRP A 182 30.61 -23.23 -5.04
N ALA A 183 29.55 -23.00 -4.27
CA ALA A 183 29.34 -21.71 -3.62
C ALA A 183 30.49 -21.35 -2.67
N HIS A 184 30.86 -22.32 -1.83
CA HIS A 184 31.93 -22.14 -0.86
C HIS A 184 33.29 -21.94 -1.50
N LYS A 185 33.50 -22.61 -2.64
CA LYS A 185 34.70 -22.46 -3.45
C LYS A 185 34.86 -21.03 -3.96
N HIS A 186 33.74 -20.35 -4.20
CA HIS A 186 33.75 -19.02 -4.79
C HIS A 186 33.21 -17.93 -3.88
N GLY A 187 33.45 -18.06 -2.58
CA GLY A 187 33.23 -16.98 -1.61
C GLY A 187 31.79 -16.72 -1.14
N PHE A 188 30.92 -17.71 -1.27
CA PHE A 188 29.52 -17.56 -0.83
C PHE A 188 29.32 -17.98 0.63
N LYS A 189 28.39 -17.29 1.31
CA LYS A 189 27.85 -17.75 2.58
C LYS A 189 26.51 -18.43 2.33
N VAL A 190 26.28 -19.56 2.98
CA VAL A 190 25.14 -20.44 2.63
C VAL A 190 24.16 -20.66 3.80
N GLN A 191 22.88 -20.42 3.53
CA GLN A 191 21.80 -20.64 4.48
C GLN A 191 21.06 -21.92 4.17
N MET A 192 20.45 -22.54 5.17
CA MET A 192 19.72 -23.79 4.96
C MET A 192 18.43 -23.87 5.78
N HIS A 193 17.31 -24.06 5.10
CA HIS A 193 16.01 -24.22 5.79
C HIS A 193 16.07 -25.45 6.68
N THR A 194 15.84 -25.24 7.98
CA THR A 194 15.89 -26.32 8.96
C THR A 194 14.62 -26.32 9.81
N GLY A 195 13.71 -27.23 9.51
CA GLY A 195 12.43 -27.29 10.21
C GLY A 195 11.41 -28.06 9.39
N GLY A 196 10.14 -27.91 9.75
CA GLY A 196 9.05 -28.52 9.01
C GLY A 196 9.03 -27.99 7.59
N THR A 197 8.65 -28.84 6.65
CA THR A 197 8.59 -28.47 5.24
C THR A 197 7.14 -28.60 4.75
N SER A 198 6.91 -28.34 3.47
CA SER A 198 5.57 -28.44 2.90
C SER A 198 5.39 -29.71 2.07
N ILE A 199 6.34 -30.64 2.21
CA ILE A 199 6.29 -31.93 1.51
C ILE A 199 5.96 -33.06 2.49
N PRO A 200 4.75 -33.64 2.38
CA PRO A 200 4.32 -34.73 3.26
C PRO A 200 5.31 -35.91 3.32
N GLY A 201 5.94 -36.22 2.18
CA GLY A 201 6.92 -37.32 2.10
C GLY A 201 8.12 -37.12 3.02
N SER A 202 8.81 -35.99 2.85
CA SER A 202 9.93 -35.60 3.72
C SER A 202 9.57 -34.29 4.42
N SER A 203 8.93 -34.42 5.57
CA SER A 203 8.27 -33.31 6.25
C SER A 203 9.18 -32.47 7.16
N THR A 204 10.41 -32.94 7.38
CA THR A 204 11.35 -32.23 8.24
C THR A 204 12.79 -32.24 7.69
N VAL A 205 13.70 -31.59 8.42
CA VAL A 205 15.12 -31.55 8.06
C VAL A 205 15.87 -32.12 9.26
N THR A 206 16.80 -33.03 9.00
CA THR A 206 17.51 -33.71 10.07
C THR A 206 18.93 -33.16 10.25
N ALA A 207 19.56 -33.54 11.36
CA ALA A 207 20.96 -33.23 11.59
C ALA A 207 21.84 -33.82 10.48
N ASP A 208 21.52 -35.03 10.04
CA ASP A 208 22.28 -35.65 8.95
C ASP A 208 22.18 -34.86 7.65
N ASP A 209 20.99 -34.33 7.34
CA ASP A 209 20.81 -33.43 6.20
C ASP A 209 21.77 -32.22 6.30
N VAL A 210 21.82 -31.62 7.49
CA VAL A 210 22.65 -30.44 7.74
C VAL A 210 24.14 -30.77 7.60
N ILE A 211 24.55 -31.89 8.19
CA ILE A 211 25.95 -32.34 8.15
C ILE A 211 26.42 -32.59 6.73
N LYS A 212 25.53 -33.12 5.90
CA LYS A 212 25.82 -33.44 4.50
C LYS A 212 25.87 -32.18 3.64
N THR A 213 24.91 -31.28 3.82
CA THR A 213 24.80 -30.06 3.01
C THR A 213 25.95 -29.06 3.29
N LYS A 214 26.30 -28.92 4.58
CA LYS A 214 27.38 -28.05 5.07
C LYS A 214 27.10 -26.55 4.90
N PRO A 215 25.94 -26.08 5.37
CA PRO A 215 25.70 -24.64 5.26
C PRO A 215 26.53 -23.88 6.29
N ASP A 216 26.63 -22.56 6.12
CA ASP A 216 27.25 -21.72 7.12
C ASP A 216 26.26 -21.41 8.24
N VAL A 217 24.99 -21.33 7.86
CA VAL A 217 23.92 -20.99 8.78
C VAL A 217 22.82 -22.04 8.73
N VAL A 218 22.51 -22.59 9.90
CA VAL A 218 21.31 -23.41 10.09
C VAL A 218 20.17 -22.42 10.32
N SER A 219 19.39 -22.15 9.27
CA SER A 219 18.33 -21.14 9.33
C SER A 219 17.17 -21.60 10.19
N HIS A 220 16.56 -20.65 10.89
CA HIS A 220 15.48 -20.94 11.84
C HIS A 220 15.61 -22.30 12.55
N ILE A 221 16.67 -22.46 13.35
CA ILE A 221 16.85 -23.70 14.12
C ILE A 221 15.64 -23.95 15.05
N ASN A 222 14.96 -22.88 15.47
CA ASN A 222 13.73 -23.02 16.27
C ASN A 222 12.45 -23.11 15.45
N GLY A 223 12.58 -23.34 14.14
CA GLY A 223 11.41 -23.51 13.26
C GLY A 223 11.03 -22.29 12.44
N GLY A 224 10.50 -22.53 11.23
CA GLY A 224 10.06 -21.44 10.35
C GLY A 224 8.65 -21.60 9.78
N PRO A 225 7.62 -21.71 10.65
CA PRO A 225 7.64 -21.68 12.12
C PRO A 225 7.72 -23.05 12.82
N THR A 226 7.63 -24.16 12.07
CA THR A 226 7.60 -25.51 12.65
C THR A 226 9.01 -26.02 12.94
N ALA A 227 9.26 -26.35 14.21
CA ALA A 227 10.59 -26.75 14.65
C ALA A 227 10.93 -28.22 14.41
N ILE A 228 12.22 -28.46 14.16
CA ILE A 228 12.80 -29.80 14.26
C ILE A 228 12.74 -30.26 15.72
N SER A 229 13.03 -31.54 15.96
CA SER A 229 13.01 -32.08 17.32
C SER A 229 14.26 -31.71 18.10
N VAL A 230 14.18 -31.75 19.43
CA VAL A 230 15.35 -31.51 20.28
C VAL A 230 16.50 -32.48 19.97
N GLN A 231 16.14 -33.69 19.55
CA GLN A 231 17.11 -34.71 19.16
C GLN A 231 17.99 -34.22 18.02
N GLU A 232 17.37 -33.56 17.04
CA GLU A 232 18.11 -33.01 15.92
C GLU A 232 18.88 -31.75 16.30
N VAL A 233 18.29 -30.92 17.16
CA VAL A 233 18.95 -29.72 17.70
C VAL A 233 20.27 -30.08 18.38
N ASP A 234 20.22 -31.11 19.24
CA ASP A 234 21.39 -31.55 19.99
C ASP A 234 22.55 -31.91 19.07
N ARG A 235 22.26 -32.65 18.01
CA ARG A 235 23.29 -33.11 17.08
C ARG A 235 23.85 -31.97 16.24
N ILE A 236 22.99 -31.05 15.82
CA ILE A 236 23.45 -29.87 15.09
C ILE A 236 24.41 -29.06 15.96
N MET A 237 24.04 -28.90 17.23
CA MET A 237 24.86 -28.15 18.17
C MET A 237 26.21 -28.84 18.43
N ASP A 238 26.19 -30.16 18.54
CA ASP A 238 27.35 -30.92 19.02
C ASP A 238 28.26 -31.41 17.90
N GLU A 239 27.68 -31.71 16.74
CA GLU A 239 28.42 -32.31 15.63
C GLU A 239 28.80 -31.34 14.50
N THR A 240 28.29 -30.11 14.56
CA THR A 240 28.70 -29.06 13.62
C THR A 240 29.11 -27.82 14.40
N ASP A 241 29.84 -26.94 13.71
CA ASP A 241 30.14 -25.61 14.24
C ASP A 241 29.39 -24.51 13.47
N PHE A 242 28.32 -24.90 12.78
CA PHE A 242 27.56 -23.95 11.95
C PHE A 242 26.77 -22.98 12.84
N ALA A 243 26.45 -21.80 12.32
CA ALA A 243 25.67 -20.83 13.08
C ALA A 243 24.26 -21.34 13.28
N MET A 244 23.72 -21.09 14.48
CA MET A 244 22.38 -21.53 14.83
C MET A 244 21.47 -20.29 14.93
N GLU A 245 20.62 -20.13 13.93
CA GLU A 245 19.79 -18.94 13.82
C GLU A 245 18.46 -19.11 14.54
N ILE A 246 18.23 -18.26 15.53
CA ILE A 246 16.94 -18.21 16.20
C ILE A 246 16.14 -17.11 15.55
N VAL A 247 14.96 -17.45 15.07
CA VAL A 247 14.10 -16.46 14.40
C VAL A 247 12.90 -16.09 15.26
N GLN A 248 12.43 -14.87 15.08
CA GLN A 248 11.27 -14.37 15.78
C GLN A 248 10.00 -15.13 15.39
N CYS A 249 9.84 -15.41 14.10
CA CYS A 249 8.67 -16.12 13.61
C CYS A 249 8.87 -17.63 13.69
N GLY A 250 9.21 -18.10 14.88
CA GLY A 250 9.46 -19.52 15.11
C GLY A 250 8.99 -19.96 16.47
N ASN A 251 9.39 -21.18 16.83
CA ASN A 251 8.90 -21.83 18.05
C ASN A 251 9.64 -21.32 19.29
N PRO A 252 8.90 -20.73 20.26
CA PRO A 252 9.56 -20.14 21.43
C PRO A 252 10.14 -21.18 22.39
N LYS A 253 9.52 -22.36 22.44
CA LYS A 253 9.99 -23.42 23.34
C LYS A 253 11.34 -23.94 22.86
N ILE A 254 11.48 -24.11 21.56
CA ILE A 254 12.74 -24.55 20.97
C ILE A 254 13.79 -23.42 21.00
N ALA A 255 13.35 -22.17 20.86
CA ALA A 255 14.24 -21.03 21.01
C ALA A 255 14.91 -21.06 22.39
N ASP A 256 14.09 -21.22 23.43
CA ASP A 256 14.56 -21.35 24.81
C ASP A 256 15.49 -22.56 25.01
N TYR A 257 15.11 -23.71 24.44
CA TYR A 257 15.93 -24.92 24.51
C TYR A 257 17.32 -24.69 23.91
N VAL A 258 17.36 -24.07 22.74
CA VAL A 258 18.61 -23.81 22.04
C VAL A 258 19.51 -22.85 22.83
N ALA A 259 18.93 -21.74 23.30
CA ALA A 259 19.71 -20.74 24.04
C ALA A 259 20.28 -21.34 25.32
N ARG A 260 19.44 -22.05 26.08
CA ARG A 260 19.84 -22.68 27.34
C ARG A 260 20.90 -23.76 27.12
N ARG A 261 20.71 -24.64 26.14
CA ARG A 261 21.71 -25.67 25.84
C ARG A 261 23.01 -25.07 25.30
N ALA A 262 22.91 -24.04 24.47
CA ALA A 262 24.11 -23.38 23.95
C ALA A 262 24.93 -22.77 25.09
N ALA A 263 24.25 -22.20 26.09
CA ALA A 263 24.93 -21.67 27.27
C ALA A 263 25.66 -22.78 28.03
N GLU A 264 24.98 -23.89 28.24
CA GLU A 264 25.57 -25.08 28.89
C GLU A 264 26.77 -25.62 28.11
N LYS A 265 26.68 -25.62 26.79
CA LYS A 265 27.70 -26.22 25.93
C LYS A 265 28.79 -25.28 25.44
N GLY A 266 28.72 -24.02 25.86
CA GLY A 266 29.70 -23.01 25.47
C GLY A 266 29.57 -22.58 24.01
N GLN A 267 28.36 -22.67 23.47
CA GLN A 267 28.14 -22.42 22.03
C GLN A 267 27.37 -21.14 21.68
N LEU A 268 27.27 -20.21 22.63
CA LEU A 268 26.51 -18.97 22.45
C LEU A 268 27.01 -18.05 21.32
N GLY A 269 28.31 -18.11 21.04
CA GLY A 269 28.90 -17.35 19.93
C GLY A 269 28.34 -17.73 18.56
N ARG A 270 27.74 -18.91 18.48
CA ARG A 270 27.15 -19.40 17.22
C ARG A 270 25.67 -19.00 17.03
N VAL A 271 25.07 -18.44 18.07
CA VAL A 271 23.66 -18.08 18.00
C VAL A 271 23.50 -16.70 17.35
N ILE A 272 22.70 -16.64 16.29
CA ILE A 272 22.41 -15.39 15.57
C ILE A 272 20.88 -15.16 15.45
N PHE A 273 20.45 -13.91 15.31
CA PHE A 273 19.02 -13.59 15.30
C PHE A 273 18.52 -13.12 13.94
N GLY A 274 17.39 -13.66 13.53
CA GLY A 274 16.65 -13.14 12.38
C GLY A 274 15.16 -13.11 12.68
N ASN A 275 14.38 -12.53 11.78
CA ASN A 275 12.91 -12.54 11.93
C ASN A 275 12.23 -13.72 11.26
N ASP A 276 12.77 -14.16 10.12
CA ASP A 276 12.01 -14.95 9.12
C ASP A 276 10.69 -14.24 8.79
N ALA A 277 10.82 -13.01 8.31
CA ALA A 277 9.68 -12.26 7.83
C ALA A 277 10.19 -11.37 6.69
N PRO A 278 9.29 -10.93 5.80
CA PRO A 278 7.86 -11.26 5.74
C PRO A 278 7.62 -12.75 5.62
N SER A 279 6.56 -13.20 6.27
CA SER A 279 6.18 -14.60 6.32
C SER A 279 4.70 -14.65 6.66
N GLY A 280 4.15 -15.87 6.73
CA GLY A 280 2.74 -16.05 7.11
C GLY A 280 2.45 -15.48 8.48
N THR A 281 3.45 -15.50 9.37
CA THR A 281 3.31 -14.95 10.72
C THR A 281 3.00 -13.45 10.76
N GLY A 282 3.68 -12.69 9.91
CA GLY A 282 3.49 -11.25 9.83
C GLY A 282 4.75 -10.51 9.44
N LEU A 283 4.85 -9.29 9.92
CA LEU A 283 6.01 -8.45 9.71
C LEU A 283 6.21 -7.69 11.02
N ILE A 284 7.38 -7.86 11.61
CA ILE A 284 7.62 -7.44 12.99
C ILE A 284 8.88 -6.58 13.03
N PRO A 285 8.73 -5.27 12.76
CA PRO A 285 9.91 -4.38 12.80
C PRO A 285 10.66 -4.38 14.15
N LEU A 286 9.96 -4.63 15.25
CA LEU A 286 10.65 -4.79 16.56
C LEU A 286 11.10 -6.23 16.84
N GLY A 287 11.14 -7.06 15.80
CA GLY A 287 11.40 -8.49 15.93
C GLY A 287 12.75 -8.87 16.51
N ILE A 288 13.82 -8.19 16.07
CA ILE A 288 15.15 -8.48 16.61
C ILE A 288 15.22 -8.09 18.10
N LEU A 289 14.67 -6.92 18.43
CA LEU A 289 14.58 -6.49 19.83
C LEU A 289 13.79 -7.50 20.67
N ARG A 290 12.70 -8.02 20.12
CA ARG A 290 11.88 -8.99 20.84
C ARG A 290 12.64 -10.29 21.08
N ASN A 291 13.42 -10.72 20.08
CA ASN A 291 14.31 -11.87 20.21
C ASN A 291 15.27 -11.70 21.38
N MET A 292 15.90 -10.53 21.46
CA MET A 292 16.80 -10.23 22.57
C MET A 292 16.08 -10.25 23.91
N CYS A 293 14.93 -9.60 23.98
CA CYS A 293 14.13 -9.55 25.21
C CYS A 293 13.65 -10.94 25.65
N GLN A 294 13.24 -11.75 24.68
CA GLN A 294 12.74 -13.10 24.97
C GLN A 294 13.86 -14.02 25.48
N ILE A 295 15.00 -14.00 24.82
CA ILE A 295 16.10 -14.88 25.23
C ILE A 295 16.71 -14.41 26.55
N ALA A 296 16.85 -13.10 26.73
CA ALA A 296 17.37 -12.57 28.00
C ALA A 296 16.41 -12.81 29.18
N SER A 297 15.13 -12.57 28.97
CA SER A 297 14.16 -12.64 30.07
C SER A 297 13.62 -14.04 30.38
N MET A 298 13.59 -14.93 29.37
CA MET A 298 13.00 -16.28 29.51
C MET A 298 14.04 -17.39 29.57
N SER A 299 15.21 -17.14 29.00
CA SER A 299 16.26 -18.16 28.87
C SER A 299 17.49 -17.90 29.76
N ASP A 300 17.42 -16.87 30.59
CA ASP A 300 18.48 -16.54 31.58
C ASP A 300 19.83 -16.23 30.90
N ILE A 301 19.76 -15.59 29.73
CA ILE A 301 20.95 -15.16 29.00
C ILE A 301 21.19 -13.69 29.36
N ASP A 302 22.44 -13.33 29.64
CA ASP A 302 22.79 -11.93 29.98
C ASP A 302 22.34 -11.06 28.81
N PRO A 303 21.70 -9.91 29.10
CA PRO A 303 21.20 -9.05 28.03
C PRO A 303 22.32 -8.56 27.10
N GLU A 304 23.51 -8.36 27.66
CA GLU A 304 24.68 -7.96 26.86
C GLU A 304 25.05 -9.06 25.85
N VAL A 305 24.87 -10.31 26.25
CA VAL A 305 25.11 -11.46 25.37
C VAL A 305 24.02 -11.58 24.29
N ALA A 306 22.78 -11.31 24.67
CA ALA A 306 21.68 -11.22 23.70
C ALA A 306 21.95 -10.17 22.62
N VAL A 307 22.56 -9.03 23.00
CA VAL A 307 22.98 -8.03 22.01
C VAL A 307 24.00 -8.62 21.01
N CYS A 308 24.97 -9.38 21.52
CA CYS A 308 25.95 -10.06 20.65
C CYS A 308 25.26 -10.96 19.62
N MET A 309 24.22 -11.67 20.06
CA MET A 309 23.45 -12.57 19.18
C MET A 309 22.75 -11.80 18.05
N ALA A 310 22.50 -10.52 18.28
CA ALA A 310 21.84 -9.66 17.29
C ALA A 310 22.84 -8.86 16.46
N THR A 311 24.12 -8.90 16.84
CA THR A 311 25.10 -7.99 16.24
C THR A 311 26.39 -8.69 15.78
N GLY A 312 27.40 -8.73 16.66
CA GLY A 312 28.70 -9.30 16.32
C GLY A 312 28.71 -10.77 15.97
N ASN A 313 27.87 -11.59 16.64
CA ASN A 313 27.75 -13.00 16.26
C ASN A 313 27.36 -13.12 14.78
N SER A 314 26.42 -12.26 14.37
CA SER A 314 25.88 -12.29 13.01
C SER A 314 26.87 -11.79 11.96
N THR A 315 27.56 -10.69 12.26
CA THR A 315 28.54 -10.16 11.33
C THR A 315 29.80 -11.05 11.23
N ALA A 316 30.13 -11.76 12.31
CA ALA A 316 31.22 -12.74 12.29
C ALA A 316 30.93 -13.84 11.26
N VAL A 317 29.71 -14.37 11.29
CA VAL A 317 29.33 -15.43 10.35
C VAL A 317 29.37 -14.94 8.91
N TYR A 318 28.89 -13.71 8.69
CA TYR A 318 28.81 -13.16 7.33
C TYR A 318 30.06 -12.39 6.88
N GLY A 319 31.04 -12.26 7.77
CA GLY A 319 32.31 -11.61 7.45
C GLY A 319 32.19 -10.13 7.16
N LEU A 320 31.28 -9.44 7.87
CA LEU A 320 31.03 -8.02 7.63
C LEU A 320 31.79 -7.16 8.63
N ASN A 321 32.29 -6.03 8.16
CA ASN A 321 33.06 -5.12 9.01
C ASN A 321 32.17 -4.20 9.87
N THR A 322 31.17 -4.79 10.51
CA THR A 322 30.25 -4.06 11.38
C THR A 322 29.75 -4.98 12.50
N GLY A 323 28.75 -4.52 13.26
CA GLY A 323 28.18 -5.32 14.35
C GLY A 323 28.94 -5.30 15.67
N VAL A 324 30.05 -4.55 15.71
CA VAL A 324 30.93 -4.51 16.89
C VAL A 324 31.45 -3.09 17.11
N ILE A 325 31.42 -2.65 18.36
CA ILE A 325 32.01 -1.38 18.71
C ILE A 325 33.51 -1.60 18.98
N ALA A 326 34.30 -1.38 17.94
CA ALA A 326 35.75 -1.49 18.00
C ALA A 326 36.36 -0.57 16.95
N PRO A 327 37.57 -0.02 17.22
CA PRO A 327 38.16 0.87 16.23
C PRO A 327 38.28 0.21 14.86
N GLY A 328 37.92 0.94 13.81
CA GLY A 328 38.02 0.44 12.45
C GLY A 328 36.75 -0.19 11.92
N LYS A 329 35.79 -0.46 12.80
CA LYS A 329 34.51 -1.03 12.38
C LYS A 329 33.60 0.09 11.88
N GLU A 330 32.63 -0.27 11.03
CA GLU A 330 31.69 0.70 10.49
C GLU A 330 30.85 1.27 11.63
N ALA A 331 30.58 2.57 11.59
CA ALA A 331 29.92 3.25 12.71
C ALA A 331 28.41 3.11 12.64
N ASP A 332 27.95 1.88 12.87
CA ASP A 332 26.52 1.58 12.92
C ASP A 332 26.19 1.40 14.38
N LEU A 333 25.44 2.37 14.93
CA LEU A 333 25.25 2.43 16.38
C LEU A 333 23.83 2.82 16.74
N ILE A 334 23.38 2.30 17.89
CA ILE A 334 22.09 2.67 18.47
C ILE A 334 22.34 3.31 19.82
N ILE A 335 21.59 4.37 20.10
CA ILE A 335 21.55 4.88 21.47
C ILE A 335 20.14 4.61 22.00
N MET A 336 20.08 3.91 23.13
CA MET A 336 18.82 3.40 23.65
C MET A 336 18.79 3.47 25.17
N ASP A 337 17.60 3.37 25.73
CA ASP A 337 17.44 3.44 27.17
C ASP A 337 16.30 2.53 27.61
N THR A 338 16.21 2.34 28.92
CA THR A 338 15.01 1.81 29.52
C THR A 338 13.84 2.68 29.04
N PRO A 339 12.69 2.07 28.73
CA PRO A 339 11.54 2.85 28.27
C PRO A 339 10.78 3.43 29.46
N LEU A 340 10.03 4.51 29.23
CA LEU A 340 9.25 5.14 30.29
C LEU A 340 8.36 4.11 30.98
N GLY A 341 8.41 4.11 32.30
CA GLY A 341 7.54 3.24 33.10
C GLY A 341 8.09 1.85 33.41
N SER A 342 9.20 1.47 32.77
CA SER A 342 9.80 0.16 33.04
C SER A 342 10.38 0.06 34.45
N VAL A 343 10.31 -1.13 35.03
CA VAL A 343 10.95 -1.41 36.33
C VAL A 343 12.47 -1.25 36.26
N ALA A 344 13.00 -1.41 35.05
CA ALA A 344 14.44 -1.39 34.80
C ALA A 344 15.04 0.02 34.78
N GLU A 345 16.26 0.13 35.29
CA GLU A 345 16.96 1.41 35.38
C GLU A 345 17.76 1.77 34.13
N ASP A 346 18.07 0.77 33.30
CA ASP A 346 18.81 1.03 32.06
C ASP A 346 18.36 0.09 30.92
N ALA A 347 18.94 0.27 29.73
CA ALA A 347 18.52 -0.50 28.54
C ALA A 347 18.73 -2.00 28.67
N MET A 348 19.90 -2.41 29.18
CA MET A 348 20.17 -3.82 29.38
C MET A 348 19.23 -4.42 30.43
N GLY A 349 18.96 -3.68 31.49
CA GLY A 349 18.00 -4.10 32.51
C GLY A 349 16.60 -4.32 31.95
N ALA A 350 16.20 -3.44 31.04
CA ALA A 350 14.89 -3.54 30.39
C ALA A 350 14.81 -4.84 29.57
N ILE A 351 15.87 -5.11 28.81
CA ILE A 351 15.91 -6.32 27.98
C ILE A 351 15.80 -7.56 28.87
N ALA A 352 16.57 -7.57 29.97
CA ALA A 352 16.53 -8.67 30.93
C ALA A 352 15.15 -8.80 31.58
N ALA A 353 14.46 -7.68 31.76
CA ALA A 353 13.12 -7.64 32.35
C ALA A 353 12.00 -8.01 31.36
N GLY A 354 12.37 -8.09 30.07
CA GLY A 354 11.42 -8.44 29.01
C GLY A 354 10.83 -7.25 28.27
N ASP A 355 11.23 -6.05 28.66
CA ASP A 355 10.70 -4.79 28.09
C ASP A 355 11.55 -4.36 26.91
N ILE A 356 10.91 -4.09 25.77
CA ILE A 356 11.60 -3.52 24.61
C ILE A 356 12.18 -2.17 25.02
N PRO A 357 13.49 -1.94 24.80
CA PRO A 357 14.07 -0.63 25.13
C PRO A 357 13.60 0.46 24.17
N GLY A 358 13.68 1.71 24.62
CA GLY A 358 13.39 2.87 23.78
C GLY A 358 14.63 3.26 22.99
N ILE A 359 14.49 3.37 21.68
CA ILE A 359 15.59 3.79 20.82
C ILE A 359 15.47 5.29 20.55
N SER A 360 16.53 6.03 20.85
CA SER A 360 16.52 7.47 20.58
C SER A 360 17.26 7.83 19.28
N VAL A 361 18.49 7.38 19.13
CA VAL A 361 19.29 7.69 17.95
C VAL A 361 19.81 6.41 17.30
N VAL A 362 19.78 6.37 15.96
CA VAL A 362 20.46 5.34 15.20
C VAL A 362 21.39 6.02 14.20
N LEU A 363 22.64 5.57 14.18
CA LEU A 363 23.61 5.98 13.17
C LEU A 363 23.94 4.82 12.23
N ILE A 364 24.05 5.12 10.94
CA ILE A 364 24.58 4.18 9.95
C ILE A 364 25.71 4.93 9.24
N ASP A 365 26.88 4.31 9.25
CA ASP A 365 28.10 4.95 8.76
C ASP A 365 28.29 6.34 9.40
N GLY A 366 27.96 6.43 10.69
CA GLY A 366 28.14 7.67 11.45
C GLY A 366 27.08 8.73 11.23
N GLU A 367 26.20 8.51 10.25
CA GLU A 367 25.13 9.47 9.93
C GLU A 367 23.86 9.12 10.67
N ALA A 368 23.26 10.14 11.32
CA ALA A 368 22.02 9.97 12.06
C ALA A 368 20.83 9.71 11.13
N VAL A 369 20.35 8.48 11.13
CA VAL A 369 19.22 8.11 10.28
C VAL A 369 17.92 8.03 11.08
N VAL A 370 18.04 7.95 12.40
CA VAL A 370 16.89 8.02 13.32
C VAL A 370 17.28 8.96 14.46
N THR A 371 16.39 9.90 14.80
CA THR A 371 16.63 10.80 15.94
C THR A 371 15.60 10.60 17.06
N LYS A 372 14.56 9.83 16.75
CA LYS A 372 13.62 9.29 17.72
C LYS A 372 12.88 8.14 17.05
N SER A 373 12.90 6.96 17.67
CA SER A 373 12.24 5.81 17.06
C SER A 373 10.74 6.06 16.98
N ARG A 374 10.16 5.76 15.82
CA ARG A 374 8.71 5.85 15.64
C ARG A 374 8.00 4.55 16.08
N ASN A 375 8.79 3.52 16.41
CA ASN A 375 8.24 2.20 16.72
C ASN A 375 8.42 1.70 18.16
N THR A 376 9.57 1.97 18.76
CA THR A 376 9.81 1.56 20.14
C THR A 376 9.03 2.46 21.10
N PRO A 377 8.78 1.98 22.34
CA PRO A 377 8.28 2.89 23.37
C PRO A 377 9.31 4.02 23.58
N PRO A 378 8.92 5.12 24.23
CA PRO A 378 9.87 6.23 24.41
C PRO A 378 10.99 5.92 25.40
N ALA A 379 12.23 6.20 25.00
CA ALA A 379 13.37 6.11 25.91
C ALA A 379 13.18 7.09 27.07
N LYS A 380 13.52 6.66 28.28
CA LYS A 380 13.46 7.53 29.46
C LYS A 380 14.40 8.73 29.26
N ARG A 381 15.63 8.44 28.85
CA ARG A 381 16.63 9.46 28.56
C ARG A 381 16.99 9.39 27.08
N ALA A 382 16.60 10.42 26.34
CA ALA A 382 16.83 10.45 24.89
C ALA A 382 18.16 11.14 24.55
N ALA A 383 18.89 10.55 23.61
CA ALA A 383 20.10 11.19 23.10
C ALA A 383 19.73 12.45 22.31
N LYS A 384 20.63 13.43 22.33
CA LYS A 384 20.42 14.69 21.65
C LYS A 384 21.65 15.06 20.82
N ILE A 385 21.41 15.33 19.54
CA ILE A 385 22.43 15.84 18.66
C ILE A 385 22.52 17.35 18.94
N LEU A 386 23.66 17.78 19.45
CA LEU A 386 23.85 19.17 19.90
C LEU A 386 24.19 20.11 18.74
N SER B 2 -30.51 -23.70 6.03
CA SER B 2 -29.11 -24.05 5.66
C SER B 2 -28.45 -24.90 6.74
N LYS B 3 -27.94 -26.06 6.34
CA LYS B 3 -27.36 -27.03 7.27
C LYS B 3 -25.98 -27.50 6.84
N THR B 4 -25.07 -27.55 7.80
CA THR B 4 -23.73 -28.08 7.60
C THR B 4 -23.42 -29.08 8.71
N ILE B 5 -22.83 -30.22 8.35
CA ILE B 5 -22.36 -31.19 9.34
C ILE B 5 -20.86 -31.40 9.17
N ILE B 6 -20.11 -31.21 10.26
CA ILE B 6 -18.69 -31.56 10.28
C ILE B 6 -18.58 -32.92 10.93
N LYS B 7 -18.04 -33.88 10.17
CA LYS B 7 -17.91 -35.27 10.62
C LYS B 7 -16.44 -35.66 10.78
N ASN B 8 -16.21 -36.79 11.46
CA ASN B 8 -14.89 -37.38 11.57
C ASN B 8 -13.90 -36.47 12.30
N ILE B 9 -14.38 -35.84 13.38
CA ILE B 9 -13.55 -34.96 14.18
C ILE B 9 -12.75 -35.77 15.20
N GLY B 10 -11.43 -35.60 15.18
CA GLY B 10 -10.53 -36.27 16.12
C GLY B 10 -10.57 -35.71 17.53
N LYS B 11 -10.75 -34.40 17.65
CA LYS B 11 -10.85 -33.73 18.97
C LYS B 11 -11.65 -32.45 18.86
N ILE B 12 -12.59 -32.26 19.79
CA ILE B 12 -13.35 -31.02 19.88
C ILE B 12 -12.93 -30.26 21.13
N VAL B 13 -12.40 -29.06 20.92
CA VAL B 13 -11.97 -28.19 22.02
C VAL B 13 -13.03 -27.11 22.10
N SER B 14 -13.70 -27.02 23.24
CA SER B 14 -14.94 -26.27 23.36
C SER B 14 -14.79 -24.74 23.48
N GLY B 15 -13.68 -24.28 24.05
CA GLY B 15 -13.51 -22.87 24.37
C GLY B 15 -14.09 -22.47 25.72
N ASP B 16 -14.76 -23.43 26.37
CA ASP B 16 -15.33 -23.25 27.71
C ASP B 16 -14.37 -23.83 28.74
N ILE B 17 -13.75 -22.95 29.54
CA ILE B 17 -12.74 -23.36 30.50
C ILE B 17 -13.24 -24.35 31.57
N LYS B 18 -14.54 -24.39 31.81
CA LYS B 18 -15.13 -25.35 32.76
C LYS B 18 -15.19 -26.76 32.16
N SER B 19 -15.26 -26.83 30.83
CA SER B 19 -15.23 -28.11 30.13
C SER B 19 -14.55 -28.01 28.76
N PRO B 20 -13.21 -27.98 28.76
CA PRO B 20 -12.41 -27.63 27.58
C PRO B 20 -12.48 -28.61 26.40
N VAL B 21 -12.86 -29.86 26.66
CA VAL B 21 -12.91 -30.89 25.62
C VAL B 21 -14.29 -31.55 25.59
N LEU B 22 -14.85 -31.69 24.38
CA LEU B 22 -16.13 -32.38 24.19
C LEU B 22 -15.90 -33.79 23.64
N GLN B 23 -16.47 -34.79 24.34
CA GLN B 23 -16.35 -36.19 23.93
C GLN B 23 -17.38 -36.50 22.85
N ALA B 24 -17.07 -36.06 21.64
CA ALA B 24 -17.94 -36.19 20.47
C ALA B 24 -17.07 -36.06 19.23
N ASP B 25 -17.61 -36.44 18.07
CA ASP B 25 -16.84 -36.39 16.82
C ASP B 25 -17.60 -35.79 15.64
N THR B 26 -18.78 -35.22 15.92
CA THR B 26 -19.67 -34.70 14.90
C THR B 26 -20.37 -33.43 15.41
N ILE B 27 -20.43 -32.41 14.56
CA ILE B 27 -21.11 -31.14 14.88
C ILE B 27 -22.08 -30.79 13.77
N VAL B 28 -23.31 -30.47 14.14
CA VAL B 28 -24.31 -30.00 13.17
C VAL B 28 -24.52 -28.50 13.34
N VAL B 29 -24.43 -27.79 12.22
CA VAL B 29 -24.65 -26.35 12.18
C VAL B 29 -25.94 -26.09 11.40
N GLU B 30 -26.84 -25.29 11.97
CA GLU B 30 -28.11 -24.95 11.33
C GLU B 30 -28.38 -23.47 11.40
N ASP B 31 -28.63 -22.86 10.24
CA ASP B 31 -28.93 -21.43 10.12
C ASP B 31 -27.91 -20.55 10.87
N GLY B 32 -26.63 -20.88 10.74
CA GLY B 32 -25.55 -20.05 11.28
C GLY B 32 -25.22 -20.31 12.73
N LEU B 33 -25.93 -21.26 13.34
CA LEU B 33 -25.74 -21.57 14.76
C LEU B 33 -25.37 -23.03 14.95
N ILE B 34 -24.66 -23.32 16.03
CA ILE B 34 -24.35 -24.69 16.40
C ILE B 34 -25.66 -25.33 16.88
N ALA B 35 -26.05 -26.43 16.27
CA ALA B 35 -27.35 -27.07 16.54
C ALA B 35 -27.23 -28.28 17.48
N ALA B 36 -26.22 -29.11 17.20
CA ALA B 36 -26.03 -30.36 17.93
C ALA B 36 -24.57 -30.78 17.86
N ILE B 37 -24.11 -31.44 18.92
CA ILE B 37 -22.79 -32.02 19.00
C ILE B 37 -22.98 -33.45 19.48
N GLY B 38 -22.39 -34.41 18.79
CA GLY B 38 -22.55 -35.81 19.15
C GLY B 38 -21.78 -36.74 18.25
N GLY B 39 -22.39 -37.86 17.89
CA GLY B 39 -21.73 -38.89 17.09
C GLY B 39 -22.34 -39.04 15.72
N GLU B 40 -22.01 -40.17 15.09
CA GLU B 40 -22.41 -40.45 13.71
C GLU B 40 -23.93 -40.46 13.53
N GLU B 41 -24.67 -40.67 14.62
CA GLU B 41 -26.13 -40.65 14.56
C GLU B 41 -26.64 -39.33 13.96
N LEU B 42 -25.88 -38.25 14.15
CA LEU B 42 -26.25 -36.93 13.64
C LEU B 42 -26.16 -36.82 12.12
N MET B 43 -25.54 -37.82 11.50
CA MET B 43 -25.43 -37.92 10.04
C MET B 43 -26.73 -38.46 9.40
N LYS B 44 -27.54 -39.15 10.19
CA LYS B 44 -28.79 -39.76 9.69
C LYS B 44 -29.73 -38.71 9.10
N ASP B 45 -30.23 -38.99 7.90
CA ASP B 45 -31.10 -38.06 7.15
C ASP B 45 -30.44 -36.69 6.95
N ALA B 46 -29.20 -36.71 6.43
CA ALA B 46 -28.44 -35.49 6.18
C ALA B 46 -29.06 -34.68 5.05
N GLY B 47 -29.58 -35.38 4.05
CA GLY B 47 -30.25 -34.76 2.92
C GLY B 47 -29.34 -33.84 2.12
N ASP B 48 -29.71 -32.57 2.08
CA ASP B 48 -29.05 -31.57 1.25
C ASP B 48 -27.90 -30.88 1.99
N ALA B 49 -27.59 -31.37 3.20
CA ALA B 49 -26.59 -30.74 4.06
C ALA B 49 -25.20 -30.70 3.44
N THR B 50 -24.48 -29.61 3.67
CA THR B 50 -23.07 -29.55 3.31
C THR B 50 -22.30 -30.41 4.30
N ILE B 51 -21.49 -31.34 3.79
CA ILE B 51 -20.71 -32.21 4.65
C ILE B 51 -19.23 -31.82 4.61
N ILE B 52 -18.64 -31.61 5.79
CA ILE B 52 -17.22 -31.30 5.90
C ILE B 52 -16.53 -32.45 6.64
N ASP B 53 -15.60 -33.10 5.98
CA ASP B 53 -14.84 -34.18 6.59
C ASP B 53 -13.62 -33.58 7.32
N ALA B 54 -13.66 -33.58 8.64
CA ALA B 54 -12.56 -33.00 9.42
C ALA B 54 -11.28 -33.86 9.36
N ALA B 55 -11.37 -35.01 8.69
CA ALA B 55 -10.23 -35.89 8.45
C ALA B 55 -9.46 -36.32 9.72
N GLY B 56 -10.15 -36.37 10.85
CA GLY B 56 -9.55 -36.82 12.11
C GLY B 56 -8.78 -35.73 12.83
N SER B 57 -8.91 -34.49 12.35
CA SER B 57 -8.22 -33.35 12.96
C SER B 57 -9.07 -32.67 14.05
N THR B 58 -8.70 -31.45 14.43
CA THR B 58 -9.26 -30.80 15.60
C THR B 58 -10.20 -29.65 15.25
N VAL B 59 -11.36 -29.59 15.92
CA VAL B 59 -12.22 -28.41 15.81
C VAL B 59 -12.14 -27.54 17.07
N THR B 60 -11.98 -26.24 16.87
CA THR B 60 -11.97 -25.26 17.97
C THR B 60 -12.92 -24.13 17.59
N PRO B 61 -13.28 -23.27 18.57
CA PRO B 61 -14.02 -22.07 18.18
C PRO B 61 -13.12 -21.17 17.35
N GLY B 62 -13.71 -20.28 16.55
CA GLY B 62 -12.94 -19.20 15.96
C GLY B 62 -12.32 -18.34 17.06
N LEU B 63 -11.12 -17.81 16.80
CA LEU B 63 -10.39 -17.06 17.80
C LEU B 63 -10.86 -15.60 17.86
N LEU B 64 -10.75 -15.01 19.05
CA LEU B 64 -10.93 -13.58 19.18
C LEU B 64 -9.58 -12.91 19.33
N ASP B 65 -9.46 -11.73 18.72
CA ASP B 65 -8.40 -10.80 19.08
C ASP B 65 -9.09 -9.65 19.81
N THR B 66 -8.86 -9.57 21.12
CA THR B 66 -9.52 -8.58 21.98
C THR B 66 -8.86 -7.20 21.97
N HIS B 67 -7.78 -7.05 21.20
CA HIS B 67 -7.02 -5.79 21.24
C HIS B 67 -6.51 -5.42 19.85
N VAL B 68 -7.42 -4.94 18.99
CA VAL B 68 -7.06 -4.52 17.64
C VAL B 68 -7.25 -3.02 17.51
N HIS B 69 -6.24 -2.36 16.94
CA HIS B 69 -6.34 -0.93 16.75
C HIS B 69 -6.78 -0.64 15.31
N VAL B 70 -8.08 -0.73 15.07
CA VAL B 70 -8.68 -0.52 13.75
C VAL B 70 -8.81 0.98 13.48
N SER B 71 -9.01 1.35 12.22
CA SER B 71 -9.21 2.76 11.87
C SER B 71 -10.11 2.95 10.63
N GLY B 72 -10.86 1.90 10.27
CA GLY B 72 -11.76 1.94 9.11
C GLY B 72 -11.29 1.00 8.03
N GLY B 73 -12.17 0.11 7.59
CA GLY B 73 -11.83 -0.88 6.56
C GLY B 73 -10.66 -1.76 6.99
N ASP B 74 -9.88 -2.20 6.00
CA ASP B 74 -8.83 -3.19 6.25
C ASP B 74 -7.42 -2.67 5.99
N TYR B 75 -7.26 -1.35 6.09
CA TYR B 75 -5.94 -0.72 5.97
C TYR B 75 -5.44 -0.28 7.35
N ALA B 76 -4.16 -0.56 7.62
CA ALA B 76 -3.53 -0.20 8.88
C ALA B 76 -2.46 0.86 8.65
N PRO B 77 -2.79 2.15 8.90
CA PRO B 77 -1.77 3.19 8.68
C PRO B 77 -0.54 3.12 9.60
N ARG B 78 -0.68 2.56 10.81
CA ARG B 78 0.46 2.46 11.74
C ARG B 78 1.67 1.73 11.12
N GLN B 79 1.40 0.74 10.28
CA GLN B 79 2.47 -0.01 9.62
C GLN B 79 2.26 -0.10 8.10
N LYS B 80 1.47 0.81 7.54
CA LYS B 80 1.22 0.85 6.10
C LYS B 80 0.93 -0.56 5.53
N THR B 81 -0.06 -1.22 6.12
CA THR B 81 -0.39 -2.59 5.76
C THR B 81 -1.81 -2.67 5.23
N MET B 82 -1.96 -3.27 4.06
CA MET B 82 -3.28 -3.47 3.45
C MET B 82 -3.76 -4.89 3.78
N ASP B 83 -5.09 -5.05 3.84
CA ASP B 83 -5.73 -6.37 4.03
C ASP B 83 -5.30 -7.12 5.28
N PHE B 84 -5.06 -6.40 6.38
CA PHE B 84 -4.56 -7.06 7.59
C PHE B 84 -5.62 -7.91 8.31
N ILE B 85 -6.89 -7.58 8.09
CA ILE B 85 -7.97 -8.31 8.74
C ILE B 85 -8.21 -9.67 8.08
N SER B 86 -8.23 -9.69 6.74
CA SER B 86 -8.30 -10.97 6.05
C SER B 86 -7.08 -11.82 6.38
N SER B 87 -5.92 -11.19 6.57
CA SER B 87 -4.72 -11.93 6.97
C SER B 87 -4.89 -12.58 8.35
N ALA B 88 -5.43 -11.82 9.31
CA ALA B 88 -5.75 -12.34 10.65
C ALA B 88 -6.76 -13.48 10.61
N LEU B 89 -7.72 -13.40 9.68
CA LEU B 89 -8.70 -14.49 9.50
C LEU B 89 -8.00 -15.81 9.15
N HIS B 90 -6.96 -15.72 8.32
CA HIS B 90 -6.19 -16.91 7.96
C HIS B 90 -5.33 -17.41 9.12
N GLY B 91 -5.24 -16.61 10.18
CA GLY B 91 -4.68 -17.05 11.47
C GLY B 91 -5.77 -17.48 12.46
N GLY B 92 -6.99 -17.61 11.95
CA GLY B 92 -8.11 -18.14 12.73
C GLY B 92 -8.98 -17.11 13.43
N VAL B 93 -8.68 -15.83 13.26
CA VAL B 93 -9.43 -14.76 13.95
C VAL B 93 -10.76 -14.48 13.24
N THR B 94 -11.87 -14.76 13.92
CA THR B 94 -13.20 -14.59 13.35
C THR B 94 -13.95 -13.42 13.99
N THR B 95 -13.49 -12.99 15.17
CA THR B 95 -14.01 -11.80 15.84
C THR B 95 -12.87 -10.92 16.34
N MET B 96 -13.00 -9.61 16.13
CA MET B 96 -12.06 -8.62 16.62
C MET B 96 -12.75 -7.60 17.51
N ILE B 97 -12.12 -7.29 18.64
CA ILE B 97 -12.56 -6.16 19.47
C ILE B 97 -11.61 -4.99 19.29
N SER B 98 -12.15 -3.82 18.91
CA SER B 98 -11.35 -2.61 18.87
C SER B 98 -10.93 -2.16 20.27
N ALA B 99 -9.65 -1.84 20.41
CA ALA B 99 -9.11 -1.26 21.63
C ALA B 99 -9.05 0.26 21.53
N GLY B 100 -9.73 0.80 20.53
CA GLY B 100 -9.69 2.22 20.23
C GLY B 100 -8.93 2.46 18.95
N SER B 101 -9.06 3.66 18.39
CA SER B 101 -8.40 3.98 17.13
C SER B 101 -7.43 5.15 17.25
N PRO B 102 -6.30 4.96 17.98
CA PRO B 102 -5.32 6.03 18.15
C PRO B 102 -4.60 6.39 16.87
N HIS B 103 -4.64 5.49 15.88
CA HIS B 103 -3.94 5.71 14.62
C HIS B 103 -4.82 6.37 13.56
N PHE B 104 -6.07 6.68 13.91
CA PHE B 104 -6.90 7.37 12.93
C PHE B 104 -6.20 8.69 12.60
N PRO B 105 -5.95 8.94 11.31
CA PRO B 105 -5.17 10.13 10.94
C PRO B 105 -5.90 11.40 11.36
N GLY B 106 -5.22 12.22 12.16
CA GLY B 106 -5.79 13.45 12.71
C GLY B 106 -6.91 13.20 13.68
N ARG B 107 -6.85 12.06 14.37
CA ARG B 107 -7.90 11.62 15.30
C ARG B 107 -8.52 12.78 16.05
N PRO B 108 -9.84 13.01 15.88
CA PRO B 108 -10.57 13.99 16.68
C PRO B 108 -10.48 13.68 18.18
N LYS B 109 -10.06 14.69 18.94
CA LYS B 109 -9.76 14.53 20.36
C LYS B 109 -10.66 15.35 21.29
N ASP B 110 -11.64 16.05 20.73
CA ASP B 110 -12.65 16.71 21.56
C ASP B 110 -13.78 15.73 21.85
N ALA B 111 -14.69 16.10 22.75
CA ALA B 111 -15.82 15.24 23.10
C ALA B 111 -16.67 14.87 21.89
N ALA B 112 -17.00 15.88 21.08
CA ALA B 112 -17.85 15.65 19.91
C ALA B 112 -17.14 14.85 18.82
N GLY B 113 -15.83 15.03 18.72
CA GLY B 113 -15.03 14.33 17.70
C GLY B 113 -14.76 12.88 18.04
N THR B 114 -14.38 12.61 19.29
CA THR B 114 -14.13 11.23 19.73
C THR B 114 -15.42 10.39 19.65
N LYS B 115 -16.55 11.03 19.95
CA LYS B 115 -17.87 10.43 19.79
C LYS B 115 -18.19 10.13 18.33
N ALA B 116 -17.99 11.12 17.46
CA ALA B 116 -18.30 10.98 16.04
C ALA B 116 -17.46 9.87 15.40
N LEU B 117 -16.19 9.80 15.77
CA LEU B 117 -15.31 8.74 15.26
C LEU B 117 -15.75 7.35 15.71
N ALA B 118 -16.05 7.20 16.99
CA ALA B 118 -16.52 5.90 17.50
C ALA B 118 -17.83 5.46 16.84
N ILE B 119 -18.76 6.39 16.65
CA ILE B 119 -20.02 6.07 15.97
C ILE B 119 -19.77 5.67 14.52
N THR B 120 -18.93 6.43 13.83
CA THR B 120 -18.57 6.15 12.45
C THR B 120 -18.01 4.73 12.31
N LEU B 121 -17.02 4.39 13.12
CA LEU B 121 -16.34 3.10 13.03
C LEU B 121 -17.23 1.93 13.45
N SER B 122 -18.02 2.12 14.51
CA SER B 122 -19.01 1.13 14.91
C SER B 122 -19.96 0.80 13.76
N LYS B 123 -20.58 1.82 13.17
CA LYS B 123 -21.51 1.62 12.04
C LYS B 123 -20.84 1.02 10.80
N SER B 124 -19.64 1.51 10.49
CA SER B 124 -18.98 1.10 9.25
C SER B 124 -18.59 -0.37 9.27
N TYR B 125 -18.03 -0.83 10.39
CA TYR B 125 -17.66 -2.25 10.54
C TYR B 125 -18.85 -3.20 10.61
N TYR B 126 -19.97 -2.73 11.17
CA TYR B 126 -21.19 -3.53 11.14
C TYR B 126 -21.83 -3.57 9.76
N ASN B 127 -21.58 -2.53 8.95
CA ASN B 127 -22.05 -2.47 7.57
C ASN B 127 -21.28 -3.38 6.64
N ALA B 128 -20.00 -3.56 6.92
CA ALA B 128 -19.10 -4.33 6.06
C ALA B 128 -18.06 -5.08 6.90
N ARG B 129 -18.29 -6.38 7.09
CA ARG B 129 -17.32 -7.26 7.75
C ARG B 129 -16.15 -7.51 6.81
N PRO B 130 -14.95 -6.97 7.13
CA PRO B 130 -13.85 -7.20 6.19
C PRO B 130 -13.48 -8.70 6.13
N ALA B 131 -13.55 -9.29 4.94
CA ALA B 131 -13.33 -10.73 4.73
C ALA B 131 -14.29 -11.62 5.50
N GLY B 132 -15.40 -11.04 5.96
CA GLY B 132 -16.38 -11.76 6.78
C GLY B 132 -16.10 -11.76 8.27
N VAL B 133 -14.99 -11.13 8.68
CA VAL B 133 -14.63 -11.07 10.11
C VAL B 133 -15.61 -10.18 10.89
N LYS B 134 -16.01 -10.64 12.07
CA LYS B 134 -16.89 -9.87 12.96
C LYS B 134 -16.07 -8.86 13.76
N VAL B 135 -16.06 -7.63 13.26
CA VAL B 135 -15.29 -6.56 13.87
C VAL B 135 -16.25 -5.68 14.65
N HIS B 136 -16.00 -5.56 15.94
CA HIS B 136 -16.70 -4.60 16.78
C HIS B 136 -15.80 -3.38 16.86
N GLY B 137 -16.03 -2.46 15.94
CA GLY B 137 -15.01 -1.50 15.55
C GLY B 137 -15.05 -0.13 16.19
N GLY B 138 -16.10 0.16 16.94
CA GLY B 138 -16.23 1.47 17.54
C GLY B 138 -15.97 1.43 19.03
N ALA B 139 -14.73 1.74 19.43
CA ALA B 139 -14.37 1.75 20.84
C ALA B 139 -13.96 3.17 21.21
N VAL B 140 -14.88 3.90 21.86
CA VAL B 140 -14.65 5.32 22.15
C VAL B 140 -13.42 5.56 23.04
N ILE B 141 -12.57 6.51 22.63
CA ILE B 141 -11.48 6.96 23.47
C ILE B 141 -11.98 8.13 24.32
N LEU B 142 -11.87 7.97 25.64
CA LEU B 142 -12.37 8.97 26.58
C LEU B 142 -11.57 10.27 26.48
N GLU B 143 -12.28 11.37 26.27
CA GLU B 143 -11.67 12.69 26.22
C GLU B 143 -12.42 13.63 27.16
N LYS B 144 -11.70 14.60 27.72
CA LYS B 144 -12.33 15.64 28.53
C LYS B 144 -13.50 16.24 27.77
N GLY B 145 -14.63 16.37 28.44
CA GLY B 145 -15.79 17.03 27.88
C GLY B 145 -16.97 16.11 27.61
N LEU B 146 -16.73 14.80 27.61
CA LEU B 146 -17.81 13.83 27.41
C LEU B 146 -18.75 13.87 28.60
N THR B 147 -20.04 13.72 28.30
CA THR B 147 -21.10 13.71 29.33
C THR B 147 -21.86 12.39 29.29
N GLU B 148 -22.73 12.15 30.27
CA GLU B 148 -23.56 10.95 30.27
C GLU B 148 -24.46 10.89 29.04
N GLU B 149 -24.98 12.05 28.64
CA GLU B 149 -25.83 12.14 27.44
C GLU B 149 -25.09 11.66 26.19
N ASP B 150 -23.78 11.89 26.13
CA ASP B 150 -22.96 11.39 25.02
C ASP B 150 -22.97 9.86 24.94
N PHE B 151 -22.87 9.21 26.10
CA PHE B 151 -22.90 7.74 26.17
C PHE B 151 -24.26 7.18 25.77
N ILE B 152 -25.32 7.89 26.16
CA ILE B 152 -26.69 7.57 25.73
C ILE B 152 -26.81 7.64 24.20
N GLU B 153 -26.28 8.71 23.61
CA GLU B 153 -26.29 8.91 22.16
C GLU B 153 -25.53 7.79 21.45
N MET B 154 -24.32 7.50 21.93
CA MET B 154 -23.48 6.45 21.34
C MET B 154 -24.14 5.09 21.42
N LYS B 155 -24.75 4.78 22.56
CA LYS B 155 -25.47 3.51 22.72
C LYS B 155 -26.62 3.38 21.71
N LYS B 156 -27.36 4.47 21.54
CA LYS B 156 -28.45 4.53 20.57
C LYS B 156 -27.93 4.22 19.16
N GLU B 157 -26.72 4.67 18.86
CA GLU B 157 -26.11 4.48 17.53
C GLU B 157 -25.28 3.21 17.39
N GLY B 158 -25.31 2.36 18.41
CA GLY B 158 -24.75 1.02 18.32
C GLY B 158 -23.38 0.80 18.93
N VAL B 159 -22.81 1.86 19.50
CA VAL B 159 -21.54 1.81 20.21
C VAL B 159 -21.74 1.21 21.60
N TRP B 160 -20.88 0.26 21.97
CA TRP B 160 -21.00 -0.41 23.28
C TRP B 160 -19.65 -0.70 23.92
N ILE B 161 -18.59 -0.13 23.34
CA ILE B 161 -17.24 -0.33 23.86
C ILE B 161 -16.53 0.99 24.13
N VAL B 162 -15.84 1.04 25.27
CA VAL B 162 -14.90 2.11 25.56
C VAL B 162 -13.48 1.56 25.37
N GLY B 163 -12.73 2.22 24.48
CA GLY B 163 -11.34 1.84 24.19
C GLY B 163 -10.40 2.18 25.33
N GLU B 164 -9.16 1.71 25.24
CA GLU B 164 -8.18 1.82 26.34
C GLU B 164 -8.27 3.18 27.00
N VAL B 165 -8.73 3.20 28.25
CA VAL B 165 -8.71 4.41 29.07
C VAL B 165 -7.25 4.84 29.24
N GLY B 166 -6.93 6.09 28.86
CA GLY B 166 -5.57 6.59 28.92
C GLY B 166 -4.99 6.94 27.55
N LEU B 167 -5.63 6.47 26.48
CA LEU B 167 -5.25 6.82 25.12
C LEU B 167 -5.51 8.29 24.79
N GLY B 168 -6.47 8.89 25.49
CA GLY B 168 -6.87 10.28 25.27
C GLY B 168 -6.54 11.17 26.46
N THR B 169 -7.20 12.33 26.51
CA THR B 169 -6.93 13.32 27.58
C THR B 169 -7.38 12.84 28.96
N ILE B 170 -8.32 11.91 29.00
CA ILE B 170 -8.72 11.27 30.25
C ILE B 170 -7.69 10.20 30.61
N LYS B 171 -7.00 10.41 31.73
CA LYS B 171 -5.84 9.59 32.09
C LYS B 171 -5.85 9.12 33.53
N ASN B 172 -6.00 10.05 34.48
CA ASN B 172 -5.96 9.69 35.89
C ASN B 172 -7.33 9.18 36.36
N PRO B 173 -7.34 8.22 37.32
CA PRO B 173 -8.58 7.58 37.79
C PRO B 173 -9.66 8.54 38.26
N GLU B 174 -9.27 9.69 38.82
CA GLU B 174 -10.23 10.69 39.31
C GLU B 174 -11.14 11.19 38.17
N ASP B 175 -10.53 11.41 37.00
CA ASP B 175 -11.26 11.86 35.82
C ASP B 175 -11.99 10.71 35.11
N ALA B 176 -11.40 9.52 35.18
CA ALA B 176 -11.89 8.36 34.43
C ALA B 176 -13.09 7.69 35.08
N ALA B 177 -13.04 7.50 36.40
CA ALA B 177 -14.06 6.77 37.13
C ALA B 177 -15.51 7.21 36.87
N PRO B 178 -15.79 8.53 36.86
CA PRO B 178 -17.16 8.95 36.57
C PRO B 178 -17.64 8.61 35.17
N MET B 179 -16.74 8.72 34.17
CA MET B 179 -17.08 8.40 32.79
C MET B 179 -17.30 6.90 32.60
N VAL B 180 -16.45 6.09 33.22
CA VAL B 180 -16.58 4.64 33.20
C VAL B 180 -17.91 4.23 33.86
N GLU B 181 -18.26 4.96 34.91
CA GLU B 181 -19.54 4.77 35.60
C GLU B 181 -20.73 4.97 34.65
N TRP B 182 -20.74 6.08 33.91
CA TRP B 182 -21.78 6.35 32.90
C TRP B 182 -21.81 5.27 31.81
N ALA B 183 -20.62 4.86 31.36
CA ALA B 183 -20.49 3.81 30.36
C ALA B 183 -21.20 2.55 30.84
N HIS B 184 -20.83 2.08 32.04
CA HIS B 184 -21.38 0.85 32.60
C HIS B 184 -22.89 0.91 32.82
N LYS B 185 -23.37 2.10 33.18
CA LYS B 185 -24.80 2.36 33.38
C LYS B 185 -25.57 2.17 32.07
N HIS B 186 -24.91 2.44 30.96
CA HIS B 186 -25.57 2.36 29.66
C HIS B 186 -25.09 1.18 28.78
N GLY B 187 -24.57 0.15 29.44
CA GLY B 187 -24.30 -1.13 28.78
C GLY B 187 -23.01 -1.23 27.99
N PHE B 188 -22.01 -0.44 28.37
CA PHE B 188 -20.70 -0.48 27.71
C PHE B 188 -19.75 -1.45 28.41
N LYS B 189 -18.88 -2.06 27.61
CA LYS B 189 -17.71 -2.77 28.12
C LYS B 189 -16.51 -1.84 28.05
N VAL B 190 -15.66 -1.87 29.09
CA VAL B 190 -14.61 -0.86 29.24
C VAL B 190 -13.21 -1.47 29.33
N GLN B 191 -12.30 -0.96 28.51
CA GLN B 191 -10.89 -1.34 28.52
C GLN B 191 -10.02 -0.27 29.16
N MET B 192 -8.90 -0.67 29.74
CA MET B 192 -7.98 0.27 30.37
C MET B 192 -6.51 -0.05 30.12
N HIS B 193 -5.80 0.90 29.51
CA HIS B 193 -4.36 0.79 29.26
C HIS B 193 -3.62 0.59 30.58
N THR B 194 -2.80 -0.47 30.64
CA THR B 194 -2.10 -0.86 31.85
C THR B 194 -0.64 -1.19 31.57
N GLY B 195 0.24 -0.28 32.00
CA GLY B 195 1.65 -0.42 31.76
C GLY B 195 2.29 0.94 31.54
N GLY B 196 3.49 0.92 30.97
CA GLY B 196 4.25 2.14 30.71
C GLY B 196 3.49 3.11 29.83
N THR B 197 3.63 4.39 30.14
CA THR B 197 2.96 5.47 29.39
C THR B 197 4.00 6.39 28.73
N SER B 198 3.50 7.39 28.00
CA SER B 198 4.39 8.34 27.31
C SER B 198 4.60 9.63 28.11
N ILE B 199 4.06 9.66 29.33
CA ILE B 199 4.18 10.82 30.22
C ILE B 199 5.27 10.57 31.27
N PRO B 200 6.37 11.34 31.19
CA PRO B 200 7.46 11.24 32.18
C PRO B 200 7.00 11.42 33.64
N GLY B 201 6.00 12.29 33.86
CA GLY B 201 5.43 12.52 35.19
C GLY B 201 4.80 11.28 35.81
N SER B 202 3.72 10.80 35.19
CA SER B 202 3.09 9.54 35.56
C SER B 202 3.40 8.48 34.50
N SER B 203 4.52 7.78 34.69
CA SER B 203 5.09 6.91 33.66
C SER B 203 4.47 5.51 33.61
N THR B 204 3.68 5.16 34.63
CA THR B 204 3.08 3.83 34.74
C THR B 204 1.66 3.86 35.31
N VAL B 205 0.98 2.71 35.22
CA VAL B 205 -0.37 2.54 35.75
C VAL B 205 -0.31 1.56 36.92
N THR B 206 -0.97 1.92 38.02
CA THR B 206 -0.93 1.11 39.25
C THR B 206 -2.22 0.32 39.43
N ALA B 207 -2.19 -0.65 40.34
CA ALA B 207 -3.38 -1.40 40.72
C ALA B 207 -4.44 -0.45 41.26
N ASP B 208 -4.01 0.51 42.08
CA ASP B 208 -4.90 1.53 42.64
C ASP B 208 -5.67 2.26 41.54
N ASP B 209 -4.96 2.62 40.46
CA ASP B 209 -5.58 3.24 39.28
C ASP B 209 -6.67 2.34 38.70
N VAL B 210 -6.34 1.06 38.53
CA VAL B 210 -7.28 0.08 37.98
C VAL B 210 -8.46 -0.16 38.92
N ILE B 211 -8.16 -0.34 40.21
CA ILE B 211 -9.18 -0.55 41.25
C ILE B 211 -10.18 0.62 41.31
N LYS B 212 -9.67 1.85 41.22
CA LYS B 212 -10.51 3.04 41.26
C LYS B 212 -11.32 3.24 39.98
N THR B 213 -10.71 2.93 38.83
CA THR B 213 -11.36 3.18 37.54
C THR B 213 -12.47 2.17 37.25
N LYS B 214 -12.21 0.90 37.58
CA LYS B 214 -13.16 -0.22 37.42
C LYS B 214 -13.48 -0.60 35.97
N PRO B 215 -12.45 -0.84 35.15
CA PRO B 215 -12.71 -1.33 33.80
C PRO B 215 -13.13 -2.80 33.85
N ASP B 216 -13.69 -3.30 32.75
CA ASP B 216 -14.00 -4.72 32.65
C ASP B 216 -12.75 -5.51 32.28
N VAL B 217 -11.88 -4.87 31.50
CA VAL B 217 -10.66 -5.49 30.99
C VAL B 217 -9.45 -4.63 31.36
N VAL B 218 -8.48 -5.26 32.00
CA VAL B 218 -7.16 -4.70 32.20
C VAL B 218 -6.34 -5.00 30.94
N SER B 219 -6.27 -4.02 30.05
CA SER B 219 -5.64 -4.20 28.74
C SER B 219 -4.13 -4.36 28.84
N HIS B 220 -3.59 -5.23 27.99
CA HIS B 220 -2.15 -5.56 28.02
C HIS B 220 -1.53 -5.58 29.42
N ILE B 221 -2.03 -6.51 30.25
CA ILE B 221 -1.46 -6.69 31.59
C ILE B 221 0.04 -7.01 31.53
N ASN B 222 0.49 -7.62 30.42
CA ASN B 222 1.91 -7.89 30.24
C ASN B 222 2.67 -6.75 29.52
N GLY B 223 2.02 -5.61 29.38
CA GLY B 223 2.65 -4.42 28.78
C GLY B 223 2.28 -4.19 27.33
N GLY B 224 2.24 -2.92 26.94
CA GLY B 224 1.92 -2.54 25.55
C GLY B 224 2.90 -1.55 24.91
N PRO B 225 4.20 -1.92 24.80
CA PRO B 225 4.82 -3.16 25.23
C PRO B 225 5.42 -3.18 26.65
N THR B 226 5.48 -2.02 27.31
CA THR B 226 6.16 -1.89 28.60
C THR B 226 5.29 -2.34 29.77
N ALA B 227 5.76 -3.32 30.55
CA ALA B 227 4.93 -3.92 31.58
C ALA B 227 4.96 -3.17 32.91
N ILE B 228 3.85 -3.28 33.64
CA ILE B 228 3.81 -2.94 35.07
C ILE B 228 4.65 -3.95 35.83
N SER B 229 4.94 -3.66 37.10
CA SER B 229 5.74 -4.56 37.94
C SER B 229 4.93 -5.79 38.37
N VAL B 230 5.63 -6.84 38.80
CA VAL B 230 4.97 -8.04 39.32
C VAL B 230 4.12 -7.74 40.56
N GLN B 231 4.57 -6.76 41.36
CA GLN B 231 3.85 -6.30 42.55
C GLN B 231 2.47 -5.77 42.18
N GLU B 232 2.39 -5.00 41.10
CA GLU B 232 1.11 -4.48 40.63
C GLU B 232 0.24 -5.56 39.98
N VAL B 233 0.87 -6.49 39.25
CA VAL B 233 0.15 -7.64 38.70
C VAL B 233 -0.56 -8.41 39.81
N ASP B 234 0.17 -8.69 40.90
CA ASP B 234 -0.39 -9.43 42.03
C ASP B 234 -1.68 -8.79 42.56
N ARG B 235 -1.64 -7.47 42.75
CA ARG B 235 -2.79 -6.73 43.27
C ARG B 235 -3.98 -6.72 42.32
N ILE B 236 -3.73 -6.63 41.02
CA ILE B 236 -4.80 -6.69 40.03
C ILE B 236 -5.47 -8.08 40.02
N MET B 237 -4.64 -9.12 40.11
CA MET B 237 -5.13 -10.49 40.13
C MET B 237 -5.91 -10.80 41.42
N ASP B 238 -5.43 -10.25 42.54
CA ASP B 238 -5.95 -10.59 43.87
C ASP B 238 -7.08 -9.69 44.38
N GLU B 239 -7.07 -8.42 44.00
CA GLU B 239 -8.01 -7.45 44.52
C GLU B 239 -9.16 -7.09 43.57
N THR B 240 -9.12 -7.61 42.34
CA THR B 240 -10.20 -7.39 41.37
C THR B 240 -10.59 -8.70 40.70
N ASP B 241 -11.76 -8.72 40.07
CA ASP B 241 -12.15 -9.81 39.17
C ASP B 241 -12.11 -9.41 37.69
N PHE B 242 -11.38 -8.34 37.37
CA PHE B 242 -11.37 -7.82 36.01
C PHE B 242 -10.62 -8.79 35.10
N ALA B 243 -10.98 -8.81 33.81
CA ALA B 243 -10.26 -9.65 32.85
C ALA B 243 -8.80 -9.19 32.76
N MET B 244 -7.90 -10.13 32.55
CA MET B 244 -6.47 -9.85 32.47
C MET B 244 -6.01 -10.21 31.07
N GLU B 245 -5.81 -9.19 30.23
CA GLU B 245 -5.52 -9.39 28.84
C GLU B 245 -4.02 -9.53 28.58
N ILE B 246 -3.62 -10.69 28.06
CA ILE B 246 -2.24 -10.90 27.65
C ILE B 246 -2.17 -10.57 26.17
N VAL B 247 -1.27 -9.68 25.77
CA VAL B 247 -1.15 -9.32 24.36
C VAL B 247 0.13 -9.87 23.73
N GLN B 248 0.08 -10.09 22.42
CA GLN B 248 1.23 -10.60 21.69
C GLN B 248 2.36 -9.57 21.67
N CYS B 249 2.00 -8.30 21.51
CA CYS B 249 2.99 -7.23 21.44
C CYS B 249 3.28 -6.67 22.83
N GLY B 250 3.67 -7.56 23.73
CA GLY B 250 4.00 -7.20 25.11
C GLY B 250 5.12 -8.04 25.66
N ASN B 251 5.31 -7.94 26.98
CA ASN B 251 6.46 -8.50 27.67
C ASN B 251 6.25 -9.99 27.93
N PRO B 252 7.14 -10.86 27.40
CA PRO B 252 6.94 -12.32 27.54
C PRO B 252 7.20 -12.85 28.95
N LYS B 253 8.09 -12.18 29.70
CA LYS B 253 8.41 -12.59 31.07
C LYS B 253 7.18 -12.37 31.96
N ILE B 254 6.55 -11.21 31.81
CA ILE B 254 5.33 -10.91 32.56
C ILE B 254 4.12 -11.72 32.08
N ALA B 255 4.06 -12.02 30.78
CA ALA B 255 3.01 -12.91 30.27
C ALA B 255 3.09 -14.26 30.99
N ASP B 256 4.31 -14.78 31.10
CA ASP B 256 4.57 -16.07 31.76
C ASP B 256 4.20 -16.00 33.23
N TYR B 257 4.65 -14.94 33.90
CA TYR B 257 4.32 -14.70 35.31
C TYR B 257 2.80 -14.66 35.53
N VAL B 258 2.09 -13.91 34.69
CA VAL B 258 0.63 -13.79 34.80
C VAL B 258 -0.05 -15.16 34.62
N ALA B 259 0.40 -15.91 33.63
CA ALA B 259 -0.18 -17.22 33.30
C ALA B 259 0.05 -18.21 34.43
N ARG B 260 1.30 -18.29 34.90
CA ARG B 260 1.67 -19.20 35.98
C ARG B 260 0.98 -18.87 37.31
N ARG B 261 0.93 -17.59 37.66
CA ARG B 261 0.26 -17.17 38.90
C ARG B 261 -1.25 -17.37 38.85
N ALA B 262 -1.88 -17.03 37.72
CA ALA B 262 -3.31 -17.28 37.52
C ALA B 262 -3.67 -18.76 37.67
N ALA B 263 -2.82 -19.64 37.17
CA ALA B 263 -2.98 -21.08 37.36
C ALA B 263 -2.94 -21.45 38.85
N GLU B 264 -1.94 -20.91 39.56
CA GLU B 264 -1.79 -21.12 41.00
C GLU B 264 -2.99 -20.61 41.78
N LYS B 265 -3.52 -19.46 41.38
CA LYS B 265 -4.63 -18.78 42.09
C LYS B 265 -6.03 -19.13 41.59
N GLY B 266 -6.12 -20.01 40.59
CA GLY B 266 -7.43 -20.39 40.04
C GLY B 266 -8.10 -19.29 39.22
N GLN B 267 -7.28 -18.45 38.58
CA GLN B 267 -7.79 -17.26 37.89
C GLN B 267 -7.68 -17.32 36.34
N LEU B 268 -7.44 -18.52 35.80
CA LEU B 268 -7.21 -18.69 34.35
C LEU B 268 -8.41 -18.29 33.49
N GLY B 269 -9.61 -18.34 34.06
CA GLY B 269 -10.85 -17.97 33.36
C GLY B 269 -10.90 -16.49 33.02
N ARG B 270 -10.10 -15.70 33.73
CA ARG B 270 -10.03 -14.26 33.52
C ARG B 270 -9.00 -13.84 32.47
N VAL B 271 -8.18 -14.79 32.04
CA VAL B 271 -7.09 -14.48 31.09
C VAL B 271 -7.67 -14.49 29.68
N ILE B 272 -7.45 -13.39 28.95
CA ILE B 272 -7.94 -13.26 27.57
C ILE B 272 -6.80 -12.80 26.63
N PHE B 273 -6.87 -13.14 25.35
CA PHE B 273 -5.76 -12.84 24.40
C PHE B 273 -6.10 -11.75 23.40
N GLY B 274 -5.16 -10.81 23.23
CA GLY B 274 -5.21 -9.83 22.14
C GLY B 274 -3.84 -9.70 21.50
N ASN B 275 -3.74 -8.95 20.41
CA ASN B 275 -2.45 -8.66 19.78
C ASN B 275 -1.81 -7.36 20.25
N ASP B 276 -2.63 -6.34 20.50
CA ASP B 276 -2.18 -4.93 20.56
C ASP B 276 -1.39 -4.60 19.30
N ALA B 277 -2.09 -4.74 18.17
CA ALA B 277 -1.56 -4.43 16.86
C ALA B 277 -2.76 -4.03 16.01
N PRO B 278 -2.57 -3.20 14.96
CA PRO B 278 -1.32 -2.55 14.52
C PRO B 278 -0.71 -1.72 15.62
N SER B 279 0.62 -1.77 15.71
CA SER B 279 1.37 -1.05 16.73
C SER B 279 2.81 -0.88 16.28
N GLY B 280 3.61 -0.25 17.13
CA GLY B 280 5.04 -0.08 16.84
C GLY B 280 5.72 -1.42 16.62
N THR B 281 5.26 -2.45 17.34
CA THR B 281 5.84 -3.79 17.22
C THR B 281 5.68 -4.38 15.82
N GLY B 282 4.50 -4.17 15.24
CA GLY B 282 4.23 -4.62 13.89
C GLY B 282 2.78 -5.01 13.69
N LEU B 283 2.58 -6.01 12.84
CA LEU B 283 1.26 -6.57 12.57
C LEU B 283 1.48 -8.07 12.39
N ILE B 284 0.75 -8.86 13.19
CA ILE B 284 1.04 -10.28 13.34
C ILE B 284 -0.26 -11.07 13.19
N PRO B 285 -0.64 -11.43 11.95
CA PRO B 285 -1.88 -12.18 11.75
C PRO B 285 -1.92 -13.54 12.48
N LEU B 286 -0.76 -14.13 12.75
CA LEU B 286 -0.72 -15.35 13.57
C LEU B 286 -0.52 -15.07 15.06
N GLY B 287 -0.78 -13.83 15.47
CA GLY B 287 -0.53 -13.38 16.84
C GLY B 287 -1.28 -14.14 17.93
N ILE B 288 -2.57 -14.37 17.71
CA ILE B 288 -3.36 -15.08 18.73
C ILE B 288 -2.91 -16.54 18.86
N LEU B 289 -2.67 -17.20 17.73
CA LEU B 289 -2.07 -18.54 17.75
C LEU B 289 -0.73 -18.55 18.48
N ARG B 290 0.10 -17.54 18.22
CA ARG B 290 1.40 -17.43 18.90
C ARG B 290 1.24 -17.27 20.41
N ASN B 291 0.26 -16.48 20.83
CA ASN B 291 -0.07 -16.35 22.25
C ASN B 291 -0.37 -17.71 22.87
N MET B 292 -1.19 -18.49 22.18
CA MET B 292 -1.58 -19.82 22.66
C MET B 292 -0.37 -20.74 22.78
N CYS B 293 0.46 -20.75 21.74
CA CYS B 293 1.65 -21.58 21.71
C CYS B 293 2.63 -21.17 22.78
N GLN B 294 2.82 -19.87 22.95
CA GLN B 294 3.73 -19.32 23.93
C GLN B 294 3.29 -19.68 25.35
N ILE B 295 2.02 -19.48 25.66
CA ILE B 295 1.52 -19.73 27.00
C ILE B 295 1.51 -21.25 27.30
N ALA B 296 1.08 -22.05 26.33
CA ALA B 296 1.07 -23.50 26.51
C ALA B 296 2.48 -24.09 26.63
N SER B 297 3.39 -23.67 25.77
CA SER B 297 4.71 -24.29 25.71
C SER B 297 5.72 -23.75 26.72
N MET B 298 5.52 -22.52 27.19
CA MET B 298 6.48 -21.88 28.09
C MET B 298 5.97 -21.72 29.52
N SER B 299 4.65 -21.67 29.68
CA SER B 299 4.03 -21.41 30.97
C SER B 299 3.31 -22.63 31.56
N ASP B 300 3.44 -23.78 30.88
CA ASP B 300 2.89 -25.06 31.35
C ASP B 300 1.35 -25.05 31.45
N ILE B 301 0.71 -24.27 30.59
CA ILE B 301 -0.76 -24.23 30.55
C ILE B 301 -1.20 -25.26 29.53
N ASP B 302 -2.26 -26.04 29.83
CA ASP B 302 -2.78 -27.04 28.89
C ASP B 302 -3.18 -26.33 27.59
N PRO B 303 -2.87 -26.92 26.42
CA PRO B 303 -3.24 -26.26 25.15
C PRO B 303 -4.74 -25.97 25.04
N GLU B 304 -5.57 -26.87 25.58
CA GLU B 304 -7.04 -26.71 25.54
C GLU B 304 -7.49 -25.50 26.35
N VAL B 305 -6.77 -25.22 27.43
CA VAL B 305 -7.03 -24.04 28.24
C VAL B 305 -6.54 -22.78 27.53
N ALA B 306 -5.39 -22.89 26.86
CA ALA B 306 -4.92 -21.78 26.01
C ALA B 306 -5.95 -21.42 24.92
N VAL B 307 -6.64 -22.41 24.37
CA VAL B 307 -7.74 -22.17 23.44
C VAL B 307 -8.85 -21.34 24.11
N CYS B 308 -9.21 -21.70 25.35
CA CYS B 308 -10.23 -20.95 26.11
C CYS B 308 -9.86 -19.47 26.26
N MET B 309 -8.58 -19.22 26.51
CA MET B 309 -8.06 -17.85 26.65
C MET B 309 -8.23 -17.00 25.38
N ALA B 310 -8.27 -17.68 24.23
CA ALA B 310 -8.39 -17.01 22.94
C ALA B 310 -9.83 -16.97 22.43
N THR B 311 -10.74 -17.67 23.14
CA THR B 311 -12.11 -17.86 22.65
C THR B 311 -13.16 -17.56 23.72
N GLY B 312 -13.55 -18.58 24.49
CA GLY B 312 -14.66 -18.46 25.45
C GLY B 312 -14.42 -17.49 26.60
N ASN B 313 -13.18 -17.40 27.09
CA ASN B 313 -12.86 -16.43 28.14
C ASN B 313 -13.14 -15.02 27.65
N SER B 314 -12.81 -14.76 26.38
CA SER B 314 -12.98 -13.45 25.77
C SER B 314 -14.44 -13.08 25.50
N THR B 315 -15.21 -14.02 24.95
CA THR B 315 -16.62 -13.75 24.64
C THR B 315 -17.48 -13.64 25.89
N ALA B 316 -17.06 -14.31 26.96
CA ALA B 316 -17.73 -14.20 28.27
C ALA B 316 -17.62 -12.78 28.81
N VAL B 317 -16.41 -12.23 28.76
CA VAL B 317 -16.14 -10.85 29.18
C VAL B 317 -16.95 -9.85 28.35
N TYR B 318 -17.00 -10.06 27.05
CA TYR B 318 -17.72 -9.15 26.16
C TYR B 318 -19.20 -9.45 25.96
N GLY B 319 -19.65 -10.58 26.52
CA GLY B 319 -21.06 -10.98 26.43
C GLY B 319 -21.53 -11.27 25.01
N LEU B 320 -20.66 -11.88 24.23
CA LEU B 320 -20.96 -12.24 22.85
C LEU B 320 -21.42 -13.70 22.77
N ASN B 321 -22.39 -13.97 21.89
CA ASN B 321 -22.93 -15.31 21.69
C ASN B 321 -22.07 -16.18 20.77
N THR B 322 -20.76 -16.23 21.04
CA THR B 322 -19.83 -17.01 20.23
C THR B 322 -18.64 -17.43 21.08
N GLY B 323 -17.60 -17.98 20.46
CA GLY B 323 -16.38 -18.35 21.18
C GLY B 323 -16.46 -19.66 21.94
N VAL B 324 -17.63 -20.32 21.88
CA VAL B 324 -17.86 -21.60 22.56
C VAL B 324 -18.58 -22.56 21.64
N ILE B 325 -18.12 -23.81 21.59
CA ILE B 325 -18.84 -24.84 20.85
C ILE B 325 -19.91 -25.44 21.76
N ALA B 326 -21.12 -24.94 21.58
CA ALA B 326 -22.29 -25.35 22.37
C ALA B 326 -23.52 -25.02 21.57
N PRO B 327 -24.59 -25.84 21.70
CA PRO B 327 -25.82 -25.53 20.95
C PRO B 327 -26.31 -24.11 21.19
N GLY B 328 -26.72 -23.44 20.11
CA GLY B 328 -27.26 -22.09 20.19
C GLY B 328 -26.22 -20.99 20.00
N LYS B 329 -24.94 -21.34 20.14
CA LYS B 329 -23.85 -20.39 19.90
C LYS B 329 -23.61 -20.20 18.41
N GLU B 330 -23.06 -19.05 18.03
CA GLU B 330 -22.78 -18.76 16.63
C GLU B 330 -21.74 -19.75 16.10
N ALA B 331 -21.93 -20.20 14.87
CA ALA B 331 -21.11 -21.27 14.32
C ALA B 331 -19.84 -20.72 13.70
N ASP B 332 -19.00 -20.17 14.58
CA ASP B 332 -17.68 -19.67 14.22
C ASP B 332 -16.68 -20.74 14.64
N LEU B 333 -16.08 -21.41 13.66
CA LEU B 333 -15.31 -22.62 13.92
C LEU B 333 -14.04 -22.71 13.10
N ILE B 334 -13.03 -23.35 13.67
CA ILE B 334 -11.78 -23.63 12.98
C ILE B 334 -11.55 -25.14 12.96
N ILE B 335 -11.10 -25.65 11.81
CA ILE B 335 -10.60 -27.02 11.76
C ILE B 335 -9.10 -26.92 11.50
N MET B 336 -8.31 -27.52 12.40
CA MET B 336 -6.86 -27.36 12.40
C MET B 336 -6.21 -28.68 12.76
N ASP B 337 -4.91 -28.78 12.50
CA ASP B 337 -4.16 -29.99 12.82
C ASP B 337 -2.72 -29.65 13.18
N THR B 338 -1.99 -30.66 13.66
CA THR B 338 -0.55 -30.55 13.74
C THR B 338 0.00 -30.18 12.35
N PRO B 339 0.99 -29.28 12.30
CA PRO B 339 1.56 -28.90 11.01
C PRO B 339 2.55 -29.95 10.51
N LEU B 340 2.72 -30.02 9.20
CA LEU B 340 3.70 -30.95 8.61
C LEU B 340 5.06 -30.81 9.29
N GLY B 341 5.62 -31.95 9.68
CA GLY B 341 6.96 -31.95 10.27
C GLY B 341 7.03 -31.75 11.77
N SER B 342 5.92 -31.36 12.40
CA SER B 342 5.91 -31.16 13.85
C SER B 342 6.10 -32.49 14.57
N VAL B 343 6.77 -32.44 15.71
CA VAL B 343 6.90 -33.63 16.56
C VAL B 343 5.54 -34.07 17.13
N ALA B 344 4.59 -33.13 17.16
CA ALA B 344 3.26 -33.39 17.74
C ALA B 344 2.33 -34.17 16.80
N GLU B 345 1.47 -34.99 17.40
CA GLU B 345 0.56 -35.86 16.66
C GLU B 345 -0.78 -35.20 16.34
N ASP B 346 -1.13 -34.14 17.08
CA ASP B 346 -2.38 -33.42 16.83
C ASP B 346 -2.25 -31.92 17.12
N ALA B 347 -3.31 -31.16 16.79
CA ALA B 347 -3.28 -29.69 16.94
C ALA B 347 -2.92 -29.22 18.35
N MET B 348 -3.54 -29.81 19.37
CA MET B 348 -3.27 -29.41 20.75
C MET B 348 -1.83 -29.74 21.14
N GLY B 349 -1.36 -30.90 20.70
CA GLY B 349 0.02 -31.31 20.91
C GLY B 349 1.00 -30.30 20.32
N ALA B 350 0.66 -29.79 19.13
CA ALA B 350 1.49 -28.78 18.44
C ALA B 350 1.59 -27.49 19.24
N ILE B 351 0.44 -27.02 19.73
CA ILE B 351 0.37 -25.81 20.58
C ILE B 351 1.27 -25.99 21.80
N ALA B 352 1.11 -27.12 22.49
CA ALA B 352 1.93 -27.44 23.67
C ALA B 352 3.43 -27.51 23.34
N ALA B 353 3.76 -27.94 22.13
CA ALA B 353 5.15 -28.11 21.69
C ALA B 353 5.76 -26.80 21.19
N GLY B 354 4.91 -25.77 21.07
CA GLY B 354 5.32 -24.45 20.62
C GLY B 354 5.17 -24.20 19.13
N ASP B 355 4.63 -25.20 18.41
CA ASP B 355 4.44 -25.12 16.95
C ASP B 355 3.06 -24.56 16.61
N ILE B 356 3.02 -23.50 15.80
CA ILE B 356 1.75 -23.00 15.26
C ILE B 356 1.03 -24.12 14.48
N PRO B 357 -0.23 -24.41 14.83
CA PRO B 357 -0.98 -25.44 14.10
C PRO B 357 -1.32 -25.02 12.67
N GLY B 358 -1.54 -25.99 11.79
CA GLY B 358 -2.02 -25.71 10.44
C GLY B 358 -3.53 -25.59 10.43
N ILE B 359 -4.04 -24.48 9.92
CA ILE B 359 -5.49 -24.28 9.80
C ILE B 359 -5.96 -24.69 8.41
N SER B 360 -6.94 -25.59 8.34
CA SER B 360 -7.50 -25.98 7.05
C SER B 360 -8.77 -25.21 6.70
N VAL B 361 -9.76 -25.26 7.58
CA VAL B 361 -11.05 -24.63 7.32
C VAL B 361 -11.41 -23.65 8.45
N VAL B 362 -11.99 -22.52 8.07
CA VAL B 362 -12.60 -21.59 9.01
C VAL B 362 -14.03 -21.29 8.57
N LEU B 363 -14.95 -21.45 9.51
CA LEU B 363 -16.35 -21.08 9.31
C LEU B 363 -16.70 -19.85 10.14
N ILE B 364 -17.46 -18.93 9.56
CA ILE B 364 -18.09 -17.84 10.29
C ILE B 364 -19.59 -17.87 9.97
N ASP B 365 -20.40 -17.93 11.04
CA ASP B 365 -21.86 -18.16 10.92
C ASP B 365 -22.12 -19.35 9.99
N GLY B 366 -21.31 -20.38 10.15
CA GLY B 366 -21.47 -21.62 9.38
C GLY B 366 -21.00 -21.59 7.94
N GLU B 367 -20.55 -20.45 7.43
CA GLU B 367 -20.12 -20.35 6.04
C GLU B 367 -18.61 -20.48 5.94
N ALA B 368 -18.11 -21.24 4.97
CA ALA B 368 -16.66 -21.43 4.84
C ALA B 368 -15.99 -20.19 4.27
N VAL B 369 -15.22 -19.51 5.10
CA VAL B 369 -14.53 -18.30 4.67
C VAL B 369 -13.04 -18.57 4.36
N VAL B 370 -12.55 -19.71 4.84
CA VAL B 370 -11.20 -20.20 4.55
C VAL B 370 -11.30 -21.69 4.30
N THR B 371 -10.69 -22.17 3.21
CA THR B 371 -10.61 -23.61 2.94
C THR B 371 -9.17 -24.13 2.96
N LYS B 372 -8.21 -23.21 3.04
CA LYS B 372 -6.81 -23.51 3.38
C LYS B 372 -6.18 -22.20 3.83
N SER B 373 -5.59 -22.18 5.03
CA SER B 373 -4.93 -20.97 5.48
C SER B 373 -3.77 -20.60 4.57
N ARG B 374 -3.72 -19.33 4.17
CA ARG B 374 -2.59 -18.80 3.40
C ARG B 374 -1.43 -18.39 4.31
N ASN B 375 -1.64 -18.40 5.62
CA ASN B 375 -0.64 -17.92 6.59
C ASN B 375 -0.03 -18.97 7.50
N THR B 376 -0.82 -19.94 7.95
CA THR B 376 -0.27 -20.98 8.83
C THR B 376 0.54 -21.99 8.01
N PRO B 377 1.46 -22.72 8.68
CA PRO B 377 2.05 -23.89 8.03
C PRO B 377 0.93 -24.86 7.60
N PRO B 378 1.23 -25.80 6.69
CA PRO B 378 0.16 -26.69 6.24
C PRO B 378 -0.25 -27.74 7.28
N ALA B 379 -1.55 -27.86 7.52
CA ALA B 379 -2.12 -28.94 8.34
C ALA B 379 -1.71 -30.29 7.78
N LYS B 380 -1.33 -31.24 8.64
CA LYS B 380 -1.02 -32.60 8.19
C LYS B 380 -2.24 -33.26 7.56
N ARG B 381 -3.38 -33.14 8.25
CA ARG B 381 -4.65 -33.62 7.74
C ARG B 381 -5.56 -32.43 7.54
N ALA B 382 -5.89 -32.16 6.27
CA ALA B 382 -6.74 -31.03 5.92
C ALA B 382 -8.19 -31.46 5.85
N ALA B 383 -9.06 -30.65 6.43
CA ALA B 383 -10.50 -30.86 6.30
C ALA B 383 -10.90 -30.64 4.85
N LYS B 384 -11.89 -31.40 4.39
CA LYS B 384 -12.43 -31.23 3.04
C LYS B 384 -13.94 -31.04 3.04
N ILE B 385 -14.38 -30.03 2.29
CA ILE B 385 -15.80 -29.83 2.07
C ILE B 385 -16.19 -30.71 0.88
N LEU B 386 -17.04 -31.71 1.14
CA LEU B 386 -17.41 -32.70 0.14
C LEU B 386 -18.41 -32.14 -0.87
N SER C 2 -12.75 -26.86 -25.79
CA SER C 2 -13.67 -25.88 -25.13
C SER C 2 -14.17 -24.82 -26.11
N LYS C 3 -15.44 -24.48 -25.99
CA LYS C 3 -16.10 -23.63 -26.95
C LYS C 3 -16.97 -22.58 -26.27
N THR C 4 -16.91 -21.36 -26.80
CA THR C 4 -17.73 -20.25 -26.36
C THR C 4 -18.31 -19.54 -27.57
N ILE C 5 -19.60 -19.20 -27.52
CA ILE C 5 -20.21 -18.40 -28.58
C ILE C 5 -20.78 -17.10 -28.01
N ILE C 6 -20.42 -15.98 -28.60
CA ILE C 6 -21.02 -14.70 -28.27
C ILE C 6 -22.08 -14.41 -29.34
N LYS C 7 -23.32 -14.26 -28.89
CA LYS C 7 -24.46 -14.04 -29.78
C LYS C 7 -25.09 -12.67 -29.54
N ASN C 8 -25.98 -12.27 -30.46
CA ASN C 8 -26.74 -11.01 -30.38
C ASN C 8 -25.85 -9.76 -30.32
N ILE C 9 -24.76 -9.78 -31.07
CA ILE C 9 -23.84 -8.64 -31.10
C ILE C 9 -24.36 -7.54 -32.03
N GLY C 10 -24.56 -6.35 -31.47
CA GLY C 10 -25.01 -5.18 -32.23
C GLY C 10 -23.99 -4.62 -33.20
N LYS C 11 -22.71 -4.66 -32.81
CA LYS C 11 -21.64 -4.23 -33.68
C LYS C 11 -20.33 -4.93 -33.30
N ILE C 12 -19.62 -5.42 -34.33
CA ILE C 12 -18.29 -5.99 -34.14
C ILE C 12 -17.26 -5.06 -34.73
N VAL C 13 -16.37 -4.56 -33.88
CA VAL C 13 -15.27 -3.70 -34.27
C VAL C 13 -14.03 -4.57 -34.29
N SER C 14 -13.42 -4.71 -35.46
CA SER C 14 -12.42 -5.74 -35.70
C SER C 14 -11.04 -5.46 -35.11
N GLY C 15 -10.71 -4.18 -34.96
CA GLY C 15 -9.37 -3.76 -34.55
C GLY C 15 -8.39 -3.67 -35.72
N ASP C 16 -8.85 -4.07 -36.90
CA ASP C 16 -8.06 -4.02 -38.14
C ASP C 16 -8.42 -2.76 -38.89
N ILE C 17 -7.49 -1.81 -38.95
CA ILE C 17 -7.76 -0.50 -39.55
C ILE C 17 -8.18 -0.59 -41.03
N LYS C 18 -7.75 -1.65 -41.70
CA LYS C 18 -8.10 -1.87 -43.11
C LYS C 18 -9.57 -2.19 -43.36
N SER C 19 -10.19 -2.89 -42.41
CA SER C 19 -11.65 -3.07 -42.40
C SER C 19 -12.14 -3.17 -40.95
N PRO C 20 -12.42 -2.03 -40.33
CA PRO C 20 -12.64 -1.91 -38.89
C PRO C 20 -13.99 -2.42 -38.36
N VAL C 21 -14.94 -2.71 -39.25
CA VAL C 21 -16.25 -3.22 -38.83
C VAL C 21 -16.58 -4.51 -39.57
N LEU C 22 -17.05 -5.51 -38.82
CA LEU C 22 -17.45 -6.79 -39.39
C LEU C 22 -18.96 -6.89 -39.46
N GLN C 23 -19.47 -7.27 -40.64
CA GLN C 23 -20.91 -7.44 -40.84
C GLN C 23 -21.34 -8.84 -40.38
N ALA C 24 -21.48 -8.97 -39.07
CA ALA C 24 -21.80 -10.23 -38.41
C ALA C 24 -22.31 -9.92 -37.01
N ASP C 25 -23.02 -10.88 -36.41
CA ASP C 25 -23.57 -10.70 -35.07
C ASP C 25 -23.22 -11.85 -34.11
N THR C 26 -22.36 -12.75 -34.55
CA THR C 26 -22.03 -13.98 -33.82
C THR C 26 -20.55 -14.31 -33.94
N ILE C 27 -19.89 -14.58 -32.80
CA ILE C 27 -18.48 -14.98 -32.77
C ILE C 27 -18.33 -16.31 -32.04
N VAL C 28 -17.65 -17.25 -32.68
CA VAL C 28 -17.38 -18.54 -32.08
C VAL C 28 -15.92 -18.59 -31.66
N VAL C 29 -15.69 -19.00 -30.41
CA VAL C 29 -14.36 -19.16 -29.85
C VAL C 29 -14.14 -20.64 -29.54
N GLU C 30 -13.03 -21.19 -30.01
CA GLU C 30 -12.67 -22.59 -29.75
C GLU C 30 -11.24 -22.68 -29.27
N ASP C 31 -11.04 -23.33 -28.13
CA ASP C 31 -9.70 -23.56 -27.56
C ASP C 31 -8.85 -22.30 -27.51
N GLY C 32 -9.46 -21.20 -27.06
CA GLY C 32 -8.74 -19.96 -26.81
C GLY C 32 -8.52 -19.09 -28.04
N LEU C 33 -9.01 -19.55 -29.19
CA LEU C 33 -8.84 -18.81 -30.44
C LEU C 33 -10.19 -18.43 -31.03
N ILE C 34 -10.21 -17.35 -31.81
CA ILE C 34 -11.41 -17.00 -32.57
C ILE C 34 -11.50 -18.02 -33.71
N ALA C 35 -12.63 -18.71 -33.81
CA ALA C 35 -12.77 -19.80 -34.78
C ALA C 35 -13.62 -19.38 -35.97
N ALA C 36 -14.70 -18.66 -35.70
CA ALA C 36 -15.64 -18.25 -36.75
C ALA C 36 -16.35 -16.95 -36.38
N ILE C 37 -16.70 -16.17 -37.41
CA ILE C 37 -17.45 -14.93 -37.23
C ILE C 37 -18.53 -14.93 -38.31
N GLY C 38 -19.78 -14.75 -37.90
CA GLY C 38 -20.87 -14.77 -38.86
C GLY C 38 -22.23 -14.51 -38.24
N GLY C 39 -23.24 -15.21 -38.75
CA GLY C 39 -24.59 -15.00 -38.28
C GLY C 39 -25.09 -16.17 -37.49
N GLU C 40 -26.41 -16.22 -37.31
CA GLU C 40 -27.07 -17.24 -36.51
C GLU C 40 -26.88 -18.68 -36.99
N GLU C 41 -26.44 -18.86 -38.22
CA GLU C 41 -26.10 -20.20 -38.74
C GLU C 41 -25.05 -20.91 -37.88
N LEU C 42 -24.22 -20.13 -37.19
CA LEU C 42 -23.16 -20.67 -36.33
C LEU C 42 -23.69 -21.27 -35.02
N MET C 43 -24.92 -20.91 -34.65
CA MET C 43 -25.56 -21.43 -33.44
C MET C 43 -26.02 -22.88 -33.60
N LYS C 44 -26.42 -23.26 -34.81
CA LYS C 44 -26.66 -24.68 -35.07
C LYS C 44 -25.30 -25.37 -34.98
N ASP C 45 -25.26 -26.55 -34.38
CA ASP C 45 -23.98 -27.21 -34.09
C ASP C 45 -23.12 -26.45 -33.01
N ALA C 46 -23.79 -25.67 -32.16
CA ALA C 46 -23.16 -25.06 -30.98
C ALA C 46 -22.77 -26.10 -29.92
N GLY C 47 -23.48 -27.22 -29.88
CA GLY C 47 -23.21 -28.28 -28.90
C GLY C 47 -23.34 -27.76 -27.48
N ASP C 48 -22.39 -28.14 -26.63
CA ASP C 48 -22.42 -27.73 -25.23
C ASP C 48 -21.56 -26.48 -24.97
N ALA C 49 -21.45 -25.61 -25.98
CA ALA C 49 -20.70 -24.37 -25.86
C ALA C 49 -21.25 -23.47 -24.76
N THR C 50 -20.37 -22.70 -24.14
CA THR C 50 -20.81 -21.61 -23.29
C THR C 50 -21.38 -20.51 -24.18
N ILE C 51 -22.58 -20.02 -23.85
CA ILE C 51 -23.22 -18.98 -24.64
C ILE C 51 -23.16 -17.66 -23.88
N ILE C 52 -22.65 -16.62 -24.54
CA ILE C 52 -22.69 -15.27 -23.99
C ILE C 52 -23.61 -14.41 -24.82
N ASP C 53 -24.65 -13.88 -24.18
CA ASP C 53 -25.60 -13.01 -24.85
C ASP C 53 -25.10 -11.57 -24.75
N ALA C 54 -24.71 -10.98 -25.88
CA ALA C 54 -24.21 -9.59 -25.91
C ALA C 54 -25.33 -8.56 -25.80
N ALA C 55 -26.59 -9.03 -25.87
CA ALA C 55 -27.77 -8.19 -25.63
C ALA C 55 -27.80 -6.94 -26.50
N GLY C 56 -27.25 -7.06 -27.71
CA GLY C 56 -27.26 -5.97 -28.68
C GLY C 56 -26.09 -5.00 -28.56
N SER C 57 -25.14 -5.31 -27.68
CA SER C 57 -24.01 -4.40 -27.45
C SER C 57 -22.83 -4.70 -28.39
N THR C 58 -21.69 -4.07 -28.13
CA THR C 58 -20.56 -4.05 -29.06
C THR C 58 -19.46 -4.96 -28.58
N VAL C 59 -18.84 -5.69 -29.51
CA VAL C 59 -17.62 -6.46 -29.21
C VAL C 59 -16.41 -5.80 -29.87
N THR C 60 -15.32 -5.64 -29.12
CA THR C 60 -14.06 -5.15 -29.68
C THR C 60 -12.95 -6.12 -29.25
N PRO C 61 -11.74 -5.96 -29.81
CA PRO C 61 -10.63 -6.73 -29.25
C PRO C 61 -10.31 -6.22 -27.86
N GLY C 62 -9.65 -7.03 -27.05
CA GLY C 62 -9.06 -6.53 -25.80
C GLY C 62 -8.04 -5.45 -26.13
N LEU C 63 -7.93 -4.44 -25.27
CA LEU C 63 -7.05 -3.31 -25.53
C LEU C 63 -5.61 -3.63 -25.17
N LEU C 64 -4.67 -2.98 -25.87
CA LEU C 64 -3.27 -3.03 -25.48
C LEU C 64 -2.87 -1.70 -24.87
N ASP C 65 -2.06 -1.78 -23.81
CA ASP C 65 -1.32 -0.61 -23.36
C ASP C 65 0.14 -0.85 -23.76
N THR C 66 0.61 -0.07 -24.71
CA THR C 66 1.95 -0.28 -25.29
C THR C 66 3.06 0.39 -24.50
N HIS C 67 2.71 1.06 -23.40
CA HIS C 67 3.70 1.86 -22.65
C HIS C 67 3.45 1.78 -21.14
N VAL C 68 3.75 0.63 -20.55
CA VAL C 68 3.59 0.42 -19.11
C VAL C 68 4.94 0.31 -18.45
N HIS C 69 5.14 1.04 -17.35
CA HIS C 69 6.40 0.94 -16.64
C HIS C 69 6.22 -0.01 -15.45
N VAL C 70 6.35 -1.31 -15.75
CA VAL C 70 6.22 -2.39 -14.77
C VAL C 70 7.53 -2.54 -13.98
N SER C 71 7.46 -3.17 -12.81
CA SER C 71 8.67 -3.42 -12.02
C SER C 71 8.62 -4.74 -11.24
N GLY C 72 7.66 -5.60 -11.59
CA GLY C 72 7.49 -6.90 -10.95
C GLY C 72 6.14 -6.97 -10.26
N GLY C 73 5.36 -8.00 -10.60
CA GLY C 73 4.02 -8.17 -10.06
C GLY C 73 3.10 -6.99 -10.31
N ASP C 74 2.15 -6.80 -9.39
CA ASP C 74 1.09 -5.80 -9.57
C ASP C 74 1.19 -4.67 -8.53
N TYR C 75 2.42 -4.28 -8.19
CA TYR C 75 2.67 -3.13 -7.32
C TYR C 75 3.47 -2.08 -8.08
N ALA C 76 3.05 -0.83 -7.98
CA ALA C 76 3.72 0.29 -8.63
C ALA C 76 4.38 1.23 -7.60
N PRO C 77 5.72 1.14 -7.43
CA PRO C 77 6.43 2.05 -6.52
C PRO C 77 6.35 3.55 -6.88
N ARG C 78 6.24 3.87 -8.16
CA ARG C 78 6.22 5.29 -8.60
C ARG C 78 5.07 6.10 -8.01
N GLN C 79 3.93 5.44 -7.77
CA GLN C 79 2.78 6.10 -7.17
C GLN C 79 2.20 5.31 -5.99
N LYS C 80 3.00 4.38 -5.46
CA LYS C 80 2.63 3.57 -4.29
C LYS C 80 1.23 2.97 -4.44
N THR C 81 1.02 2.27 -5.55
CA THR C 81 -0.28 1.73 -5.91
C THR C 81 -0.23 0.21 -6.05
N MET C 82 -1.12 -0.48 -5.32
CA MET C 82 -1.26 -1.92 -5.45
C MET C 82 -2.34 -2.27 -6.46
N ASP C 83 -2.21 -3.43 -7.08
CA ASP C 83 -3.25 -4.01 -7.94
C ASP C 83 -3.57 -3.17 -9.18
N PHE C 84 -2.58 -2.47 -9.71
CA PHE C 84 -2.83 -1.57 -10.84
C PHE C 84 -3.09 -2.29 -12.17
N ILE C 85 -2.59 -3.52 -12.29
CA ILE C 85 -2.78 -4.31 -13.52
C ILE C 85 -4.19 -4.88 -13.58
N SER C 86 -4.65 -5.40 -12.45
CA SER C 86 -6.05 -5.81 -12.31
C SER C 86 -6.98 -4.65 -12.62
N SER C 87 -6.64 -3.46 -12.13
CA SER C 87 -7.45 -2.27 -12.35
C SER C 87 -7.52 -1.92 -13.85
N ALA C 88 -6.39 -2.03 -14.54
CA ALA C 88 -6.33 -1.78 -15.98
C ALA C 88 -7.14 -2.80 -16.78
N LEU C 89 -7.14 -4.05 -16.34
CA LEU C 89 -7.96 -5.08 -16.96
C LEU C 89 -9.44 -4.67 -16.97
N HIS C 90 -9.88 -4.08 -15.87
CA HIS C 90 -11.25 -3.57 -15.77
C HIS C 90 -11.49 -2.35 -16.65
N GLY C 91 -10.41 -1.76 -17.15
CA GLY C 91 -10.50 -0.75 -18.22
C GLY C 91 -10.32 -1.35 -19.61
N GLY C 92 -10.32 -2.68 -19.70
CA GLY C 92 -10.28 -3.39 -20.98
C GLY C 92 -8.91 -3.85 -21.45
N VAL C 93 -7.87 -3.56 -20.68
CA VAL C 93 -6.50 -3.85 -21.13
C VAL C 93 -6.19 -5.33 -20.87
N THR C 94 -5.99 -6.09 -21.95
CA THR C 94 -5.74 -7.53 -21.88
C THR C 94 -4.28 -7.89 -22.17
N THR C 95 -3.56 -6.98 -22.80
CA THR C 95 -2.11 -7.12 -23.06
C THR C 95 -1.39 -5.82 -22.72
N MET C 96 -0.25 -5.97 -22.05
CA MET C 96 0.61 -4.84 -21.73
C MET C 96 2.02 -5.06 -22.27
N ILE C 97 2.59 -3.99 -22.81
CA ILE C 97 3.99 -3.97 -23.24
C ILE C 97 4.76 -3.08 -22.28
N SER C 98 5.82 -3.63 -21.71
CA SER C 98 6.70 -2.85 -20.88
C SER C 98 7.49 -1.87 -21.75
N ALA C 99 7.56 -0.62 -21.28
CA ALA C 99 8.42 0.38 -21.91
C ALA C 99 9.78 0.47 -21.20
N GLY C 100 10.04 -0.50 -20.34
CA GLY C 100 11.23 -0.52 -19.49
C GLY C 100 10.82 -0.28 -18.04
N SER C 101 11.74 -0.55 -17.12
CA SER C 101 11.46 -0.42 -15.68
C SER C 101 12.35 0.62 -14.99
N PRO C 102 12.19 1.92 -15.32
CA PRO C 102 13.03 2.94 -14.69
C PRO C 102 12.76 3.14 -13.19
N HIS C 103 11.59 2.69 -12.71
CA HIS C 103 11.22 2.87 -11.31
C HIS C 103 11.62 1.66 -10.46
N PHE C 104 12.24 0.65 -11.06
CA PHE C 104 12.69 -0.48 -10.27
C PHE C 104 13.65 0.07 -9.21
N PRO C 105 13.39 -0.22 -7.92
CA PRO C 105 14.16 0.39 -6.83
C PRO C 105 15.63 -0.02 -6.92
N GLY C 106 16.53 0.97 -6.98
CA GLY C 106 17.96 0.73 -7.19
C GLY C 106 18.33 0.12 -8.53
N ARG C 107 17.51 0.41 -9.55
CA ARG C 107 17.66 -0.18 -10.88
C ARG C 107 19.12 -0.35 -11.27
N PRO C 108 19.53 -1.60 -11.51
CA PRO C 108 20.87 -1.88 -12.02
C PRO C 108 21.10 -1.20 -13.37
N LYS C 109 22.19 -0.44 -13.45
CA LYS C 109 22.47 0.45 -14.59
C LYS C 109 23.73 0.04 -15.39
N ASP C 110 24.41 -1.03 -14.96
CA ASP C 110 25.52 -1.57 -15.72
C ASP C 110 25.01 -2.57 -16.74
N ALA C 111 25.88 -3.08 -17.61
CA ALA C 111 25.43 -3.97 -18.70
C ALA C 111 24.88 -5.30 -18.18
N ALA C 112 25.57 -5.93 -17.24
CA ALA C 112 25.11 -7.19 -16.67
C ALA C 112 23.82 -7.01 -15.88
N GLY C 113 23.69 -5.89 -15.18
CA GLY C 113 22.53 -5.61 -14.34
C GLY C 113 21.27 -5.28 -15.11
N THR C 114 21.38 -4.39 -16.09
CA THR C 114 20.23 -4.09 -16.93
C THR C 114 19.73 -5.38 -17.62
N LYS C 115 20.66 -6.24 -18.03
CA LYS C 115 20.36 -7.54 -18.64
C LYS C 115 19.65 -8.49 -17.68
N ALA C 116 20.20 -8.65 -16.47
CA ALA C 116 19.61 -9.52 -15.46
C ALA C 116 18.18 -9.08 -15.09
N LEU C 117 17.96 -7.76 -14.98
CA LEU C 117 16.64 -7.24 -14.64
C LEU C 117 15.62 -7.51 -15.75
N ALA C 118 16.03 -7.29 -17.00
CA ALA C 118 15.14 -7.58 -18.13
C ALA C 118 14.77 -9.06 -18.18
N ILE C 119 15.77 -9.93 -17.98
CA ILE C 119 15.54 -11.38 -17.95
C ILE C 119 14.58 -11.75 -16.82
N THR C 120 14.84 -11.23 -15.62
CA THR C 120 13.98 -11.46 -14.44
C THR C 120 12.52 -11.10 -14.69
N LEU C 121 12.27 -9.88 -15.17
CA LEU C 121 10.92 -9.39 -15.37
C LEU C 121 10.21 -10.09 -16.54
N SER C 122 10.96 -10.39 -17.59
CA SER C 122 10.41 -11.16 -18.72
C SER C 122 9.91 -12.52 -18.22
N LYS C 123 10.79 -13.28 -17.56
CA LYS C 123 10.39 -14.60 -17.03
C LYS C 123 9.26 -14.53 -16.00
N SER C 124 9.36 -13.56 -15.09
CA SER C 124 8.38 -13.47 -13.99
C SER C 124 6.96 -13.19 -14.49
N TYR C 125 6.82 -12.25 -15.42
CA TYR C 125 5.49 -11.93 -15.95
C TYR C 125 4.93 -13.05 -16.81
N TYR C 126 5.80 -13.81 -17.47
CA TYR C 126 5.33 -14.98 -18.23
C TYR C 126 4.96 -16.14 -17.28
N ASN C 127 5.63 -16.21 -16.14
CA ASN C 127 5.28 -17.18 -15.10
C ASN C 127 3.93 -16.92 -14.43
N ALA C 128 3.60 -15.64 -14.26
CA ALA C 128 2.39 -15.24 -13.56
C ALA C 128 1.75 -14.02 -14.20
N ARG C 129 0.67 -14.25 -14.97
CA ARG C 129 -0.11 -13.16 -15.56
C ARG C 129 -0.96 -12.51 -14.47
N PRO C 130 -0.63 -11.25 -14.09
CA PRO C 130 -1.41 -10.62 -13.02
C PRO C 130 -2.85 -10.39 -13.45
N ALA C 131 -3.79 -10.96 -12.71
CA ALA C 131 -5.22 -10.91 -13.03
C ALA C 131 -5.55 -11.54 -14.40
N GLY C 132 -4.60 -12.31 -14.94
CA GLY C 132 -4.76 -12.92 -16.26
C GLY C 132 -4.29 -12.06 -17.44
N VAL C 133 -3.78 -10.87 -17.14
CA VAL C 133 -3.33 -9.94 -18.19
C VAL C 133 -2.03 -10.45 -18.81
N LYS C 134 -1.95 -10.38 -20.14
CA LYS C 134 -0.75 -10.79 -20.86
C LYS C 134 0.27 -9.66 -20.81
N VAL C 135 1.18 -9.74 -19.85
CA VAL C 135 2.22 -8.73 -19.68
C VAL C 135 3.52 -9.20 -20.32
N HIS C 136 4.01 -8.41 -21.27
CA HIS C 136 5.33 -8.63 -21.85
C HIS C 136 6.28 -7.72 -21.09
N GLY C 137 6.85 -8.28 -20.02
CA GLY C 137 7.35 -7.47 -18.92
C GLY C 137 8.83 -7.16 -18.91
N GLY C 138 9.59 -7.79 -19.78
CA GLY C 138 11.03 -7.55 -19.81
C GLY C 138 11.41 -6.74 -21.02
N ALA C 139 11.60 -5.43 -20.82
CA ALA C 139 12.02 -4.53 -21.89
C ALA C 139 13.35 -3.91 -21.50
N VAL C 140 14.44 -4.41 -22.08
CA VAL C 140 15.79 -4.01 -21.64
C VAL C 140 16.07 -2.52 -21.85
N ILE C 141 16.64 -1.89 -20.83
CA ILE C 141 17.08 -0.50 -20.95
C ILE C 141 18.55 -0.53 -21.36
N LEU C 142 18.86 0.11 -22.48
CA LEU C 142 20.22 0.10 -23.03
C LEU C 142 21.18 0.85 -22.12
N GLU C 143 22.30 0.20 -21.81
CA GLU C 143 23.36 0.83 -21.02
C GLU C 143 24.70 0.56 -21.71
N LYS C 144 25.65 1.47 -21.51
CA LYS C 144 27.00 1.29 -22.05
C LYS C 144 27.57 -0.04 -21.59
N GLY C 145 28.20 -0.76 -22.51
CA GLY C 145 28.83 -2.03 -22.18
C GLY C 145 28.11 -3.26 -22.70
N LEU C 146 26.87 -3.09 -23.14
CA LEU C 146 26.11 -4.19 -23.74
C LEU C 146 26.73 -4.59 -25.07
N THR C 147 26.87 -5.90 -25.29
CA THR C 147 27.44 -6.43 -26.52
C THR C 147 26.36 -7.19 -27.27
N GLU C 148 26.69 -7.65 -28.47
CA GLU C 148 25.76 -8.45 -29.27
C GLU C 148 25.44 -9.76 -28.57
N GLU C 149 26.41 -10.31 -27.85
CA GLU C 149 26.22 -11.57 -27.14
C GLU C 149 25.19 -11.44 -26.02
N ASP C 150 25.14 -10.27 -25.39
CA ASP C 150 24.11 -9.96 -24.39
C ASP C 150 22.71 -10.04 -25.00
N PHE C 151 22.55 -9.56 -26.23
CA PHE C 151 21.26 -9.66 -26.92
C PHE C 151 20.92 -11.11 -27.29
N ILE C 152 21.94 -11.88 -27.67
CA ILE C 152 21.76 -13.31 -27.94
C ILE C 152 21.33 -14.05 -26.67
N GLU C 153 21.98 -13.73 -25.55
CA GLU C 153 21.63 -14.32 -24.26
C GLU C 153 20.20 -13.95 -23.83
N MET C 154 19.87 -12.67 -23.92
CA MET C 154 18.52 -12.19 -23.61
C MET C 154 17.42 -12.88 -24.44
N LYS C 155 17.65 -13.05 -25.74
CA LYS C 155 16.70 -13.75 -26.60
C LYS C 155 16.52 -15.21 -26.19
N LYS C 156 17.63 -15.88 -25.87
CA LYS C 156 17.61 -17.25 -25.39
C LYS C 156 16.71 -17.38 -24.15
N GLU C 157 16.72 -16.34 -23.30
CA GLU C 157 15.97 -16.36 -22.05
C GLU C 157 14.57 -15.75 -22.15
N GLY C 158 14.18 -15.39 -23.38
CA GLY C 158 12.81 -15.00 -23.66
C GLY C 158 12.54 -13.51 -23.80
N VAL C 159 13.58 -12.70 -23.64
CA VAL C 159 13.46 -11.25 -23.82
C VAL C 159 13.42 -10.94 -25.31
N TRP C 160 12.54 -10.03 -25.71
CA TRP C 160 12.39 -9.67 -27.13
C TRP C 160 12.03 -8.19 -27.31
N ILE C 161 12.15 -7.42 -26.23
CA ILE C 161 11.80 -6.00 -26.26
C ILE C 161 12.92 -5.13 -25.70
N VAL C 162 13.22 -4.05 -26.42
CA VAL C 162 14.11 -3.00 -25.92
C VAL C 162 13.24 -1.83 -25.46
N GLY C 163 13.35 -1.47 -24.19
CA GLY C 163 12.59 -0.36 -23.60
C GLY C 163 13.12 0.99 -24.04
N GLU C 164 12.37 2.05 -23.74
CA GLU C 164 12.67 3.41 -24.24
C GLU C 164 14.16 3.71 -24.30
N VAL C 165 14.70 3.76 -25.51
CA VAL C 165 16.08 4.24 -25.72
C VAL C 165 16.18 5.67 -25.20
N GLY C 166 17.11 5.89 -24.28
CA GLY C 166 17.27 7.21 -23.64
C GLY C 166 17.03 7.17 -22.15
N LEU C 167 16.39 6.10 -21.66
CA LEU C 167 16.19 5.90 -20.22
C LEU C 167 17.49 5.64 -19.47
N GLY C 168 18.45 5.00 -20.14
CA GLY C 168 19.75 4.69 -19.54
C GLY C 168 20.88 5.57 -20.04
N THR C 169 22.11 5.08 -19.90
CA THR C 169 23.31 5.81 -20.31
C THR C 169 23.47 5.92 -21.83
N ILE C 170 22.81 5.03 -22.56
CA ILE C 170 22.78 5.07 -24.02
C ILE C 170 21.71 6.08 -24.46
N LYS C 171 22.16 7.21 -24.99
CA LYS C 171 21.25 8.32 -25.31
C LYS C 171 21.38 8.82 -26.77
N ASN C 172 22.56 9.27 -27.16
CA ASN C 172 22.74 9.78 -28.53
C ASN C 172 22.78 8.67 -29.59
N PRO C 173 22.27 8.94 -30.81
CA PRO C 173 22.15 7.97 -31.90
C PRO C 173 23.43 7.23 -32.24
N GLU C 174 24.57 7.90 -32.08
CA GLU C 174 25.88 7.32 -32.36
C GLU C 174 26.14 6.07 -31.51
N ASP C 175 25.68 6.10 -30.26
CA ASP C 175 25.81 4.96 -29.34
C ASP C 175 24.65 3.98 -29.48
N ALA C 176 23.46 4.50 -29.77
CA ALA C 176 22.23 3.71 -29.80
C ALA C 176 22.13 2.78 -31.01
N ALA C 177 22.35 3.35 -32.20
CA ALA C 177 22.20 2.63 -33.48
C ALA C 177 22.89 1.25 -33.54
N PRO C 178 24.17 1.14 -33.12
CA PRO C 178 24.81 -0.18 -33.14
C PRO C 178 24.06 -1.22 -32.30
N MET C 179 23.56 -0.81 -31.14
CA MET C 179 22.85 -1.70 -30.23
C MET C 179 21.48 -2.08 -30.77
N VAL C 180 20.77 -1.07 -31.29
CA VAL C 180 19.47 -1.28 -31.92
C VAL C 180 19.59 -2.24 -33.11
N GLU C 181 20.72 -2.16 -33.81
CA GLU C 181 21.01 -3.06 -34.93
C GLU C 181 21.16 -4.51 -34.45
N TRP C 182 21.93 -4.73 -33.39
CA TRP C 182 22.05 -6.05 -32.77
C TRP C 182 20.69 -6.56 -32.30
N ALA C 183 19.92 -5.69 -31.67
CA ALA C 183 18.58 -6.02 -31.20
C ALA C 183 17.71 -6.53 -32.35
N HIS C 184 17.64 -5.75 -33.43
CA HIS C 184 16.85 -6.14 -34.60
C HIS C 184 17.34 -7.43 -35.25
N LYS C 185 18.66 -7.60 -35.30
CA LYS C 185 19.28 -8.81 -35.85
C LYS C 185 18.85 -10.07 -35.09
N HIS C 186 18.50 -9.91 -33.81
CA HIS C 186 18.12 -11.05 -32.98
C HIS C 186 16.65 -11.05 -32.52
N GLY C 187 15.80 -10.38 -33.28
CA GLY C 187 14.34 -10.51 -33.12
C GLY C 187 13.65 -9.60 -32.12
N PHE C 188 14.33 -8.52 -31.74
CA PHE C 188 13.81 -7.58 -30.75
C PHE C 188 12.95 -6.51 -31.41
N LYS C 189 11.93 -6.06 -30.68
CA LYS C 189 11.22 -4.82 -31.00
C LYS C 189 11.78 -3.70 -30.13
N VAL C 190 11.91 -2.51 -30.71
CA VAL C 190 12.64 -1.41 -30.07
C VAL C 190 11.81 -0.14 -29.91
N GLN C 191 11.78 0.38 -28.69
CA GLN C 191 11.11 1.65 -28.36
C GLN C 191 12.14 2.76 -28.18
N MET C 192 11.71 4.00 -28.37
CA MET C 192 12.63 5.13 -28.23
C MET C 192 11.95 6.35 -27.63
N HIS C 193 12.47 6.82 -26.49
CA HIS C 193 11.96 8.02 -25.82
C HIS C 193 12.09 9.23 -26.73
N THR C 194 10.96 9.90 -26.97
CA THR C 194 10.88 11.03 -27.88
C THR C 194 10.16 12.21 -27.23
N GLY C 195 10.91 13.26 -26.91
CA GLY C 195 10.37 14.43 -26.23
C GLY C 195 11.38 15.06 -25.30
N GLY C 196 10.90 15.94 -24.42
CA GLY C 196 11.74 16.61 -23.43
C GLY C 196 12.44 15.62 -22.51
N THR C 197 13.70 15.92 -22.18
CA THR C 197 14.53 15.04 -21.33
C THR C 197 14.92 15.76 -20.05
N SER C 198 15.63 15.05 -19.16
CA SER C 198 16.07 15.62 -17.89
C SER C 198 17.47 16.23 -17.96
N ILE C 199 18.00 16.33 -19.18
CA ILE C 199 19.37 16.80 -19.41
C ILE C 199 19.36 18.22 -20.00
N PRO C 200 19.90 19.21 -19.23
CA PRO C 200 19.99 20.60 -19.68
C PRO C 200 20.74 20.78 -21.01
N GLY C 201 21.74 19.93 -21.27
CA GLY C 201 22.49 19.95 -22.53
C GLY C 201 21.61 19.63 -23.74
N SER C 202 21.32 18.34 -23.92
CA SER C 202 20.40 17.90 -24.98
C SER C 202 19.01 17.71 -24.39
N SER C 203 18.23 18.80 -24.39
CA SER C 203 16.94 18.88 -23.70
C SER C 203 15.79 18.17 -24.42
N THR C 204 15.93 17.96 -25.72
CA THR C 204 14.88 17.34 -26.53
C THR C 204 15.42 16.23 -27.44
N VAL C 205 14.51 15.53 -28.11
CA VAL C 205 14.87 14.49 -29.06
C VAL C 205 14.40 14.89 -30.45
N THR C 206 15.29 14.84 -31.43
CA THR C 206 14.98 15.30 -32.78
C THR C 206 14.63 14.15 -33.72
N ALA C 207 14.02 14.52 -34.85
CA ALA C 207 13.70 13.56 -35.90
C ALA C 207 14.95 12.85 -36.40
N ASP C 208 16.06 13.60 -36.53
CA ASP C 208 17.34 13.03 -36.94
C ASP C 208 17.82 11.93 -35.99
N ASP C 209 17.64 12.16 -34.69
CA ASP C 209 17.96 11.16 -33.67
C ASP C 209 17.19 9.87 -33.93
N VAL C 210 15.87 10.01 -34.08
CA VAL C 210 14.97 8.90 -34.40
C VAL C 210 15.34 8.21 -35.71
N ILE C 211 15.51 9.01 -36.77
CA ILE C 211 15.86 8.50 -38.10
C ILE C 211 17.15 7.67 -38.07
N LYS C 212 18.15 8.15 -37.34
CA LYS C 212 19.43 7.46 -37.26
C LYS C 212 19.40 6.21 -36.37
N THR C 213 18.59 6.25 -35.32
CA THR C 213 18.52 5.14 -34.37
C THR C 213 17.69 3.97 -34.92
N LYS C 214 16.62 4.31 -35.64
CA LYS C 214 15.71 3.34 -36.28
C LYS C 214 14.94 2.42 -35.30
N PRO C 215 14.20 3.02 -34.35
CA PRO C 215 13.35 2.20 -33.48
C PRO C 215 12.15 1.67 -34.27
N ASP C 216 11.47 0.66 -33.72
CA ASP C 216 10.20 0.21 -34.26
C ASP C 216 9.09 1.15 -33.81
N VAL C 217 9.25 1.69 -32.60
CA VAL C 217 8.24 2.55 -31.98
C VAL C 217 8.85 3.88 -31.55
N VAL C 218 8.24 4.96 -32.01
CA VAL C 218 8.52 6.31 -31.50
C VAL C 218 7.63 6.50 -30.27
N SER C 219 8.22 6.32 -29.09
CA SER C 219 7.49 6.32 -27.83
C SER C 219 7.02 7.71 -27.47
N HIS C 220 5.82 7.79 -26.90
CA HIS C 220 5.17 9.06 -26.58
C HIS C 220 5.54 10.19 -27.56
N ILE C 221 5.07 10.07 -28.80
CA ILE C 221 5.31 11.13 -29.79
C ILE C 221 4.65 12.45 -29.35
N ASN C 222 3.58 12.37 -28.56
CA ASN C 222 2.97 13.54 -27.94
C ASN C 222 3.62 13.96 -26.62
N GLY C 223 4.79 13.41 -26.33
CA GLY C 223 5.55 13.80 -25.13
C GLY C 223 5.29 12.95 -23.90
N GLY C 224 6.29 12.85 -23.04
CA GLY C 224 6.22 12.05 -21.81
C GLY C 224 6.67 12.76 -20.55
N PRO C 225 5.97 13.85 -20.16
CA PRO C 225 4.82 14.47 -20.82
C PRO C 225 5.18 15.62 -21.79
N THR C 226 6.46 16.00 -21.86
CA THR C 226 6.89 17.17 -22.64
C THR C 226 7.14 16.81 -24.11
N ALA C 227 6.41 17.48 -25.01
CA ALA C 227 6.39 17.13 -26.42
C ALA C 227 7.54 17.74 -27.23
N ILE C 228 7.91 17.04 -28.30
CA ILE C 228 8.72 17.59 -29.38
C ILE C 228 7.90 18.62 -30.17
N SER C 229 8.55 19.39 -31.03
CA SER C 229 7.87 20.41 -31.84
C SER C 229 7.06 19.77 -32.97
N VAL C 230 6.06 20.50 -33.49
CA VAL C 230 5.30 20.04 -34.65
C VAL C 230 6.20 19.79 -35.86
N GLN C 231 7.28 20.55 -35.96
CA GLN C 231 8.28 20.38 -37.02
C GLN C 231 8.94 18.99 -36.96
N GLU C 232 9.31 18.55 -35.76
CA GLU C 232 9.90 17.21 -35.58
C GLU C 232 8.87 16.10 -35.77
N VAL C 233 7.64 16.32 -35.31
CA VAL C 233 6.52 15.41 -35.57
C VAL C 233 6.38 15.15 -37.07
N ASP C 234 6.35 16.23 -37.85
CA ASP C 234 6.24 16.18 -39.30
C ASP C 234 7.30 15.29 -39.95
N ARG C 235 8.55 15.47 -39.52
CA ARG C 235 9.67 14.71 -40.06
C ARG C 235 9.59 13.22 -39.69
N ILE C 236 9.21 12.94 -38.44
CA ILE C 236 9.00 11.53 -38.03
C ILE C 236 7.88 10.88 -38.85
N MET C 237 6.78 11.60 -39.05
CA MET C 237 5.65 11.10 -39.84
C MET C 237 6.02 10.88 -41.31
N ASP C 238 6.78 11.83 -41.87
CA ASP C 238 7.06 11.85 -43.31
C ASP C 238 8.30 11.05 -43.73
N GLU C 239 9.30 11.02 -42.87
CA GLU C 239 10.59 10.44 -43.22
C GLU C 239 10.82 9.03 -42.67
N THR C 240 9.89 8.55 -41.85
CA THR C 240 9.98 7.19 -41.33
C THR C 240 8.63 6.50 -41.44
N ASP C 241 8.64 5.18 -41.32
CA ASP C 241 7.40 4.43 -41.20
C ASP C 241 7.23 3.84 -39.78
N PHE C 242 7.98 4.38 -38.82
CA PHE C 242 7.94 3.86 -37.44
C PHE C 242 6.58 4.12 -36.79
N ALA C 243 6.20 3.26 -35.85
CA ALA C 243 4.95 3.47 -35.08
C ALA C 243 5.02 4.79 -34.31
N MET C 244 3.88 5.46 -34.22
CA MET C 244 3.81 6.75 -33.53
C MET C 244 2.88 6.60 -32.34
N GLU C 245 3.50 6.47 -31.16
CA GLU C 245 2.75 6.15 -29.96
C GLU C 245 2.21 7.38 -29.27
N ILE C 246 0.89 7.47 -29.20
CA ILE C 246 0.23 8.54 -28.44
C ILE C 246 -0.03 8.00 -27.04
N VAL C 247 0.44 8.73 -26.04
CA VAL C 247 0.26 8.31 -24.64
C VAL C 247 -0.73 9.20 -23.90
N GLN C 248 -1.41 8.59 -22.94
CA GLN C 248 -2.36 9.29 -22.10
C GLN C 248 -1.67 10.38 -21.26
N CYS C 249 -0.49 10.07 -20.74
CA CYS C 249 0.27 11.02 -19.90
C CYS C 249 1.18 11.90 -20.75
N GLY C 250 0.58 12.55 -21.73
CA GLY C 250 1.31 13.42 -22.62
C GLY C 250 0.50 14.62 -23.03
N ASN C 251 1.06 15.36 -23.98
CA ASN C 251 0.52 16.63 -24.44
C ASN C 251 -0.69 16.42 -25.35
N PRO C 252 -1.88 16.94 -24.94
CA PRO C 252 -3.09 16.71 -25.73
C PRO C 252 -3.14 17.51 -27.04
N LYS C 253 -2.50 18.68 -27.07
CA LYS C 253 -2.42 19.47 -28.30
C LYS C 253 -1.63 18.73 -29.38
N ILE C 254 -0.49 18.15 -28.99
CA ILE C 254 0.33 17.38 -29.92
C ILE C 254 -0.35 16.06 -30.31
N ALA C 255 -1.06 15.45 -29.36
CA ALA C 255 -1.87 14.26 -29.64
C ALA C 255 -2.88 14.56 -30.76
N ASP C 256 -3.58 15.68 -30.63
CA ASP C 256 -4.54 16.14 -31.64
C ASP C 256 -3.85 16.39 -32.99
N TYR C 257 -2.68 17.05 -32.93
CA TYR C 257 -1.90 17.36 -34.13
C TYR C 257 -1.50 16.09 -34.86
N VAL C 258 -0.94 15.14 -34.11
CA VAL C 258 -0.52 13.85 -34.66
C VAL C 258 -1.69 13.11 -35.29
N ALA C 259 -2.82 13.03 -34.58
CA ALA C 259 -3.99 12.31 -35.06
C ALA C 259 -4.54 12.92 -36.34
N ARG C 260 -4.72 14.24 -36.33
CA ARG C 260 -5.27 14.96 -37.48
C ARG C 260 -4.36 14.90 -38.71
N ARG C 261 -3.07 15.11 -38.52
CA ARG C 261 -2.10 15.01 -39.63
C ARG C 261 -1.95 13.59 -40.15
N ALA C 262 -1.98 12.60 -39.26
CA ALA C 262 -1.93 11.20 -39.69
C ALA C 262 -3.14 10.84 -40.55
N ALA C 263 -4.30 11.40 -40.21
CA ALA C 263 -5.53 11.21 -41.00
C ALA C 263 -5.39 11.85 -42.37
N GLU C 264 -4.83 13.05 -42.41
CA GLU C 264 -4.53 13.78 -43.65
C GLU C 264 -3.55 13.03 -44.55
N LYS C 265 -2.53 12.45 -43.93
CA LYS C 265 -1.45 11.77 -44.64
C LYS C 265 -1.64 10.26 -44.79
N GLY C 266 -2.79 9.75 -44.34
CA GLY C 266 -3.07 8.31 -44.43
C GLY C 266 -2.19 7.45 -43.55
N GLN C 267 -1.72 8.03 -42.45
CA GLN C 267 -0.76 7.37 -41.57
C GLN C 267 -1.36 6.79 -40.27
N LEU C 268 -2.69 6.70 -40.22
CA LEU C 268 -3.38 6.29 -38.99
C LEU C 268 -3.06 4.86 -38.53
N GLY C 269 -2.71 4.00 -39.49
CA GLY C 269 -2.29 2.64 -39.17
C GLY C 269 -1.07 2.56 -38.26
N ARG C 270 -0.27 3.62 -38.27
CA ARG C 270 0.96 3.68 -37.48
C ARG C 270 0.75 4.21 -36.05
N VAL C 271 -0.44 4.73 -35.76
CA VAL C 271 -0.74 5.30 -34.46
C VAL C 271 -1.14 4.19 -33.47
N ILE C 272 -0.41 4.12 -32.35
CA ILE C 272 -0.65 3.12 -31.31
C ILE C 272 -0.80 3.83 -29.95
N PHE C 273 -1.55 3.21 -29.03
CA PHE C 273 -1.87 3.85 -27.74
C PHE C 273 -1.14 3.22 -26.55
N GLY C 274 -0.59 4.09 -25.70
CA GLY C 274 -0.02 3.66 -24.42
C GLY C 274 -0.44 4.62 -23.32
N ASN C 275 -0.14 4.28 -22.07
CA ASN C 275 -0.41 5.21 -20.97
C ASN C 275 0.78 6.08 -20.61
N ASP C 276 1.99 5.54 -20.74
CA ASP C 276 3.18 6.06 -20.05
C ASP C 276 2.85 6.25 -18.58
N ALA C 277 2.47 5.16 -17.94
CA ALA C 277 2.22 5.11 -16.51
C ALA C 277 2.55 3.70 -16.01
N PRO C 278 2.87 3.55 -14.70
CA PRO C 278 3.02 4.59 -13.69
C PRO C 278 4.04 5.65 -14.09
N SER C 279 3.75 6.90 -13.73
CA SER C 279 4.63 8.03 -14.03
C SER C 279 4.31 9.13 -13.05
N GLY C 280 5.01 10.25 -13.17
CA GLY C 280 4.72 11.43 -12.33
C GLY C 280 3.27 11.87 -12.46
N THR C 281 2.69 11.66 -13.64
CA THR C 281 1.31 12.06 -13.91
C THR C 281 0.33 11.33 -13.02
N GLY C 282 0.53 10.02 -12.89
CA GLY C 282 -0.31 9.19 -12.03
C GLY C 282 -0.40 7.76 -12.54
N LEU C 283 -1.58 7.17 -12.34
CA LEU C 283 -1.86 5.83 -12.79
C LEU C 283 -3.34 5.78 -13.14
N ILE C 284 -3.61 5.42 -14.39
CA ILE C 284 -4.92 5.63 -15.01
C ILE C 284 -5.41 4.35 -15.67
N PRO C 285 -6.06 3.46 -14.88
CA PRO C 285 -6.57 2.20 -15.46
C PRO C 285 -7.50 2.41 -16.66
N LEU C 286 -8.20 3.54 -16.72
CA LEU C 286 -9.05 3.85 -17.88
C LEU C 286 -8.32 4.66 -18.96
N GLY C 287 -7.00 4.69 -18.89
CA GLY C 287 -6.16 5.50 -19.78
C GLY C 287 -6.30 5.22 -21.26
N ILE C 288 -6.33 3.93 -21.63
CA ILE C 288 -6.45 3.56 -23.05
C ILE C 288 -7.83 3.93 -23.60
N LEU C 289 -8.89 3.65 -22.84
CA LEU C 289 -10.24 4.11 -23.22
C LEU C 289 -10.27 5.64 -23.35
N ARG C 290 -9.61 6.33 -22.42
CA ARG C 290 -9.53 7.79 -22.46
C ARG C 290 -8.83 8.31 -23.72
N ASN C 291 -7.73 7.67 -24.12
CA ASN C 291 -7.06 7.96 -25.37
C ASN C 291 -8.01 7.83 -26.56
N MET C 292 -8.75 6.73 -26.61
CA MET C 292 -9.72 6.47 -27.66
C MET C 292 -10.80 7.55 -27.71
N CYS C 293 -11.34 7.90 -26.54
CA CYS C 293 -12.39 8.91 -26.46
C CYS C 293 -11.89 10.30 -26.83
N GLN C 294 -10.67 10.62 -26.43
CA GLN C 294 -10.09 11.92 -26.71
C GLN C 294 -9.78 12.09 -28.20
N ILE C 295 -9.19 11.06 -28.81
CA ILE C 295 -8.83 11.15 -30.22
C ILE C 295 -10.08 11.15 -31.08
N ALA C 296 -11.06 10.31 -30.75
CA ALA C 296 -12.30 10.25 -31.52
C ALA C 296 -13.14 11.52 -31.35
N SER C 297 -13.23 12.04 -30.13
CA SER C 297 -14.14 13.16 -29.85
C SER C 297 -13.57 14.54 -30.16
N MET C 298 -12.23 14.64 -30.15
CA MET C 298 -11.53 15.92 -30.31
C MET C 298 -10.75 16.04 -31.61
N SER C 299 -10.35 14.90 -32.17
CA SER C 299 -9.54 14.88 -33.40
C SER C 299 -10.28 14.38 -34.63
N ASP C 300 -11.60 14.17 -34.50
CA ASP C 300 -12.48 13.82 -35.63
C ASP C 300 -12.10 12.49 -36.28
N ILE C 301 -11.58 11.58 -35.48
CA ILE C 301 -11.25 10.23 -35.92
C ILE C 301 -12.43 9.32 -35.63
N ASP C 302 -12.80 8.47 -36.59
CA ASP C 302 -13.88 7.50 -36.40
C ASP C 302 -13.58 6.65 -35.16
N PRO C 303 -14.57 6.47 -34.27
CA PRO C 303 -14.33 5.69 -33.04
C PRO C 303 -13.85 4.27 -33.33
N GLU C 304 -14.30 3.69 -34.42
CA GLU C 304 -13.85 2.35 -34.84
C GLU C 304 -12.36 2.34 -35.16
N VAL C 305 -11.87 3.46 -35.70
CA VAL C 305 -10.45 3.62 -36.01
C VAL C 305 -9.67 3.85 -34.71
N ALA C 306 -10.25 4.59 -33.77
CA ALA C 306 -9.64 4.74 -32.44
C ALA C 306 -9.47 3.37 -31.76
N VAL C 307 -10.44 2.47 -31.93
CA VAL C 307 -10.30 1.10 -31.44
C VAL C 307 -9.07 0.42 -32.06
N CYS C 308 -8.91 0.53 -33.39
CA CYS C 308 -7.73 -0.01 -34.07
C CYS C 308 -6.41 0.51 -33.49
N MET C 309 -6.37 1.79 -33.15
CA MET C 309 -5.21 2.42 -32.52
C MET C 309 -4.86 1.81 -31.16
N ALA C 310 -5.86 1.21 -30.51
CA ALA C 310 -5.69 0.61 -29.19
C ALA C 310 -5.45 -0.89 -29.27
N THR C 311 -5.62 -1.45 -30.46
CA THR C 311 -5.68 -2.91 -30.62
C THR C 311 -4.78 -3.43 -31.75
N GLY C 312 -5.36 -3.56 -32.95
CA GLY C 312 -4.64 -4.15 -34.08
C GLY C 312 -3.42 -3.39 -34.57
N ASN C 313 -3.46 -2.06 -34.49
CA ASN C 313 -2.27 -1.26 -34.86
C ASN C 313 -1.12 -1.64 -33.96
N SER C 314 -1.41 -1.79 -32.68
CA SER C 314 -0.42 -2.12 -31.66
C SER C 314 0.13 -3.54 -31.80
N THR C 315 -0.74 -4.53 -32.02
CA THR C 315 -0.26 -5.90 -32.16
C THR C 315 0.44 -6.12 -33.50
N ALA C 316 0.11 -5.31 -34.50
CA ALA C 316 0.81 -5.37 -35.80
C ALA C 316 2.28 -5.03 -35.63
N VAL C 317 2.56 -3.92 -34.93
CA VAL C 317 3.94 -3.48 -34.69
C VAL C 317 4.72 -4.49 -33.85
N TYR C 318 4.05 -5.07 -32.85
CA TYR C 318 4.72 -6.00 -31.93
C TYR C 318 4.72 -7.47 -32.37
N GLY C 319 4.03 -7.76 -33.47
CA GLY C 319 4.00 -9.12 -34.03
C GLY C 319 3.28 -10.14 -33.17
N LEU C 320 2.23 -9.70 -32.49
CA LEU C 320 1.45 -10.58 -31.60
C LEU C 320 0.21 -11.10 -32.30
N ASN C 321 -0.14 -12.35 -32.01
CA ASN C 321 -1.32 -12.98 -32.61
C ASN C 321 -2.64 -12.65 -31.89
N THR C 322 -2.87 -11.36 -31.66
CA THR C 322 -4.07 -10.90 -30.98
C THR C 322 -4.40 -9.46 -31.43
N GLY C 323 -5.32 -8.80 -30.74
CA GLY C 323 -5.71 -7.44 -31.09
C GLY C 323 -6.62 -7.29 -32.29
N VAL C 324 -6.98 -8.41 -32.91
CA VAL C 324 -7.83 -8.40 -34.11
C VAL C 324 -8.87 -9.50 -34.01
N ILE C 325 -10.12 -9.15 -34.30
CA ILE C 325 -11.19 -10.16 -34.40
C ILE C 325 -11.17 -10.80 -35.79
N ALA C 326 -10.48 -11.93 -35.89
CA ALA C 326 -10.35 -12.69 -37.13
C ALA C 326 -10.05 -14.14 -36.75
N PRO C 327 -10.47 -15.11 -37.59
CA PRO C 327 -10.20 -16.51 -37.28
C PRO C 327 -8.71 -16.77 -37.10
N GLY C 328 -8.37 -17.55 -36.07
CA GLY C 328 -6.99 -17.91 -35.77
C GLY C 328 -6.32 -17.02 -34.74
N LYS C 329 -6.88 -15.83 -34.50
CA LYS C 329 -6.33 -14.90 -33.51
C LYS C 329 -6.77 -15.30 -32.10
N GLU C 330 -5.97 -14.91 -31.10
CA GLU C 330 -6.29 -15.19 -29.70
C GLU C 330 -7.61 -14.52 -29.31
N ALA C 331 -8.43 -15.23 -28.57
CA ALA C 331 -9.77 -14.73 -28.20
C ALA C 331 -9.75 -13.78 -26.99
N ASP C 332 -9.14 -12.62 -27.18
CA ASP C 332 -9.11 -11.55 -26.18
C ASP C 332 -10.11 -10.52 -26.65
N LEU C 333 -11.22 -10.41 -25.92
CA LEU C 333 -12.40 -9.70 -26.39
C LEU C 333 -13.05 -8.89 -25.29
N ILE C 334 -13.64 -7.76 -25.67
CA ILE C 334 -14.41 -6.95 -24.74
C ILE C 334 -15.84 -6.86 -25.24
N ILE C 335 -16.80 -6.95 -24.34
CA ILE C 335 -18.18 -6.64 -24.66
C ILE C 335 -18.55 -5.37 -23.89
N MET C 336 -18.89 -4.33 -24.64
CA MET C 336 -19.09 -2.99 -24.08
C MET C 336 -20.31 -2.31 -24.69
N ASP C 337 -20.78 -1.25 -24.04
CA ASP C 337 -21.94 -0.51 -24.55
C ASP C 337 -21.83 0.96 -24.21
N THR C 338 -22.73 1.76 -24.76
CA THR C 338 -22.92 3.12 -24.28
C THR C 338 -23.17 3.03 -22.76
N PRO C 339 -22.60 3.98 -21.97
CA PRO C 339 -22.86 3.93 -20.54
C PRO C 339 -24.18 4.59 -20.15
N LEU C 340 -24.72 4.23 -18.99
CA LEU C 340 -25.99 4.79 -18.53
C LEU C 340 -25.93 6.32 -18.52
N GLY C 341 -26.92 6.94 -19.15
CA GLY C 341 -27.02 8.40 -19.17
C GLY C 341 -26.31 9.11 -20.31
N SER C 342 -25.53 8.37 -21.10
CA SER C 342 -24.87 8.95 -22.26
C SER C 342 -25.88 9.31 -23.34
N VAL C 343 -25.61 10.39 -24.06
CA VAL C 343 -26.37 10.75 -25.25
C VAL C 343 -26.27 9.69 -26.36
N ALA C 344 -25.22 8.87 -26.29
CA ALA C 344 -24.91 7.89 -27.33
C ALA C 344 -25.78 6.65 -27.27
N GLU C 345 -26.12 6.12 -28.45
CA GLU C 345 -26.94 4.91 -28.58
C GLU C 345 -26.14 3.61 -28.49
N ASP C 346 -24.83 3.69 -28.77
CA ASP C 346 -23.96 2.52 -28.68
C ASP C 346 -22.53 2.85 -28.24
N ALA C 347 -21.70 1.82 -28.09
CA ALA C 347 -20.33 2.02 -27.57
C ALA C 347 -19.49 2.94 -28.44
N MET C 348 -19.53 2.75 -29.76
CA MET C 348 -18.77 3.59 -30.69
C MET C 348 -19.26 5.04 -30.64
N GLY C 349 -20.58 5.21 -30.56
CA GLY C 349 -21.19 6.53 -30.38
C GLY C 349 -20.71 7.22 -29.12
N ALA C 350 -20.59 6.46 -28.04
CA ALA C 350 -20.11 6.99 -26.77
C ALA C 350 -18.66 7.48 -26.89
N ILE C 351 -17.82 6.67 -27.51
CA ILE C 351 -16.43 7.03 -27.74
C ILE C 351 -16.34 8.33 -28.55
N ALA C 352 -17.08 8.40 -29.65
CA ALA C 352 -17.11 9.61 -30.49
C ALA C 352 -17.63 10.83 -29.73
N ALA C 353 -18.52 10.61 -28.78
CA ALA C 353 -19.12 11.68 -27.97
C ALA C 353 -18.22 12.12 -26.81
N GLY C 354 -17.14 11.36 -26.58
CA GLY C 354 -16.22 11.63 -25.47
C GLY C 354 -16.51 10.87 -24.18
N ASP C 355 -17.54 10.03 -24.18
CA ASP C 355 -17.92 9.26 -22.99
C ASP C 355 -17.21 7.91 -22.96
N ILE C 356 -16.54 7.59 -21.84
CA ILE C 356 -15.97 6.26 -21.64
C ILE C 356 -17.10 5.22 -21.68
N PRO C 357 -16.98 4.20 -22.55
CA PRO C 357 -18.02 3.17 -22.63
C PRO C 357 -18.02 2.29 -21.38
N GLY C 358 -19.17 1.65 -21.12
CA GLY C 358 -19.30 0.67 -20.06
C GLY C 358 -18.84 -0.69 -20.54
N ILE C 359 -17.91 -1.29 -19.80
CA ILE C 359 -17.46 -2.64 -20.12
C ILE C 359 -18.22 -3.65 -19.28
N SER C 360 -18.84 -4.63 -19.95
CA SER C 360 -19.54 -5.69 -19.23
C SER C 360 -18.67 -6.94 -19.07
N VAL C 361 -18.20 -7.49 -20.19
CA VAL C 361 -17.43 -8.72 -20.16
C VAL C 361 -16.07 -8.50 -20.82
N VAL C 362 -15.02 -9.08 -20.22
CA VAL C 362 -13.72 -9.20 -20.88
C VAL C 362 -13.30 -10.66 -20.91
N LEU C 363 -12.93 -11.15 -22.09
CA LEU C 363 -12.36 -12.48 -22.25
C LEU C 363 -10.87 -12.40 -22.55
N ILE C 364 -10.09 -13.28 -21.93
CA ILE C 364 -8.69 -13.47 -22.32
C ILE C 364 -8.50 -14.95 -22.61
N ASP C 365 -7.99 -15.25 -23.81
CA ASP C 365 -7.94 -16.61 -24.34
C ASP C 365 -9.30 -17.31 -24.22
N GLY C 366 -10.37 -16.56 -24.44
CA GLY C 366 -11.72 -17.10 -24.39
C GLY C 366 -12.34 -17.26 -23.01
N GLU C 367 -11.55 -17.07 -21.96
CA GLU C 367 -12.01 -17.21 -20.57
C GLU C 367 -12.48 -15.87 -20.03
N ALA C 368 -13.63 -15.87 -19.35
CA ALA C 368 -14.18 -14.64 -18.81
C ALA C 368 -13.35 -14.24 -17.58
N VAL C 369 -12.67 -13.11 -17.68
CA VAL C 369 -11.84 -12.60 -16.57
C VAL C 369 -12.51 -11.38 -15.91
N VAL C 370 -13.48 -10.78 -16.61
CA VAL C 370 -14.32 -9.70 -16.10
C VAL C 370 -15.76 -10.00 -16.50
N THR C 371 -16.68 -9.90 -15.55
CA THR C 371 -18.11 -10.08 -15.87
C THR C 371 -18.93 -8.81 -15.61
N LYS C 372 -18.27 -7.82 -15.01
CA LYS C 372 -18.78 -6.46 -14.88
C LYS C 372 -17.59 -5.61 -14.47
N SER C 373 -17.28 -4.58 -15.25
CA SER C 373 -16.14 -3.72 -14.91
C SER C 373 -16.36 -3.01 -13.58
N ARG C 374 -15.34 -3.05 -12.72
CA ARG C 374 -15.37 -2.33 -11.44
C ARG C 374 -14.95 -0.86 -11.63
N ASN C 375 -14.50 -0.52 -12.84
CA ASN C 375 -13.90 0.79 -13.11
C ASN C 375 -14.68 1.68 -14.08
N THR C 376 -15.20 1.11 -15.16
CA THR C 376 -15.94 1.90 -16.14
C THR C 376 -17.32 2.26 -15.55
N PRO C 377 -17.97 3.31 -16.09
CA PRO C 377 -19.39 3.47 -15.81
C PRO C 377 -20.17 2.24 -16.29
N PRO C 378 -21.40 2.06 -15.79
CA PRO C 378 -22.16 0.86 -16.15
C PRO C 378 -22.67 0.85 -17.59
N ALA C 379 -22.45 -0.28 -18.28
CA ALA C 379 -23.01 -0.50 -19.60
C ALA C 379 -24.54 -0.49 -19.53
N LYS C 380 -25.18 0.19 -20.48
CA LYS C 380 -26.64 0.19 -20.56
C LYS C 380 -27.15 -1.24 -20.76
N ARG C 381 -26.57 -1.93 -21.74
CA ARG C 381 -26.90 -3.33 -22.03
C ARG C 381 -25.70 -4.18 -21.68
N ALA C 382 -25.81 -4.93 -20.59
CA ALA C 382 -24.71 -5.78 -20.12
C ALA C 382 -24.80 -7.15 -20.75
N ALA C 383 -23.66 -7.69 -21.16
CA ALA C 383 -23.59 -9.06 -21.61
C ALA C 383 -23.91 -10.02 -20.46
N LYS C 384 -24.57 -11.13 -20.79
CA LYS C 384 -24.89 -12.18 -19.81
C LYS C 384 -24.30 -13.51 -20.26
N ILE C 385 -23.52 -14.13 -19.38
CA ILE C 385 -23.05 -15.48 -19.60
C ILE C 385 -24.16 -16.43 -19.15
N LEU C 386 -24.69 -17.20 -20.10
CA LEU C 386 -25.83 -18.07 -19.83
C LEU C 386 -25.46 -19.39 -19.15
N SER D 2 7.84 35.73 11.13
CA SER D 2 8.42 35.06 9.93
C SER D 2 8.17 35.85 8.65
N LYS D 3 9.24 36.07 7.88
CA LYS D 3 9.16 36.82 6.64
C LYS D 3 9.93 36.11 5.53
N THR D 4 9.33 36.07 4.35
CA THR D 4 9.96 35.49 3.17
C THR D 4 9.82 36.45 2.00
N ILE D 5 10.88 36.60 1.22
CA ILE D 5 10.82 37.40 0.01
C ILE D 5 11.15 36.56 -1.21
N ILE D 6 10.24 36.56 -2.17
CA ILE D 6 10.49 35.92 -3.47
C ILE D 6 10.87 37.00 -4.47
N LYS D 7 12.12 36.98 -4.92
CA LYS D 7 12.65 37.98 -5.84
C LYS D 7 12.91 37.38 -7.21
N ASN D 8 13.18 38.26 -8.18
CA ASN D 8 13.57 37.86 -9.54
C ASN D 8 12.51 37.01 -10.24
N ILE D 9 11.25 37.43 -10.08
CA ILE D 9 10.13 36.75 -10.72
C ILE D 9 9.95 37.28 -12.15
N GLY D 10 9.90 36.35 -13.11
CA GLY D 10 9.72 36.70 -14.52
C GLY D 10 8.29 37.05 -14.88
N LYS D 11 7.34 36.36 -14.24
CA LYS D 11 5.91 36.63 -14.45
C LYS D 11 5.12 36.26 -13.21
N ILE D 12 4.21 37.14 -12.82
CA ILE D 12 3.28 36.83 -11.72
C ILE D 12 1.88 36.65 -12.30
N VAL D 13 1.34 35.45 -12.12
CA VAL D 13 -0.04 35.15 -12.51
C VAL D 13 -0.87 35.16 -11.24
N SER D 14 -1.87 36.03 -11.20
CA SER D 14 -2.56 36.37 -9.97
C SER D 14 -3.60 35.35 -9.50
N GLY D 15 -4.24 34.65 -10.44
CA GLY D 15 -5.37 33.78 -10.11
C GLY D 15 -6.69 34.52 -10.07
N ASP D 16 -6.64 35.84 -10.30
CA ASP D 16 -7.83 36.69 -10.29
C ASP D 16 -8.20 37.02 -11.72
N ILE D 17 -9.30 36.43 -12.19
CA ILE D 17 -9.76 36.58 -13.58
C ILE D 17 -10.04 38.04 -13.98
N LYS D 18 -10.25 38.91 -12.99
CA LYS D 18 -10.41 40.35 -13.24
C LYS D 18 -9.09 41.00 -13.69
N SER D 19 -7.98 40.49 -13.18
CA SER D 19 -6.64 40.97 -13.60
C SER D 19 -5.62 39.84 -13.45
N PRO D 20 -5.54 38.95 -14.45
CA PRO D 20 -4.80 37.69 -14.33
C PRO D 20 -3.28 37.84 -14.19
N VAL D 21 -2.73 38.98 -14.61
CA VAL D 21 -1.27 39.21 -14.55
C VAL D 21 -0.94 40.46 -13.73
N LEU D 22 0.05 40.35 -12.86
CA LEU D 22 0.55 41.49 -12.08
C LEU D 22 1.91 41.92 -12.60
N GLN D 23 2.02 43.21 -12.93
CA GLN D 23 3.26 43.77 -13.45
C GLN D 23 4.18 44.09 -12.28
N ALA D 24 4.81 43.04 -11.75
CA ALA D 24 5.70 43.14 -10.60
C ALA D 24 6.68 41.98 -10.65
N ASP D 25 7.75 42.04 -9.85
CA ASP D 25 8.79 41.03 -9.90
C ASP D 25 9.24 40.52 -8.53
N THR D 26 8.59 41.00 -7.48
CA THR D 26 8.96 40.67 -6.10
C THR D 26 7.71 40.49 -5.25
N ILE D 27 7.72 39.47 -4.41
CA ILE D 27 6.61 39.21 -3.47
C ILE D 27 7.13 39.04 -2.07
N VAL D 28 6.49 39.73 -1.13
CA VAL D 28 6.84 39.65 0.29
C VAL D 28 5.75 38.92 1.06
N VAL D 29 6.18 37.91 1.82
CA VAL D 29 5.29 37.12 2.66
C VAL D 29 5.61 37.37 4.13
N GLU D 30 4.58 37.71 4.90
CA GLU D 30 4.72 37.97 6.33
C GLU D 30 3.69 37.20 7.12
N ASP D 31 4.16 36.43 8.10
CA ASP D 31 3.31 35.63 8.99
C ASP D 31 2.26 34.78 8.23
N GLY D 32 2.71 34.10 7.20
CA GLY D 32 1.86 33.18 6.43
C GLY D 32 0.94 33.83 5.43
N LEU D 33 0.99 35.16 5.35
CA LEU D 33 0.14 35.91 4.42
C LEU D 33 0.98 36.69 3.43
N ILE D 34 0.41 36.94 2.27
CA ILE D 34 1.02 37.83 1.28
C ILE D 34 0.94 39.26 1.84
N ALA D 35 2.07 39.94 1.87
CA ALA D 35 2.15 41.28 2.45
C ALA D 35 2.34 42.38 1.41
N ALA D 36 3.18 42.11 0.41
CA ALA D 36 3.51 43.10 -0.60
C ALA D 36 3.83 42.46 -1.95
N ILE D 37 3.40 43.12 -3.01
CA ILE D 37 3.71 42.73 -4.37
C ILE D 37 4.27 43.97 -5.06
N GLY D 38 5.46 43.86 -5.63
CA GLY D 38 6.07 45.01 -6.31
C GLY D 38 7.46 44.78 -6.89
N GLY D 39 8.26 45.85 -6.90
CA GLY D 39 9.61 45.82 -7.46
C GLY D 39 10.69 45.56 -6.43
N GLU D 40 11.94 45.77 -6.85
CA GLU D 40 13.11 45.48 -6.01
C GLU D 40 13.20 46.35 -4.75
N GLU D 41 12.38 47.38 -4.69
CA GLU D 41 12.30 48.26 -3.52
C GLU D 41 11.84 47.53 -2.26
N LEU D 42 11.16 46.40 -2.43
CA LEU D 42 10.67 45.60 -1.31
C LEU D 42 11.79 44.80 -0.64
N MET D 43 12.95 44.74 -1.29
CA MET D 43 14.14 44.10 -0.73
C MET D 43 14.84 44.94 0.35
N LYS D 44 14.47 46.22 0.43
CA LYS D 44 15.01 47.14 1.44
C LYS D 44 14.63 46.69 2.85
N ASP D 45 15.61 46.70 3.75
CA ASP D 45 15.44 46.24 5.14
C ASP D 45 14.86 44.82 5.21
N ALA D 46 15.55 43.89 4.55
CA ALA D 46 15.14 42.49 4.52
C ALA D 46 15.26 41.83 5.89
N GLY D 47 16.37 42.12 6.58
CA GLY D 47 16.63 41.56 7.90
C GLY D 47 16.98 40.09 7.84
N ASP D 48 16.30 39.30 8.67
CA ASP D 48 16.51 37.85 8.72
C ASP D 48 15.56 37.10 7.79
N ALA D 49 15.02 37.80 6.80
CA ALA D 49 14.04 37.23 5.87
C ALA D 49 14.63 36.10 5.03
N THR D 50 13.87 35.02 4.87
CA THR D 50 14.23 33.96 3.94
C THR D 50 14.07 34.52 2.53
N ILE D 51 15.11 34.39 1.72
CA ILE D 51 15.07 34.88 0.34
C ILE D 51 14.95 33.71 -0.63
N ILE D 52 14.00 33.81 -1.53
CA ILE D 52 13.83 32.81 -2.60
C ILE D 52 14.05 33.47 -3.96
N ASP D 53 15.04 32.98 -4.69
CA ASP D 53 15.32 33.47 -6.04
C ASP D 53 14.50 32.67 -7.04
N ALA D 54 13.48 33.31 -7.62
CA ALA D 54 12.60 32.66 -8.61
C ALA D 54 13.32 32.41 -9.95
N ALA D 55 14.54 32.90 -10.06
CA ALA D 55 15.41 32.70 -11.23
C ALA D 55 14.78 33.06 -12.58
N GLY D 56 13.92 34.07 -12.57
CA GLY D 56 13.25 34.54 -13.79
C GLY D 56 12.06 33.72 -14.22
N SER D 57 11.62 32.78 -13.36
CA SER D 57 10.46 31.94 -13.69
C SER D 57 9.13 32.54 -13.20
N THR D 58 8.08 31.71 -13.11
CA THR D 58 6.71 32.20 -12.90
C THR D 58 6.18 31.86 -11.52
N VAL D 59 5.45 32.79 -10.92
CA VAL D 59 4.76 32.55 -9.65
C VAL D 59 3.26 32.55 -9.91
N THR D 60 2.59 31.51 -9.43
CA THR D 60 1.13 31.38 -9.51
C THR D 60 0.63 31.10 -8.09
N PRO D 61 -0.70 31.19 -7.85
CA PRO D 61 -1.21 30.69 -6.58
C PRO D 61 -1.10 29.16 -6.53
N GLY D 62 -1.10 28.59 -5.34
CA GLY D 62 -1.23 27.14 -5.19
C GLY D 62 -2.56 26.72 -5.80
N LEU D 63 -2.59 25.52 -6.39
CA LEU D 63 -3.80 25.06 -7.08
C LEU D 63 -4.81 24.46 -6.12
N LEU D 64 -6.08 24.58 -6.47
CA LEU D 64 -7.15 23.85 -5.80
C LEU D 64 -7.62 22.67 -6.64
N ASP D 65 -7.89 21.56 -5.95
CA ASP D 65 -8.64 20.47 -6.53
C ASP D 65 -9.99 20.49 -5.83
N THR D 66 -11.03 20.88 -6.55
CA THR D 66 -12.35 21.09 -5.96
C THR D 66 -13.16 19.80 -5.86
N HIS D 67 -12.60 18.68 -6.34
CA HIS D 67 -13.34 17.42 -6.40
C HIS D 67 -12.48 16.22 -6.01
N VAL D 68 -12.19 16.10 -4.72
CA VAL D 68 -11.42 14.97 -4.18
C VAL D 68 -12.30 14.08 -3.33
N HIS D 69 -12.24 12.77 -3.60
CA HIS D 69 -12.97 11.83 -2.77
C HIS D 69 -12.05 11.24 -1.70
N VAL D 70 -11.81 12.01 -0.65
CA VAL D 70 -11.02 11.60 0.51
C VAL D 70 -11.79 10.61 1.38
N SER D 71 -11.10 9.90 2.26
CA SER D 71 -11.74 8.96 3.18
C SER D 71 -11.03 8.83 4.53
N GLY D 72 -10.11 9.76 4.80
CA GLY D 72 -9.33 9.76 6.03
C GLY D 72 -7.86 9.60 5.69
N GLY D 73 -7.03 10.51 6.20
CA GLY D 73 -5.59 10.45 5.94
C GLY D 73 -5.21 10.49 4.47
N ASP D 74 -4.12 9.80 4.14
CA ASP D 74 -3.56 9.88 2.80
C ASP D 74 -3.53 8.49 2.13
N TYR D 75 -4.62 7.74 2.30
CA TYR D 75 -4.78 6.46 1.63
C TYR D 75 -6.10 6.45 0.88
N ALA D 76 -6.06 6.00 -0.38
CA ALA D 76 -7.25 5.90 -1.22
C ALA D 76 -7.64 4.45 -1.49
N PRO D 77 -8.66 3.92 -0.76
CA PRO D 77 -9.09 2.53 -1.00
C PRO D 77 -9.61 2.25 -2.43
N ARG D 78 -10.19 3.24 -3.10
CA ARG D 78 -10.77 3.02 -4.44
C ARG D 78 -9.74 2.51 -5.47
N GLN D 79 -8.51 2.97 -5.35
CA GLN D 79 -7.45 2.53 -6.26
C GLN D 79 -6.24 2.00 -5.48
N LYS D 80 -6.44 1.67 -4.20
CA LYS D 80 -5.40 1.11 -3.33
C LYS D 80 -4.08 1.88 -3.45
N THR D 81 -4.15 3.19 -3.21
CA THR D 81 -3.04 4.09 -3.41
C THR D 81 -2.68 4.80 -2.10
N MET D 82 -1.40 4.74 -1.73
CA MET D 82 -0.90 5.45 -0.56
C MET D 82 -0.30 6.78 -0.97
N ASP D 83 -0.35 7.76 -0.06
CA ASP D 83 0.31 9.04 -0.25
C ASP D 83 -0.15 9.83 -1.47
N PHE D 84 -1.44 9.74 -1.79
CA PHE D 84 -1.94 10.41 -2.99
C PHE D 84 -2.06 11.94 -2.82
N ILE D 85 -2.23 12.40 -1.59
CA ILE D 85 -2.35 13.83 -1.32
C ILE D 85 -0.98 14.50 -1.38
N SER D 86 0.01 13.83 -0.79
CA SER D 86 1.41 14.23 -0.91
C SER D 86 1.80 14.29 -2.40
N SER D 87 1.34 13.31 -3.17
CA SER D 87 1.62 13.28 -4.60
C SER D 87 0.99 14.49 -5.32
N ALA D 88 -0.27 14.78 -4.99
CA ALA D 88 -0.99 15.91 -5.59
C ALA D 88 -0.31 17.25 -5.28
N LEU D 89 0.25 17.36 -4.08
CA LEU D 89 1.04 18.54 -3.69
C LEU D 89 2.18 18.78 -4.67
N HIS D 90 2.80 17.69 -5.11
CA HIS D 90 3.89 17.80 -6.08
C HIS D 90 3.42 18.14 -7.50
N GLY D 91 2.10 18.10 -7.69
CA GLY D 91 1.46 18.68 -8.88
C GLY D 91 0.88 20.05 -8.61
N GLY D 92 1.31 20.69 -7.51
CA GLY D 92 0.92 22.07 -7.21
C GLY D 92 -0.34 22.27 -6.38
N VAL D 93 -1.00 21.18 -6.00
CA VAL D 93 -2.25 21.25 -5.25
C VAL D 93 -1.99 21.53 -3.76
N THR D 94 -2.47 22.68 -3.30
CA THR D 94 -2.24 23.15 -1.92
C THR D 94 -3.52 23.19 -1.09
N THR D 95 -4.67 23.19 -1.77
CA THR D 95 -5.98 23.07 -1.14
C THR D 95 -6.83 22.02 -1.88
N MET D 96 -7.49 21.17 -1.10
CA MET D 96 -8.43 20.19 -1.66
C MET D 96 -9.81 20.35 -1.04
N ILE D 97 -10.85 20.27 -1.87
CA ILE D 97 -12.22 20.26 -1.40
C ILE D 97 -12.75 18.84 -1.55
N SER D 98 -13.25 18.28 -0.45
CA SER D 98 -13.88 16.99 -0.51
C SER D 98 -15.18 17.08 -1.30
N ALA D 99 -15.39 16.15 -2.22
CA ALA D 99 -16.68 16.03 -2.89
C ALA D 99 -17.56 14.99 -2.21
N GLY D 100 -17.12 14.53 -1.04
CA GLY D 100 -17.80 13.47 -0.30
C GLY D 100 -16.93 12.23 -0.20
N SER D 101 -17.31 11.30 0.68
CA SER D 101 -16.52 10.10 0.94
C SER D 101 -17.27 8.80 0.63
N PRO D 102 -17.64 8.57 -0.65
CA PRO D 102 -18.40 7.39 -1.01
C PRO D 102 -17.60 6.10 -0.86
N HIS D 103 -16.27 6.21 -0.89
CA HIS D 103 -15.41 5.03 -0.77
C HIS D 103 -15.07 4.67 0.67
N PHE D 104 -15.60 5.41 1.64
CA PHE D 104 -15.32 5.06 3.03
C PHE D 104 -15.83 3.63 3.26
N PRO D 105 -14.95 2.74 3.75
CA PRO D 105 -15.35 1.33 3.89
C PRO D 105 -16.52 1.16 4.84
N GLY D 106 -17.58 0.52 4.36
CA GLY D 106 -18.84 0.37 5.13
C GLY D 106 -19.56 1.69 5.38
N ARG D 107 -19.36 2.66 4.48
CA ARG D 107 -19.90 4.02 4.66
C ARG D 107 -21.28 4.00 5.33
N PRO D 108 -21.39 4.61 6.52
CA PRO D 108 -22.69 4.77 7.18
C PRO D 108 -23.64 5.59 6.32
N LYS D 109 -24.85 5.06 6.11
CA LYS D 109 -25.80 5.61 5.16
C LYS D 109 -27.09 6.10 5.81
N ASP D 110 -27.18 6.01 7.13
CA ASP D 110 -28.32 6.61 7.85
C ASP D 110 -27.99 8.05 8.18
N ALA D 111 -28.98 8.79 8.68
CA ALA D 111 -28.81 10.20 9.01
C ALA D 111 -27.70 10.42 10.03
N ALA D 112 -27.75 9.65 11.12
CA ALA D 112 -26.79 9.81 12.21
C ALA D 112 -25.38 9.45 11.76
N GLY D 113 -25.27 8.44 10.91
CA GLY D 113 -23.98 7.92 10.46
C GLY D 113 -23.30 8.80 9.43
N THR D 114 -24.05 9.27 8.45
CA THR D 114 -23.50 10.18 7.43
C THR D 114 -23.02 11.49 8.08
N LYS D 115 -23.76 11.95 9.09
CA LYS D 115 -23.37 13.12 9.88
C LYS D 115 -22.09 12.85 10.68
N ALA D 116 -22.05 11.74 11.42
CA ALA D 116 -20.88 11.38 12.23
C ALA D 116 -19.62 11.27 11.36
N LEU D 117 -19.74 10.67 10.18
CA LEU D 117 -18.60 10.52 9.27
C LEU D 117 -18.11 11.88 8.74
N ALA D 118 -19.05 12.75 8.39
CA ALA D 118 -18.68 14.10 7.93
C ALA D 118 -17.95 14.90 9.01
N ILE D 119 -18.45 14.83 10.24
CA ILE D 119 -17.82 15.50 11.38
C ILE D 119 -16.43 14.92 11.66
N THR D 120 -16.32 13.59 11.67
CA THR D 120 -15.04 12.91 11.82
C THR D 120 -14.00 13.41 10.82
N LEU D 121 -14.33 13.34 9.54
CA LEU D 121 -13.38 13.70 8.47
C LEU D 121 -13.07 15.21 8.43
N SER D 122 -14.07 16.02 8.75
CA SER D 122 -13.88 17.48 8.82
C SER D 122 -12.83 17.78 9.88
N LYS D 123 -13.04 17.26 11.08
CA LYS D 123 -12.13 17.52 12.19
C LYS D 123 -10.74 16.93 11.94
N SER D 124 -10.72 15.72 11.41
CA SER D 124 -9.47 14.97 11.28
C SER D 124 -8.51 15.65 10.30
N TYR D 125 -9.04 16.10 9.17
CA TYR D 125 -8.22 16.79 8.17
C TYR D 125 -7.80 18.18 8.64
N TYR D 126 -8.61 18.81 9.48
CA TYR D 126 -8.19 20.09 10.08
C TYR D 126 -7.11 19.87 11.14
N ASN D 127 -7.17 18.72 11.83
CA ASN D 127 -6.13 18.36 12.81
C ASN D 127 -4.80 17.99 12.18
N ALA D 128 -4.84 17.34 11.02
CA ALA D 128 -3.63 16.84 10.37
C ALA D 128 -3.71 17.06 8.87
N ARG D 129 -2.95 18.04 8.40
CA ARG D 129 -2.87 18.35 6.98
C ARG D 129 -1.86 17.38 6.36
N PRO D 130 -2.33 16.46 5.49
CA PRO D 130 -1.41 15.48 4.91
C PRO D 130 -0.41 16.19 4.01
N ALA D 131 0.88 16.05 4.36
CA ALA D 131 1.97 16.71 3.63
C ALA D 131 1.88 18.24 3.64
N GLY D 132 1.02 18.77 4.53
CA GLY D 132 0.82 20.21 4.66
C GLY D 132 -0.34 20.75 3.83
N VAL D 133 -0.99 19.86 3.07
CA VAL D 133 -2.08 20.26 2.18
C VAL D 133 -3.32 20.66 2.99
N LYS D 134 -3.95 21.77 2.60
CA LYS D 134 -5.18 22.23 3.25
C LYS D 134 -6.37 21.44 2.71
N VAL D 135 -6.74 20.38 3.42
CA VAL D 135 -7.86 19.54 3.01
C VAL D 135 -9.12 19.94 3.76
N HIS D 136 -10.14 20.33 3.02
CA HIS D 136 -11.47 20.54 3.58
C HIS D 136 -12.22 19.25 3.41
N GLY D 137 -12.11 18.40 4.42
CA GLY D 137 -12.35 16.96 4.26
C GLY D 137 -13.70 16.41 4.64
N GLY D 138 -14.56 17.26 5.21
CA GLY D 138 -15.88 16.81 5.63
C GLY D 138 -16.96 17.37 4.72
N ALA D 139 -17.34 16.58 3.72
CA ALA D 139 -18.42 16.97 2.82
C ALA D 139 -19.55 15.98 2.99
N VAL D 140 -20.59 16.39 3.70
CA VAL D 140 -21.67 15.48 4.06
C VAL D 140 -22.43 14.98 2.83
N ILE D 141 -22.66 13.66 2.80
CA ILE D 141 -23.50 13.06 1.77
C ILE D 141 -24.92 13.01 2.31
N LEU D 142 -25.83 13.63 1.57
CA LEU D 142 -27.23 13.73 1.98
C LEU D 142 -27.90 12.37 1.94
N GLU D 143 -28.48 11.98 3.08
CA GLU D 143 -29.24 10.73 3.19
C GLU D 143 -30.61 11.04 3.79
N LYS D 144 -31.59 10.17 3.53
CA LYS D 144 -32.94 10.37 4.05
C LYS D 144 -32.93 10.35 5.57
N GLY D 145 -33.63 11.32 6.17
CA GLY D 145 -33.71 11.41 7.61
C GLY D 145 -32.92 12.55 8.24
N LEU D 146 -32.07 13.21 7.46
CA LEU D 146 -31.38 14.41 7.93
C LEU D 146 -32.38 15.54 8.21
N THR D 147 -32.14 16.28 9.29
CA THR D 147 -32.99 17.40 9.69
C THR D 147 -32.18 18.70 9.69
N GLU D 148 -32.88 19.84 9.76
CA GLU D 148 -32.21 21.14 9.88
C GLU D 148 -31.28 21.16 11.08
N GLU D 149 -31.72 20.51 12.16
CA GLU D 149 -30.93 20.43 13.39
C GLU D 149 -29.58 19.74 13.15
N ASP D 150 -29.59 18.69 12.32
CA ASP D 150 -28.36 17.99 11.93
C ASP D 150 -27.36 18.94 11.26
N PHE D 151 -27.86 19.83 10.41
CA PHE D 151 -27.03 20.84 9.77
C PHE D 151 -26.50 21.88 10.76
N ILE D 152 -27.32 22.24 11.74
CA ILE D 152 -26.89 23.16 12.80
C ILE D 152 -25.77 22.53 13.63
N GLU D 153 -25.94 21.26 13.97
CA GLU D 153 -24.93 20.50 14.71
C GLU D 153 -23.62 20.36 13.92
N MET D 154 -23.74 20.03 12.63
CA MET D 154 -22.57 19.89 11.77
C MET D 154 -21.78 21.20 11.64
N LYS D 155 -22.49 22.32 11.45
CA LYS D 155 -21.84 23.63 11.41
C LYS D 155 -21.09 23.94 12.71
N LYS D 156 -21.73 23.63 13.84
CA LYS D 156 -21.12 23.81 15.16
C LYS D 156 -19.80 23.04 15.27
N GLU D 157 -19.75 21.87 14.64
CA GLU D 157 -18.55 21.02 14.71
C GLU D 157 -17.59 21.24 13.55
N GLY D 158 -17.83 22.29 12.78
CA GLY D 158 -16.87 22.74 11.78
C GLY D 158 -17.14 22.30 10.34
N VAL D 159 -18.21 21.53 10.14
CA VAL D 159 -18.57 21.07 8.80
C VAL D 159 -19.30 22.20 8.08
N TRP D 160 -18.93 22.44 6.82
CA TRP D 160 -19.53 23.53 6.05
C TRP D 160 -19.70 23.19 4.56
N ILE D 161 -19.50 21.92 4.22
CA ILE D 161 -19.65 21.47 2.84
C ILE D 161 -20.64 20.32 2.74
N VAL D 162 -21.51 20.39 1.73
CA VAL D 162 -22.34 19.26 1.33
C VAL D 162 -21.72 18.64 0.07
N GLY D 163 -21.38 17.35 0.17
CA GLY D 163 -20.78 16.60 -0.94
C GLY D 163 -21.78 16.36 -2.05
N GLU D 164 -21.32 15.83 -3.18
CA GLU D 164 -22.15 15.67 -4.38
C GLU D 164 -23.54 15.15 -4.01
N VAL D 165 -24.55 16.00 -4.20
CA VAL D 165 -25.93 15.57 -4.03
C VAL D 165 -26.18 14.49 -5.09
N GLY D 166 -26.70 13.35 -4.65
CA GLY D 166 -26.96 12.22 -5.54
C GLY D 166 -26.12 11.01 -5.22
N LEU D 167 -25.08 11.19 -4.39
CA LEU D 167 -24.21 10.09 -3.97
C LEU D 167 -24.91 9.18 -2.96
N GLY D 168 -25.88 9.73 -2.25
CA GLY D 168 -26.66 8.97 -1.26
C GLY D 168 -28.10 8.75 -1.69
N THR D 169 -28.97 8.47 -0.71
CA THR D 169 -30.37 8.18 -0.98
C THR D 169 -31.18 9.43 -1.37
N ILE D 170 -30.67 10.61 -1.02
CA ILE D 170 -31.25 11.86 -1.48
C ILE D 170 -30.78 12.10 -2.93
N LYS D 171 -31.72 12.00 -3.86
CA LYS D 171 -31.38 12.05 -5.30
C LYS D 171 -32.23 13.02 -6.11
N ASN D 172 -33.55 12.87 -6.08
CA ASN D 172 -34.43 13.74 -6.85
C ASN D 172 -34.62 15.11 -6.17
N PRO D 173 -34.83 16.17 -6.98
CA PRO D 173 -34.88 17.56 -6.51
C PRO D 173 -35.92 17.82 -5.41
N GLU D 174 -37.02 17.08 -5.42
CA GLU D 174 -38.07 17.23 -4.42
C GLU D 174 -37.60 16.85 -3.01
N ASP D 175 -36.63 15.93 -2.94
CA ASP D 175 -36.01 15.52 -1.67
C ASP D 175 -34.79 16.38 -1.35
N ALA D 176 -33.99 16.68 -2.38
CA ALA D 176 -32.74 17.43 -2.21
C ALA D 176 -32.95 18.90 -1.86
N ALA D 177 -33.86 19.57 -2.59
CA ALA D 177 -34.09 21.01 -2.42
C ALA D 177 -34.26 21.47 -0.97
N PRO D 178 -35.17 20.83 -0.19
CA PRO D 178 -35.37 21.23 1.21
C PRO D 178 -34.10 21.15 2.08
N MET D 179 -33.28 20.14 1.85
CA MET D 179 -32.04 19.97 2.62
C MET D 179 -30.99 21.01 2.24
N VAL D 180 -30.88 21.25 0.93
CA VAL D 180 -29.97 22.26 0.41
C VAL D 180 -30.35 23.66 0.95
N GLU D 181 -31.65 23.89 1.11
CA GLU D 181 -32.17 25.10 1.75
C GLU D 181 -31.61 25.23 3.17
N TRP D 182 -31.79 24.17 3.98
CA TRP D 182 -31.27 24.15 5.35
C TRP D 182 -29.76 24.38 5.36
N ALA D 183 -29.05 23.68 4.49
CA ALA D 183 -27.61 23.83 4.33
C ALA D 183 -27.22 25.28 4.08
N HIS D 184 -27.84 25.88 3.06
CA HIS D 184 -27.55 27.26 2.69
C HIS D 184 -27.86 28.26 3.80
N LYS D 185 -28.91 27.95 4.56
CA LYS D 185 -29.32 28.76 5.70
C LYS D 185 -28.25 28.77 6.80
N HIS D 186 -27.49 27.67 6.90
CA HIS D 186 -26.48 27.55 7.95
C HIS D 186 -25.03 27.55 7.43
N GLY D 187 -24.81 28.30 6.35
CA GLY D 187 -23.47 28.61 5.87
C GLY D 187 -22.73 27.55 5.07
N PHE D 188 -23.46 26.56 4.55
CA PHE D 188 -22.86 25.46 3.79
C PHE D 188 -22.67 25.81 2.31
N LYS D 189 -21.62 25.25 1.70
CA LYS D 189 -21.49 25.24 0.25
C LYS D 189 -21.91 23.85 -0.26
N VAL D 190 -22.63 23.83 -1.38
CA VAL D 190 -23.31 22.60 -1.83
C VAL D 190 -22.86 22.17 -3.22
N GLN D 191 -22.47 20.90 -3.33
CA GLN D 191 -22.05 20.31 -4.58
C GLN D 191 -23.15 19.40 -5.12
N MET D 192 -23.19 19.22 -6.44
CA MET D 192 -24.20 18.36 -7.04
C MET D 192 -23.69 17.52 -8.20
N HIS D 193 -23.82 16.20 -8.09
CA HIS D 193 -23.46 15.28 -9.16
C HIS D 193 -24.30 15.57 -10.41
N THR D 194 -23.61 15.81 -11.53
CA THR D 194 -24.26 16.15 -12.79
C THR D 194 -23.77 15.26 -13.95
N GLY D 195 -24.64 14.37 -14.41
CA GLY D 195 -24.30 13.48 -15.52
C GLY D 195 -24.82 12.08 -15.29
N GLY D 196 -24.29 11.13 -16.07
CA GLY D 196 -24.69 9.73 -15.98
C GLY D 196 -24.55 9.14 -14.59
N THR D 197 -25.57 8.37 -14.19
CA THR D 197 -25.62 7.74 -12.86
C THR D 197 -25.83 6.23 -12.96
N SER D 198 -25.58 5.53 -11.86
CA SER D 198 -25.74 4.06 -11.80
C SER D 198 -27.20 3.60 -11.80
N ILE D 199 -28.12 4.57 -11.87
CA ILE D 199 -29.55 4.30 -11.90
C ILE D 199 -30.04 4.20 -13.35
N PRO D 200 -30.50 3.00 -13.77
CA PRO D 200 -31.03 2.81 -15.12
C PRO D 200 -32.30 3.64 -15.39
N GLY D 201 -33.16 3.73 -14.38
CA GLY D 201 -34.44 4.46 -14.48
C GLY D 201 -34.30 5.96 -14.56
N SER D 202 -33.48 6.53 -13.68
CA SER D 202 -33.10 7.94 -13.75
C SER D 202 -31.61 8.04 -14.10
N SER D 203 -31.32 7.77 -15.38
CA SER D 203 -29.95 7.58 -15.88
C SER D 203 -29.08 8.83 -15.87
N THR D 204 -29.71 9.99 -16.03
CA THR D 204 -29.01 11.27 -16.14
C THR D 204 -29.56 12.31 -15.16
N VAL D 205 -28.75 13.30 -14.83
CA VAL D 205 -29.17 14.44 -14.04
C VAL D 205 -29.33 15.63 -14.98
N THR D 206 -30.54 16.19 -15.05
CA THR D 206 -30.83 17.25 -16.00
C THR D 206 -30.60 18.64 -15.41
N ALA D 207 -30.74 19.66 -16.26
CA ALA D 207 -30.65 21.05 -15.83
C ALA D 207 -31.82 21.44 -14.94
N ASP D 208 -33.00 20.87 -15.21
CA ASP D 208 -34.17 21.08 -14.36
C ASP D 208 -33.90 20.63 -12.94
N ASP D 209 -33.26 19.46 -12.80
CA ASP D 209 -32.83 18.96 -11.49
C ASP D 209 -31.91 19.96 -10.80
N VAL D 210 -30.93 20.47 -11.54
CA VAL D 210 -29.96 21.44 -11.04
C VAL D 210 -30.60 22.79 -10.69
N ILE D 211 -31.41 23.32 -11.60
CA ILE D 211 -32.13 24.58 -11.36
C ILE D 211 -33.04 24.48 -10.14
N LYS D 212 -33.70 23.34 -9.97
CA LYS D 212 -34.59 23.12 -8.83
C LYS D 212 -33.83 22.97 -7.51
N THR D 213 -32.73 22.22 -7.54
CA THR D 213 -31.96 21.94 -6.32
C THR D 213 -31.14 23.13 -5.84
N LYS D 214 -30.64 23.93 -6.78
CA LYS D 214 -29.90 25.17 -6.51
C LYS D 214 -28.58 24.98 -5.74
N PRO D 215 -27.66 24.15 -6.28
CA PRO D 215 -26.38 23.99 -5.60
C PRO D 215 -25.46 25.17 -5.88
N ASP D 216 -24.37 25.29 -5.13
CA ASP D 216 -23.36 26.28 -5.42
C ASP D 216 -22.46 25.84 -6.56
N VAL D 217 -22.26 24.52 -6.65
CA VAL D 217 -21.38 23.95 -7.66
C VAL D 217 -22.08 22.83 -8.42
N VAL D 218 -22.08 22.95 -9.74
CA VAL D 218 -22.47 21.88 -10.64
C VAL D 218 -21.23 21.02 -10.80
N SER D 219 -21.15 19.92 -10.05
CA SER D 219 -19.97 19.05 -10.06
C SER D 219 -19.85 18.31 -11.37
N HIS D 220 -18.61 18.09 -11.80
CA HIS D 220 -18.30 17.45 -13.09
C HIS D 220 -19.33 17.73 -14.19
N ILE D 221 -19.40 18.99 -14.61
CA ILE D 221 -20.34 19.36 -15.67
C ILE D 221 -19.99 18.64 -16.98
N ASN D 222 -18.72 18.28 -17.14
CA ASN D 222 -18.28 17.46 -18.28
C ASN D 222 -18.36 15.94 -18.01
N GLY D 223 -19.10 15.56 -16.97
CA GLY D 223 -19.34 14.15 -16.64
C GLY D 223 -18.37 13.54 -15.66
N GLY D 224 -18.85 12.54 -14.92
CA GLY D 224 -18.02 11.85 -13.94
C GLY D 224 -18.11 10.33 -14.02
N PRO D 225 -17.70 9.74 -15.16
CA PRO D 225 -17.19 10.42 -16.35
C PRO D 225 -18.22 10.68 -17.46
N THR D 226 -19.47 10.23 -17.27
CA THR D 226 -20.48 10.33 -18.34
C THR D 226 -21.16 11.70 -18.34
N ALA D 227 -21.08 12.41 -19.47
CA ALA D 227 -21.54 13.81 -19.56
C ALA D 227 -23.03 13.97 -19.87
N ILE D 228 -23.62 15.06 -19.36
CA ILE D 228 -24.93 15.51 -19.83
C ILE D 228 -24.82 16.01 -21.27
N SER D 229 -25.96 16.24 -21.91
CA SER D 229 -25.99 16.73 -23.29
C SER D 229 -25.57 18.21 -23.37
N VAL D 230 -25.12 18.64 -24.55
CA VAL D 230 -24.83 20.06 -24.79
C VAL D 230 -26.05 20.96 -24.52
N GLN D 231 -27.25 20.44 -24.78
CA GLN D 231 -28.49 21.19 -24.54
C GLN D 231 -28.66 21.46 -23.04
N GLU D 232 -28.32 20.48 -22.21
CA GLU D 232 -28.40 20.64 -20.76
C GLU D 232 -27.28 21.53 -20.23
N VAL D 233 -26.10 21.46 -20.85
CA VAL D 233 -25.00 22.37 -20.55
C VAL D 233 -25.43 23.83 -20.83
N ASP D 234 -25.95 24.06 -22.03
CA ASP D 234 -26.49 25.36 -22.42
C ASP D 234 -27.42 25.94 -21.35
N ARG D 235 -28.35 25.11 -20.86
CA ARG D 235 -29.32 25.55 -19.87
C ARG D 235 -28.72 25.87 -18.50
N ILE D 236 -27.75 25.05 -18.08
CA ILE D 236 -27.06 25.31 -16.81
C ILE D 236 -26.25 26.60 -16.90
N MET D 237 -25.61 26.82 -18.05
CA MET D 237 -24.82 28.03 -18.28
C MET D 237 -25.69 29.29 -18.39
N ASP D 238 -26.84 29.15 -19.05
CA ASP D 238 -27.69 30.30 -19.38
C ASP D 238 -28.78 30.59 -18.35
N GLU D 239 -29.17 29.58 -17.59
CA GLU D 239 -30.31 29.72 -16.68
C GLU D 239 -29.91 29.75 -15.21
N THR D 240 -28.61 29.56 -14.93
CA THR D 240 -28.09 29.67 -13.57
C THR D 240 -26.80 30.47 -13.54
N ASP D 241 -26.38 30.88 -12.35
CA ASP D 241 -25.05 31.46 -12.17
C ASP D 241 -24.15 30.54 -11.33
N PHE D 242 -24.51 29.25 -11.26
CA PHE D 242 -23.77 28.28 -10.45
C PHE D 242 -22.40 28.02 -11.05
N ALA D 243 -21.43 27.66 -10.21
CA ALA D 243 -20.10 27.32 -10.67
C ALA D 243 -20.21 26.08 -11.54
N MET D 244 -19.39 26.04 -12.59
CA MET D 244 -19.38 24.91 -13.50
C MET D 244 -18.03 24.23 -13.37
N GLU D 245 -18.04 23.06 -12.75
CA GLU D 245 -16.80 22.35 -12.45
C GLU D 245 -16.38 21.41 -13.58
N ILE D 246 -15.23 21.68 -14.18
CA ILE D 246 -14.66 20.79 -15.17
C ILE D 246 -13.69 19.86 -14.45
N VAL D 247 -13.88 18.55 -14.64
CA VAL D 247 -13.03 17.57 -13.96
C VAL D 247 -12.13 16.81 -14.93
N GLN D 248 -10.97 16.41 -14.42
CA GLN D 248 -10.00 15.68 -15.21
C GLN D 248 -10.54 14.32 -15.64
N CYS D 249 -11.24 13.65 -14.73
CA CYS D 249 -11.80 12.32 -15.02
C CYS D 249 -13.19 12.45 -15.64
N GLY D 250 -13.26 13.25 -16.70
CA GLY D 250 -14.52 13.47 -17.40
C GLY D 250 -14.37 13.54 -18.91
N ASN D 251 -15.47 13.88 -19.56
CA ASN D 251 -15.56 13.95 -21.02
C ASN D 251 -14.80 15.16 -21.56
N PRO D 252 -13.75 14.93 -22.36
CA PRO D 252 -12.92 16.02 -22.87
C PRO D 252 -13.64 16.88 -23.92
N LYS D 253 -14.55 16.27 -24.68
CA LYS D 253 -15.34 16.99 -25.69
C LYS D 253 -16.27 18.00 -25.04
N ILE D 254 -16.95 17.58 -23.98
CA ILE D 254 -17.84 18.47 -23.25
C ILE D 254 -17.04 19.52 -22.47
N ALA D 255 -15.86 19.16 -21.96
CA ALA D 255 -15.00 20.13 -21.28
C ALA D 255 -14.62 21.27 -22.24
N ASP D 256 -14.31 20.91 -23.47
CA ASP D 256 -13.98 21.86 -24.52
C ASP D 256 -15.20 22.73 -24.86
N TYR D 257 -16.35 22.08 -24.99
CA TYR D 257 -17.61 22.77 -25.28
C TYR D 257 -17.95 23.80 -24.19
N VAL D 258 -17.86 23.38 -22.92
CA VAL D 258 -18.11 24.26 -21.78
C VAL D 258 -17.17 25.46 -21.77
N ALA D 259 -15.87 25.21 -21.98
CA ALA D 259 -14.87 26.27 -21.95
C ALA D 259 -15.08 27.28 -23.08
N ARG D 260 -15.28 26.77 -24.29
CA ARG D 260 -15.47 27.61 -25.47
C ARG D 260 -16.76 28.42 -25.39
N ARG D 261 -17.83 27.80 -24.91
CA ARG D 261 -19.12 28.48 -24.76
C ARG D 261 -19.12 29.46 -23.60
N ALA D 262 -18.43 29.11 -22.52
CA ALA D 262 -18.25 30.04 -21.41
C ALA D 262 -17.49 31.29 -21.86
N ALA D 263 -16.50 31.11 -22.73
CA ALA D 263 -15.72 32.21 -23.29
C ALA D 263 -16.57 33.13 -24.16
N GLU D 264 -17.42 32.53 -25.00
CA GLU D 264 -18.36 33.28 -25.84
C GLU D 264 -19.39 34.05 -25.03
N LYS D 265 -19.84 33.45 -23.92
CA LYS D 265 -20.91 34.02 -23.10
C LYS D 265 -20.41 34.83 -21.90
N GLY D 266 -19.09 35.01 -21.81
CA GLY D 266 -18.47 35.76 -20.71
C GLY D 266 -18.66 35.11 -19.35
N GLN D 267 -18.59 33.79 -19.31
CA GLN D 267 -18.89 33.03 -18.09
C GLN D 267 -17.67 32.29 -17.54
N LEU D 268 -16.48 32.66 -18.01
CA LEU D 268 -15.24 31.97 -17.63
C LEU D 268 -14.94 32.04 -16.15
N GLY D 269 -15.44 33.07 -15.47
CA GLY D 269 -15.26 33.23 -14.03
C GLY D 269 -15.94 32.15 -13.21
N ARG D 270 -16.89 31.44 -13.83
CA ARG D 270 -17.67 30.41 -13.16
C ARG D 270 -17.06 29.02 -13.25
N VAL D 271 -16.05 28.88 -14.10
CA VAL D 271 -15.43 27.58 -14.37
C VAL D 271 -14.38 27.29 -13.32
N ILE D 272 -14.49 26.11 -12.71
CA ILE D 272 -13.55 25.69 -11.65
C ILE D 272 -13.04 24.27 -11.94
N PHE D 273 -11.82 23.95 -11.48
CA PHE D 273 -11.19 22.66 -11.80
C PHE D 273 -11.16 21.69 -10.62
N GLY D 274 -11.55 20.44 -10.90
CA GLY D 274 -11.41 19.35 -9.94
C GLY D 274 -10.89 18.11 -10.67
N ASN D 275 -10.55 17.06 -9.92
CA ASN D 275 -10.12 15.81 -10.56
C ASN D 275 -11.26 14.79 -10.72
N ASP D 276 -12.15 14.77 -9.74
CA ASP D 276 -13.04 13.62 -9.48
C ASP D 276 -12.20 12.35 -9.38
N ALA D 277 -11.31 12.37 -8.40
CA ALA D 277 -10.49 11.20 -8.07
C ALA D 277 -10.24 11.21 -6.56
N PRO D 278 -9.97 10.04 -5.96
CA PRO D 278 -9.96 8.69 -6.54
C PRO D 278 -11.30 8.33 -7.18
N SER D 279 -11.22 7.60 -8.28
CA SER D 279 -12.39 7.14 -9.02
C SER D 279 -12.00 5.95 -9.87
N GLY D 280 -12.96 5.41 -10.62
CA GLY D 280 -12.70 4.31 -11.54
C GLY D 280 -11.61 4.64 -12.55
N THR D 281 -11.53 5.91 -12.93
CA THR D 281 -10.56 6.38 -13.92
C THR D 281 -9.13 6.20 -13.43
N GLY D 282 -8.90 6.53 -12.17
CA GLY D 282 -7.58 6.37 -11.54
C GLY D 282 -7.29 7.42 -10.48
N LEU D 283 -6.01 7.80 -10.40
CA LEU D 283 -5.56 8.82 -9.50
C LEU D 283 -4.47 9.58 -10.23
N ILE D 284 -4.67 10.90 -10.36
CA ILE D 284 -3.85 11.71 -11.25
C ILE D 284 -3.36 12.96 -10.49
N PRO D 285 -2.24 12.84 -9.75
CA PRO D 285 -1.68 13.99 -9.02
C PRO D 285 -1.39 15.22 -9.90
N LEU D 286 -1.12 15.02 -11.18
CA LEU D 286 -0.94 16.15 -12.12
C LEU D 286 -2.24 16.54 -12.81
N GLY D 287 -3.36 16.10 -12.24
CA GLY D 287 -4.67 16.29 -12.86
C GLY D 287 -5.10 17.73 -13.03
N ILE D 288 -4.85 18.58 -12.04
CA ILE D 288 -5.28 19.99 -12.16
C ILE D 288 -4.41 20.71 -13.20
N LEU D 289 -3.09 20.47 -13.17
CA LEU D 289 -2.20 20.96 -14.24
C LEU D 289 -2.66 20.48 -15.61
N ARG D 290 -3.03 19.22 -15.71
CA ARG D 290 -3.54 18.67 -16.98
C ARG D 290 -4.81 19.38 -17.46
N ASN D 291 -5.74 19.67 -16.54
CA ASN D 291 -6.92 20.45 -16.87
C ASN D 291 -6.56 21.81 -17.47
N MET D 292 -5.59 22.47 -16.85
CA MET D 292 -5.10 23.77 -17.29
C MET D 292 -4.50 23.70 -18.70
N CYS D 293 -3.61 22.74 -18.93
CA CYS D 293 -3.00 22.54 -20.24
C CYS D 293 -4.02 22.16 -21.32
N GLN D 294 -4.95 21.28 -20.94
CA GLN D 294 -6.05 20.84 -21.85
C GLN D 294 -6.91 22.02 -22.30
N ILE D 295 -7.42 22.78 -21.34
CA ILE D 295 -8.29 23.92 -21.63
C ILE D 295 -7.55 25.02 -22.40
N ALA D 296 -6.32 25.32 -21.98
CA ALA D 296 -5.52 26.34 -22.67
C ALA D 296 -5.12 25.95 -24.09
N SER D 297 -4.63 24.71 -24.27
CA SER D 297 -4.11 24.27 -25.57
C SER D 297 -5.16 23.81 -26.57
N MET D 298 -6.33 23.42 -26.07
CA MET D 298 -7.36 22.81 -26.92
C MET D 298 -8.60 23.66 -27.07
N SER D 299 -8.89 24.50 -26.07
CA SER D 299 -10.08 25.35 -26.06
C SER D 299 -9.81 26.84 -26.26
N ASP D 300 -8.56 27.18 -26.58
CA ASP D 300 -8.15 28.55 -26.94
C ASP D 300 -8.36 29.54 -25.78
N ILE D 301 -8.16 29.06 -24.56
CA ILE D 301 -8.27 29.90 -23.37
C ILE D 301 -6.86 30.36 -23.00
N ASP D 302 -6.70 31.66 -22.72
CA ASP D 302 -5.42 32.19 -22.24
C ASP D 302 -4.94 31.36 -21.04
N PRO D 303 -3.66 30.96 -21.03
CA PRO D 303 -3.17 30.13 -19.93
C PRO D 303 -3.28 30.82 -18.56
N GLU D 304 -3.25 32.15 -18.56
CA GLU D 304 -3.42 32.96 -17.34
C GLU D 304 -4.82 32.79 -16.77
N VAL D 305 -5.80 32.63 -17.66
CA VAL D 305 -7.19 32.41 -17.25
C VAL D 305 -7.40 30.95 -16.84
N ALA D 306 -6.71 30.03 -17.52
CA ALA D 306 -6.69 28.62 -17.09
C ALA D 306 -6.21 28.52 -15.63
N VAL D 307 -5.19 29.30 -15.28
CA VAL D 307 -4.72 29.37 -13.90
C VAL D 307 -5.84 29.83 -12.96
N CYS D 308 -6.60 30.85 -13.37
CA CYS D 308 -7.73 31.34 -12.58
C CYS D 308 -8.77 30.26 -12.31
N MET D 309 -9.02 29.42 -13.31
CA MET D 309 -9.98 28.32 -13.18
C MET D 309 -9.54 27.30 -12.13
N ALA D 310 -8.23 27.23 -11.89
CA ALA D 310 -7.66 26.28 -10.93
C ALA D 310 -7.42 26.90 -9.56
N THR D 311 -7.61 28.22 -9.46
CA THR D 311 -7.20 28.95 -8.27
C THR D 311 -8.29 29.91 -7.77
N GLY D 312 -8.26 31.15 -8.26
CA GLY D 312 -9.17 32.18 -7.77
C GLY D 312 -10.65 31.95 -8.02
N ASN D 313 -11.00 31.39 -9.17
CA ASN D 313 -12.39 31.01 -9.44
C ASN D 313 -12.93 30.07 -8.36
N SER D 314 -12.07 29.15 -7.93
CA SER D 314 -12.44 28.09 -7.00
C SER D 314 -12.56 28.59 -5.57
N THR D 315 -11.61 29.42 -5.13
CA THR D 315 -11.67 29.99 -3.78
C THR D 315 -12.79 31.02 -3.64
N ALA D 316 -13.18 31.64 -4.75
CA ALA D 316 -14.28 32.60 -4.76
C ALA D 316 -15.57 31.88 -4.41
N VAL D 317 -15.79 30.76 -5.08
CA VAL D 317 -16.98 29.92 -4.87
C VAL D 317 -17.07 29.43 -3.44
N TYR D 318 -15.94 28.99 -2.90
CA TYR D 318 -15.90 28.41 -1.56
C TYR D 318 -15.65 29.43 -0.44
N GLY D 319 -15.46 30.70 -0.80
CA GLY D 319 -15.23 31.76 0.18
C GLY D 319 -13.96 31.59 1.00
N LEU D 320 -12.90 31.12 0.36
CA LEU D 320 -11.63 30.87 1.03
C LEU D 320 -10.65 32.02 0.84
N ASN D 321 -9.89 32.34 1.88
CA ASN D 321 -8.93 33.44 1.82
C ASN D 321 -7.59 33.05 1.17
N THR D 322 -7.67 32.47 -0.02
CA THR D 322 -6.49 32.00 -0.73
C THR D 322 -6.79 31.93 -2.24
N GLY D 323 -5.87 31.35 -3.00
CA GLY D 323 -6.03 31.16 -4.44
C GLY D 323 -5.77 32.40 -5.28
N VAL D 324 -5.40 33.50 -4.61
CA VAL D 324 -5.22 34.79 -5.26
C VAL D 324 -3.96 35.46 -4.70
N ILE D 325 -3.12 35.97 -5.59
CA ILE D 325 -1.94 36.72 -5.16
C ILE D 325 -2.36 38.19 -4.95
N ALA D 326 -2.65 38.51 -3.70
CA ALA D 326 -3.11 39.84 -3.28
C ALA D 326 -2.80 39.99 -1.79
N PRO D 327 -2.53 41.23 -1.33
CA PRO D 327 -2.16 41.40 0.08
C PRO D 327 -3.27 40.94 1.03
N GLY D 328 -2.88 40.27 2.10
CA GLY D 328 -3.86 39.74 3.06
C GLY D 328 -4.33 38.33 2.76
N LYS D 329 -4.09 37.85 1.54
CA LYS D 329 -4.42 36.47 1.16
C LYS D 329 -3.39 35.51 1.74
N GLU D 330 -3.77 34.26 1.98
CA GLU D 330 -2.85 33.24 2.48
C GLU D 330 -1.74 32.99 1.46
N ALA D 331 -0.52 32.79 1.94
CA ALA D 331 0.64 32.68 1.07
C ALA D 331 0.86 31.24 0.57
N ASP D 332 -0.08 30.80 -0.26
CA ASP D 332 0.02 29.51 -0.94
C ASP D 332 0.43 29.80 -2.38
N LEU D 333 1.66 29.40 -2.72
CA LEU D 333 2.29 29.86 -3.96
C LEU D 333 3.10 28.78 -4.64
N ILE D 334 3.11 28.81 -5.97
CA ILE D 334 3.94 27.91 -6.76
C ILE D 334 4.95 28.72 -7.56
N ILE D 335 6.19 28.25 -7.57
CA ILE D 335 7.17 28.77 -8.52
C ILE D 335 7.41 27.70 -9.58
N MET D 336 7.12 28.05 -10.83
CA MET D 336 7.13 27.11 -11.94
C MET D 336 7.72 27.70 -13.22
N ASP D 337 8.10 26.83 -14.15
CA ASP D 337 8.70 27.27 -15.40
C ASP D 337 8.30 26.34 -16.54
N THR D 338 8.57 26.77 -17.77
CA THR D 338 8.59 25.85 -18.91
C THR D 338 9.49 24.66 -18.55
N PRO D 339 9.05 23.43 -18.90
CA PRO D 339 9.88 22.27 -18.59
C PRO D 339 10.98 22.07 -19.63
N LEU D 340 12.02 21.33 -19.25
CA LEU D 340 13.15 21.07 -20.14
C LEU D 340 12.71 20.44 -21.47
N GLY D 341 13.14 21.05 -22.57
CA GLY D 341 12.85 20.55 -23.91
C GLY D 341 11.57 21.07 -24.55
N SER D 342 10.77 21.80 -23.78
CA SER D 342 9.53 22.38 -24.32
C SER D 342 9.83 23.49 -25.33
N VAL D 343 8.99 23.60 -26.35
CA VAL D 343 9.11 24.66 -27.35
C VAL D 343 8.80 26.04 -26.75
N ALA D 344 8.12 26.05 -25.61
CA ALA D 344 7.70 27.29 -24.95
C ALA D 344 8.81 27.90 -24.10
N GLU D 345 8.78 29.23 -24.00
CA GLU D 345 9.82 29.99 -23.31
C GLU D 345 9.58 30.15 -21.81
N ASP D 346 8.31 30.12 -21.39
CA ASP D 346 7.95 30.28 -19.98
C ASP D 346 6.80 29.37 -19.58
N ALA D 347 6.44 29.40 -18.29
CA ALA D 347 5.42 28.49 -17.74
C ALA D 347 4.05 28.63 -18.40
N MET D 348 3.59 29.87 -18.57
CA MET D 348 2.31 30.13 -19.24
C MET D 348 2.33 29.66 -20.68
N GLY D 349 3.45 29.89 -21.37
CA GLY D 349 3.64 29.40 -22.73
C GLY D 349 3.55 27.88 -22.80
N ALA D 350 4.17 27.21 -21.82
CA ALA D 350 4.13 25.75 -21.74
C ALA D 350 2.70 25.24 -21.64
N ILE D 351 1.91 25.88 -20.77
CA ILE D 351 0.51 25.53 -20.58
C ILE D 351 -0.30 25.68 -21.87
N ALA D 352 -0.15 26.82 -22.55
CA ALA D 352 -0.80 27.06 -23.85
C ALA D 352 -0.35 26.08 -24.91
N ALA D 353 0.88 25.58 -24.80
CA ALA D 353 1.41 24.61 -25.75
C ALA D 353 0.96 23.18 -25.46
N GLY D 354 0.38 22.98 -24.27
CA GLY D 354 -0.08 21.64 -23.84
C GLY D 354 0.92 20.87 -22.98
N ASP D 355 2.05 21.50 -22.68
CA ASP D 355 3.11 20.91 -21.87
C ASP D 355 2.88 21.23 -20.40
N ILE D 356 2.89 20.19 -19.56
CA ILE D 356 2.85 20.38 -18.12
C ILE D 356 4.11 21.15 -17.68
N PRO D 357 3.92 22.28 -16.96
CA PRO D 357 5.09 23.06 -16.53
C PRO D 357 5.88 22.35 -15.44
N GLY D 358 7.15 22.71 -15.29
CA GLY D 358 7.96 22.18 -14.22
C GLY D 358 7.78 23.03 -12.97
N ILE D 359 7.44 22.38 -11.86
CA ILE D 359 7.28 23.06 -10.59
C ILE D 359 8.57 22.91 -9.78
N SER D 360 9.13 24.03 -9.35
CA SER D 360 10.33 24.00 -8.51
C SER D 360 9.98 24.12 -7.03
N VAL D 361 9.26 25.18 -6.65
CA VAL D 361 8.96 25.42 -5.25
C VAL D 361 7.46 25.56 -5.04
N VAL D 362 6.98 25.03 -3.93
CA VAL D 362 5.59 25.24 -3.47
C VAL D 362 5.61 25.72 -2.03
N LEU D 363 4.92 26.82 -1.77
CA LEU D 363 4.74 27.35 -0.42
C LEU D 363 3.30 27.15 0.03
N ILE D 364 3.11 26.74 1.27
CA ILE D 364 1.81 26.76 1.93
C ILE D 364 1.96 27.57 3.22
N ASP D 365 1.12 28.59 3.38
CA ASP D 365 1.26 29.58 4.46
C ASP D 365 2.71 30.10 4.55
N GLY D 366 3.32 30.32 3.39
CA GLY D 366 4.69 30.85 3.31
C GLY D 366 5.81 29.85 3.55
N GLU D 367 5.46 28.65 4.01
CA GLU D 367 6.46 27.63 4.34
C GLU D 367 6.71 26.70 3.16
N ALA D 368 7.98 26.50 2.83
CA ALA D 368 8.37 25.67 1.68
C ALA D 368 8.08 24.19 1.91
N VAL D 369 7.09 23.66 1.21
CA VAL D 369 6.71 22.26 1.41
C VAL D 369 7.22 21.37 0.26
N VAL D 370 7.54 22.02 -0.85
CA VAL D 370 8.20 21.40 -2.00
C VAL D 370 9.36 22.31 -2.41
N THR D 371 10.54 21.71 -2.63
CA THR D 371 11.69 22.44 -3.16
C THR D 371 12.10 21.92 -4.54
N LYS D 372 11.50 20.79 -4.94
CA LYS D 372 11.59 20.28 -6.31
C LYS D 372 10.49 19.24 -6.50
N SER D 373 9.59 19.48 -7.46
CA SER D 373 8.51 18.52 -7.70
C SER D 373 9.07 17.15 -8.03
N ARG D 374 8.52 16.13 -7.38
CA ARG D 374 8.86 14.74 -7.69
C ARG D 374 7.99 14.18 -8.82
N ASN D 375 7.01 14.96 -9.26
CA ASN D 375 6.04 14.50 -10.27
C ASN D 375 6.05 15.23 -11.62
N THR D 376 6.23 16.54 -11.60
CA THR D 376 6.28 17.29 -12.87
C THR D 376 7.60 17.01 -13.57
N PRO D 377 7.66 17.26 -14.89
CA PRO D 377 8.95 17.33 -15.58
C PRO D 377 9.81 18.43 -14.94
N PRO D 378 11.14 18.40 -15.13
CA PRO D 378 11.98 19.41 -14.49
C PRO D 378 11.83 20.81 -15.09
N ALA D 379 11.69 21.81 -14.23
CA ALA D 379 11.66 23.21 -14.66
C ALA D 379 13.00 23.60 -15.25
N LYS D 380 12.96 24.37 -16.34
CA LYS D 380 14.17 24.88 -17.00
C LYS D 380 14.98 25.70 -16.00
N ARG D 381 14.31 26.65 -15.35
CA ARG D 381 14.92 27.47 -14.31
C ARG D 381 14.26 27.15 -12.98
N ALA D 382 15.01 26.52 -12.09
CA ALA D 382 14.50 26.15 -10.77
C ALA D 382 14.72 27.29 -9.80
N ALA D 383 13.68 27.59 -9.01
CA ALA D 383 13.82 28.55 -7.92
C ALA D 383 14.74 28.00 -6.83
N LYS D 384 15.52 28.89 -6.20
CA LYS D 384 16.42 28.49 -5.12
C LYS D 384 16.17 29.29 -3.84
N ILE D 385 16.09 28.58 -2.73
CA ILE D 385 15.96 29.17 -1.41
C ILE D 385 17.37 29.47 -0.90
N LEU D 386 17.63 30.74 -0.60
CA LEU D 386 18.97 31.20 -0.22
C LEU D 386 19.17 31.23 1.30
ZN ZN E . 12.68 -18.06 5.64
FE FE F . 12.56 -21.66 6.12
CL CL G . 10.00 -19.33 4.43
C1 GOL H . 16.32 -15.61 -4.57
O1 GOL H . 16.68 -14.31 -4.26
C2 GOL H . 16.26 -15.76 -6.09
O2 GOL H . 17.48 -16.29 -6.55
C3 GOL H . 15.10 -16.73 -6.33
O3 GOL H . 14.96 -17.15 -7.68
C1 GOL I . 30.26 -20.31 20.60
O1 GOL I . 30.80 -19.93 21.86
C2 GOL I . 31.27 -20.70 19.53
O2 GOL I . 32.00 -21.86 19.89
C3 GOL I . 32.17 -19.53 19.16
O3 GOL I . 31.56 -18.77 18.14
ZN ZN J . -3.29 -0.87 22.55
FE FE K . -1.97 0.46 25.71
CL CL L . -1.28 1.77 22.17
C1 GOL M . -12.12 6.04 18.27
O1 GOL M . -11.62 4.91 18.93
C2 GOL M . -12.02 7.22 19.24
O2 GOL M . -13.32 7.48 19.70
C3 GOL M . -11.46 8.43 18.51
O3 GOL M . -11.09 9.48 19.37
ZN ZN N . 7.76 6.13 -20.42
FE FE O . 9.79 8.71 -22.14
CL CL P . 9.57 8.19 -18.47
C1 GOL Q . 14.60 -2.65 -18.22
O1 GOL Q . 13.38 -2.79 -17.56
C2 GOL Q . 15.77 -3.11 -17.35
O2 GOL Q . 16.75 -3.64 -18.20
C3 GOL Q . 16.29 -1.89 -16.59
O3 GOL Q . 17.68 -1.96 -16.28
ZN ZN R . -17.15 12.58 -7.72
FE FE S . -20.26 12.45 -9.61
CL CL T . -18.26 9.57 -7.86
C1 GOL U . -18.82 12.01 4.32
O1 GOL U . -18.88 12.30 2.95
C2 GOL U . -20.12 11.37 4.82
O2 GOL U . -21.14 12.33 4.96
C3 GOL U . -20.58 10.24 3.90
O3 GOL U . -21.49 9.38 4.57
#